data_4XGN
#
_entry.id   4XGN
#
_cell.length_a   71.220
_cell.length_b   77.100
_cell.length_c   109.350
_cell.angle_alpha   103.260
_cell.angle_beta   93.980
_cell.angle_gamma   109.680
#
_symmetry.space_group_name_H-M   'P 1'
#
loop_
_entity.id
_entity.type
_entity.pdbx_description
1 polymer '3-hydroxyacyl-CoA dehydrogenase'
2 non-polymer NICOTINAMIDE-ADENINE-DINUCLEOTIDE
3 non-polymer 1,2-ETHANEDIOL
4 non-polymer GLYCEROL
5 water water
#
_entity_poly.entity_id   1
_entity_poly.type   'polypeptide(L)'
_entity_poly.pdbx_seq_one_letter_code
;MAHHHHHHMEIRDNVFLITGGASGLGAGTARLLTEAGGKVVLADLNQDAGEALARELGGVFVRCDVAREEDAQAAVAAAT
KLGTLRGLVNCAGIAPAAKTVGKDGPHPLELFAKTITVNLIGTFNMIRVAAAAMAANEPAPTGERGVIVSTASVAAFDGQ
IGQAAYAASKAGVAGMTLPIARDLSRNAIRVMTIAPGIFETPMLLGMPQEVQDALGAMVPFPPRLGKPAEYAMLVRQIFE
NPMLNGEVIRLDGAIRMQPK
;
_entity_poly.pdbx_strand_id   A,B,C,D,E,F,G,H
#
loop_
_chem_comp.id
_chem_comp.type
_chem_comp.name
_chem_comp.formula
EDO non-polymer 1,2-ETHANEDIOL 'C2 H6 O2'
GOL non-polymer GLYCEROL 'C3 H8 O3'
NAD non-polymer NICOTINAMIDE-ADENINE-DINUCLEOTIDE 'C21 H27 N7 O14 P2'
#
# COMPACT_ATOMS: atom_id res chain seq x y z
N HIS A 6 -7.27 -44.60 4.00
CA HIS A 6 -6.59 -44.58 5.34
C HIS A 6 -6.39 -43.15 5.89
N HIS A 7 -6.16 -42.16 5.03
CA HIS A 7 -6.03 -40.76 5.46
C HIS A 7 -7.42 -40.13 5.66
N HIS A 8 -8.41 -40.55 4.88
CA HIS A 8 -9.73 -39.94 5.00
C HIS A 8 -10.91 -40.65 4.38
N MET A 9 -12.10 -40.24 4.80
CA MET A 9 -13.34 -40.89 4.35
C MET A 9 -13.43 -40.65 2.85
N GLU A 10 -13.82 -41.71 2.13
CA GLU A 10 -14.05 -41.71 0.68
C GLU A 10 -15.42 -41.10 0.32
N ILE A 11 -15.43 -40.11 -0.56
CA ILE A 11 -16.68 -39.64 -1.16
C ILE A 11 -17.17 -40.61 -2.25
N ARG A 12 -16.24 -41.14 -3.06
CA ARG A 12 -16.61 -42.00 -4.18
C ARG A 12 -17.46 -43.21 -3.78
N ASP A 13 -18.59 -43.37 -4.48
CA ASP A 13 -19.55 -44.47 -4.31
C ASP A 13 -20.30 -44.51 -2.99
N ASN A 14 -20.13 -43.51 -2.11
CA ASN A 14 -20.91 -43.42 -0.89
C ASN A 14 -22.03 -42.42 -1.12
N VAL A 15 -22.98 -42.42 -0.20
CA VAL A 15 -24.18 -41.61 -0.35
C VAL A 15 -24.21 -40.39 0.56
N PHE A 16 -24.66 -39.26 -0.02
CA PHE A 16 -24.76 -37.97 0.69
C PHE A 16 -26.13 -37.41 0.51
N LEU A 17 -26.77 -37.13 1.65
CA LEU A 17 -28.13 -36.60 1.72
C LEU A 17 -27.99 -35.11 1.93
N ILE A 18 -28.58 -34.34 1.02
CA ILE A 18 -28.40 -32.91 0.98
C ILE A 18 -29.80 -32.26 1.02
N THR A 19 -30.08 -31.55 2.09
CA THR A 19 -31.34 -30.81 2.23
C THR A 19 -31.15 -29.45 1.59
N GLY A 20 -32.23 -28.89 1.05
CA GLY A 20 -32.11 -27.69 0.22
C GLY A 20 -31.31 -27.94 -1.05
N GLY A 21 -31.27 -29.21 -1.46
CA GLY A 21 -30.37 -29.60 -2.51
C GLY A 21 -30.88 -29.23 -3.91
N ALA A 22 -32.09 -28.67 -4.03
CA ALA A 22 -32.58 -28.20 -5.34
C ALA A 22 -31.94 -26.89 -5.80
N SER A 23 -31.23 -26.16 -4.93
CA SER A 23 -30.84 -24.77 -5.27
C SER A 23 -29.58 -24.38 -4.52
N GLY A 24 -28.95 -23.31 -5.00
CA GLY A 24 -27.96 -22.56 -4.24
C GLY A 24 -26.86 -23.42 -3.66
N LEU A 25 -26.65 -23.26 -2.35
CA LEU A 25 -25.55 -23.98 -1.72
C LEU A 25 -25.72 -25.50 -1.70
N GLY A 26 -26.94 -25.98 -1.50
CA GLY A 26 -27.23 -27.39 -1.53
C GLY A 26 -26.93 -27.99 -2.91
N ALA A 27 -27.34 -27.28 -3.96
CA ALA A 27 -27.13 -27.69 -5.35
C ALA A 27 -25.64 -27.73 -5.67
N GLY A 28 -24.91 -26.68 -5.26
CA GLY A 28 -23.47 -26.62 -5.51
C GLY A 28 -22.74 -27.75 -4.81
N THR A 29 -23.19 -28.06 -3.60
CA THR A 29 -22.66 -29.18 -2.85
C THR A 29 -22.87 -30.51 -3.55
N ALA A 30 -24.10 -30.70 -4.00
CA ALA A 30 -24.51 -31.88 -4.75
C ALA A 30 -23.63 -32.09 -5.96
N ARG A 31 -23.37 -31.02 -6.71
CA ARG A 31 -22.57 -31.08 -7.90
C ARG A 31 -21.17 -31.52 -7.57
N LEU A 32 -20.57 -30.89 -6.57
CA LEU A 32 -19.18 -31.15 -6.25
C LEU A 32 -19.00 -32.57 -5.75
N LEU A 33 -19.91 -33.04 -4.90
CA LEU A 33 -19.86 -34.39 -4.34
C LEU A 33 -20.06 -35.44 -5.42
N THR A 34 -20.94 -35.15 -6.37
CA THR A 34 -21.15 -36.03 -7.52
C THR A 34 -19.89 -36.11 -8.39
N GLU A 35 -19.25 -34.96 -8.62
CA GLU A 35 -18.11 -34.88 -9.49
C GLU A 35 -16.98 -35.67 -8.89
N ALA A 36 -16.93 -35.76 -7.56
CA ALA A 36 -16.02 -36.61 -6.80
C ALA A 36 -16.46 -38.07 -6.67
N GLY A 37 -17.50 -38.46 -7.38
CA GLY A 37 -18.03 -39.82 -7.36
C GLY A 37 -19.01 -40.25 -6.30
N GLY A 38 -19.46 -39.32 -5.44
CA GLY A 38 -20.52 -39.59 -4.49
C GLY A 38 -21.86 -39.67 -5.19
N LYS A 39 -22.82 -40.30 -4.51
CA LYS A 39 -24.18 -40.45 -4.97
C LYS A 39 -25.05 -39.59 -4.07
N VAL A 40 -25.84 -38.72 -4.67
CA VAL A 40 -26.60 -37.76 -3.83
C VAL A 40 -28.09 -38.10 -3.77
N VAL A 41 -28.66 -37.86 -2.60
CA VAL A 41 -30.07 -37.72 -2.42
C VAL A 41 -30.36 -36.27 -2.10
N LEU A 42 -31.22 -35.64 -2.91
CA LEU A 42 -31.62 -34.27 -2.72
C LEU A 42 -32.95 -34.24 -2.07
N ALA A 43 -33.04 -33.53 -0.94
CA ALA A 43 -34.27 -33.37 -0.15
C ALA A 43 -34.68 -31.90 -0.16
N ASP A 44 -35.82 -31.56 -0.74
CA ASP A 44 -36.21 -30.20 -0.90
C ASP A 44 -37.70 -30.10 -1.09
N LEU A 45 -38.25 -28.90 -0.89
CA LEU A 45 -39.64 -28.63 -1.29
C LEU A 45 -39.85 -28.55 -2.82
N ASN A 46 -38.79 -28.19 -3.55
CA ASN A 46 -38.93 -27.81 -4.94
C ASN A 46 -38.91 -29.07 -5.79
N GLN A 47 -40.08 -29.58 -6.15
CA GLN A 47 -40.17 -30.90 -6.83
C GLN A 47 -39.55 -30.86 -8.22
N ASP A 48 -39.90 -29.83 -8.98
CA ASP A 48 -39.46 -29.76 -10.39
C ASP A 48 -37.97 -29.57 -10.50
N ALA A 49 -37.40 -28.61 -9.75
CA ALA A 49 -35.95 -28.38 -9.80
C ALA A 49 -35.13 -29.51 -9.13
N GLY A 50 -35.66 -30.09 -8.06
CA GLY A 50 -35.02 -31.20 -7.36
C GLY A 50 -34.93 -32.46 -8.19
N GLU A 51 -36.06 -32.83 -8.81
CA GLU A 51 -36.07 -34.01 -9.69
C GLU A 51 -35.13 -33.81 -10.87
N ALA A 52 -35.16 -32.62 -11.47
CA ALA A 52 -34.30 -32.35 -12.60
C ALA A 52 -32.82 -32.41 -12.26
N LEU A 53 -32.44 -31.84 -11.12
CA LEU A 53 -31.05 -31.88 -10.71
C LEU A 53 -30.64 -33.29 -10.30
N ALA A 54 -31.51 -34.00 -9.61
CA ALA A 54 -31.18 -35.37 -9.24
C ALA A 54 -30.94 -36.22 -10.49
N ARG A 55 -31.77 -36.03 -11.53
CA ARG A 55 -31.49 -36.68 -12.82
C ARG A 55 -30.16 -36.29 -13.44
N GLU A 56 -29.89 -34.98 -13.44
CA GLU A 56 -28.66 -34.44 -14.00
C GLU A 56 -27.44 -35.08 -13.30
N LEU A 57 -27.56 -35.32 -11.99
CA LEU A 57 -26.46 -35.86 -11.19
C LEU A 57 -26.47 -37.37 -10.99
N GLY A 58 -27.43 -38.06 -11.63
CA GLY A 58 -27.55 -39.49 -11.42
C GLY A 58 -27.88 -39.89 -9.99
N GLY A 59 -28.54 -39.02 -9.21
CA GLY A 59 -28.94 -39.33 -7.86
C GLY A 59 -30.44 -39.48 -7.72
N VAL A 60 -30.96 -39.22 -6.52
CA VAL A 60 -32.37 -39.43 -6.20
C VAL A 60 -32.92 -38.15 -5.59
N PHE A 61 -34.10 -37.75 -6.00
CA PHE A 61 -34.84 -36.68 -5.29
C PHE A 61 -35.97 -37.22 -4.44
N VAL A 62 -36.13 -36.62 -3.26
CA VAL A 62 -37.28 -36.87 -2.37
C VAL A 62 -37.87 -35.53 -1.97
N ARG A 63 -39.16 -35.31 -2.26
CA ARG A 63 -39.87 -34.14 -1.72
C ARG A 63 -39.89 -34.25 -0.21
N CYS A 64 -39.23 -33.29 0.45
CA CYS A 64 -38.98 -33.37 1.87
C CYS A 64 -39.05 -32.00 2.51
N ASP A 65 -40.06 -31.81 3.34
CA ASP A 65 -40.11 -30.65 4.23
C ASP A 65 -39.37 -31.06 5.45
N VAL A 66 -38.23 -30.43 5.68
CA VAL A 66 -37.37 -30.83 6.78
C VAL A 66 -38.00 -30.71 8.16
N ALA A 67 -39.09 -29.97 8.29
CA ALA A 67 -39.81 -29.88 9.55
C ALA A 67 -40.70 -31.06 9.87
N ARG A 68 -40.91 -31.96 8.92
CA ARG A 68 -41.83 -33.09 9.11
C ARG A 68 -41.05 -34.37 9.41
N GLU A 69 -41.42 -35.07 10.45
CA GLU A 69 -40.79 -36.35 10.74
C GLU A 69 -40.88 -37.34 9.56
N GLU A 70 -42.06 -37.46 8.98
CA GLU A 70 -42.21 -38.48 7.88
C GLU A 70 -41.32 -38.17 6.68
N ASP A 71 -41.10 -36.88 6.41
CA ASP A 71 -40.26 -36.48 5.29
C ASP A 71 -38.81 -36.77 5.55
N ALA A 72 -38.35 -36.46 6.77
CA ALA A 72 -36.99 -36.83 7.16
C ALA A 72 -36.78 -38.31 6.99
N GLN A 73 -37.76 -39.10 7.46
CA GLN A 73 -37.66 -40.56 7.39
C GLN A 73 -37.57 -41.05 5.96
N ALA A 74 -38.40 -40.49 5.09
CA ALA A 74 -38.37 -40.87 3.67
C ALA A 74 -37.04 -40.52 3.02
N ALA A 75 -36.48 -39.37 3.37
CA ALA A 75 -35.27 -38.89 2.72
C ALA A 75 -34.13 -39.77 3.17
N VAL A 76 -34.07 -40.08 4.48
CA VAL A 76 -33.03 -41.00 4.97
C VAL A 76 -33.18 -42.42 4.41
N ALA A 77 -34.41 -42.89 4.25
CA ALA A 77 -34.66 -44.20 3.66
C ALA A 77 -34.17 -44.29 2.24
N ALA A 78 -34.45 -43.27 1.45
CA ALA A 78 -33.99 -43.20 0.08
C ALA A 78 -32.46 -43.26 0.02
N ALA A 79 -31.79 -42.56 0.93
CA ALA A 79 -30.33 -42.60 0.96
C ALA A 79 -29.80 -43.99 1.32
N THR A 80 -30.36 -44.64 2.33
CA THR A 80 -29.84 -45.97 2.72
C THR A 80 -30.17 -47.06 1.67
N LYS A 81 -31.27 -46.91 0.95
CA LYS A 81 -31.58 -47.76 -0.22
C LYS A 81 -30.55 -47.56 -1.32
N LEU A 82 -30.14 -46.31 -1.55
CA LEU A 82 -29.17 -45.97 -2.60
C LEU A 82 -27.76 -46.54 -2.36
N GLY A 83 -27.36 -46.63 -1.11
CA GLY A 83 -26.01 -47.06 -0.75
C GLY A 83 -25.71 -46.74 0.69
N THR A 84 -24.44 -46.63 1.03
CA THR A 84 -24.05 -46.39 2.42
C THR A 84 -24.06 -44.89 2.67
N LEU A 85 -24.94 -44.47 3.57
CA LEU A 85 -25.13 -43.02 3.84
C LEU A 85 -23.94 -42.60 4.70
N ARG A 86 -23.03 -41.79 4.16
CA ARG A 86 -21.86 -41.30 4.92
C ARG A 86 -21.92 -39.84 5.28
N GLY A 87 -22.82 -39.06 4.66
CA GLY A 87 -22.90 -37.65 4.98
C GLY A 87 -24.26 -37.07 4.82
N LEU A 88 -24.56 -36.11 5.72
CA LEU A 88 -25.74 -35.27 5.65
C LEU A 88 -25.27 -33.81 5.60
N VAL A 89 -25.81 -33.04 4.66
CA VAL A 89 -25.56 -31.63 4.54
C VAL A 89 -26.86 -30.92 4.63
N ASN A 90 -27.03 -30.17 5.72
CA ASN A 90 -28.25 -29.39 5.95
C ASN A 90 -28.12 -28.01 5.33
N CYS A 91 -28.75 -27.81 4.17
CA CYS A 91 -28.82 -26.49 3.53
C CYS A 91 -30.24 -25.90 3.42
N ALA A 92 -31.29 -26.65 3.70
CA ALA A 92 -32.63 -26.12 3.69
C ALA A 92 -32.75 -24.96 4.70
N GLY A 93 -33.21 -23.82 4.22
CA GLY A 93 -33.36 -22.66 5.07
C GLY A 93 -34.06 -21.55 4.36
N ILE A 94 -34.61 -20.60 5.15
CA ILE A 94 -35.25 -19.40 4.68
C ILE A 94 -34.69 -18.24 5.51
N ALA A 95 -34.71 -17.03 4.92
CA ALA A 95 -34.14 -15.84 5.57
C ALA A 95 -35.06 -14.62 5.43
N PRO A 96 -36.24 -14.68 6.05
CA PRO A 96 -37.09 -13.48 6.02
C PRO A 96 -36.54 -12.36 6.91
N ALA A 97 -37.04 -11.15 6.73
CA ALA A 97 -36.60 -10.03 7.52
C ALA A 97 -37.82 -9.33 8.11
N ALA A 98 -37.68 -8.92 9.35
CA ALA A 98 -38.71 -8.14 10.04
C ALA A 98 -38.08 -7.63 11.33
N LYS A 99 -38.33 -6.39 11.64
CA LYS A 99 -37.81 -5.78 12.87
C LYS A 99 -38.59 -6.23 14.07
N THR A 100 -37.94 -6.24 15.23
CA THR A 100 -38.61 -6.59 16.48
C THR A 100 -39.83 -5.70 16.74
N VAL A 101 -39.66 -4.39 16.52
CA VAL A 101 -40.77 -3.44 16.51
C VAL A 101 -40.73 -2.73 15.16
N GLY A 102 -41.73 -3.03 14.34
CA GLY A 102 -41.89 -2.41 13.02
C GLY A 102 -42.78 -1.19 13.07
N LYS A 103 -43.02 -0.60 11.90
CA LYS A 103 -43.91 0.56 11.74
C LYS A 103 -45.33 0.26 12.22
N ASP A 104 -45.78 -0.97 11.96
CA ASP A 104 -47.16 -1.43 12.22
C ASP A 104 -47.41 -2.21 13.52
N GLY A 105 -46.36 -2.42 14.31
CA GLY A 105 -46.47 -3.21 15.52
C GLY A 105 -45.31 -4.16 15.63
N PRO A 106 -45.35 -5.05 16.63
CA PRO A 106 -44.25 -5.95 16.82
C PRO A 106 -44.12 -6.95 15.67
N HIS A 107 -42.91 -7.43 15.51
CA HIS A 107 -42.63 -8.60 14.66
C HIS A 107 -43.71 -9.66 14.80
N PRO A 108 -44.32 -10.12 13.70
CA PRO A 108 -45.32 -11.17 13.84
C PRO A 108 -44.70 -12.41 14.47
N LEU A 109 -45.45 -13.02 15.38
CA LEU A 109 -44.95 -14.21 16.03
C LEU A 109 -44.74 -15.35 15.03
N GLU A 110 -45.70 -15.56 14.13
CA GLU A 110 -45.59 -16.68 13.14
C GLU A 110 -44.35 -16.61 12.28
N LEU A 111 -43.92 -15.41 11.88
CA LEU A 111 -42.74 -15.27 11.05
C LEU A 111 -41.48 -15.75 11.80
N PHE A 112 -41.38 -15.41 13.07
CA PHE A 112 -40.29 -15.89 13.91
C PHE A 112 -40.38 -17.42 14.06
N ALA A 113 -41.58 -17.89 14.41
CA ALA A 113 -41.76 -19.32 14.59
C ALA A 113 -41.45 -20.13 13.31
N LYS A 114 -41.89 -19.65 12.15
CA LYS A 114 -41.63 -20.37 10.89
CA LYS A 114 -41.64 -20.37 10.89
C LYS A 114 -40.14 -20.44 10.58
N THR A 115 -39.44 -19.33 10.81
CA THR A 115 -37.99 -19.30 10.54
C THR A 115 -37.26 -20.31 11.41
N ILE A 116 -37.60 -20.28 12.69
CA ILE A 116 -37.05 -21.22 13.65
CA ILE A 116 -37.07 -21.23 13.67
C ILE A 116 -37.39 -22.67 13.28
N THR A 117 -38.62 -22.89 12.84
CA THR A 117 -39.07 -24.23 12.49
C THR A 117 -38.34 -24.83 11.30
N VAL A 118 -38.17 -24.04 10.24
CA VAL A 118 -37.44 -24.54 9.10
C VAL A 118 -35.97 -24.68 9.39
N ASN A 119 -35.36 -23.61 9.93
CA ASN A 119 -33.92 -23.53 9.98
C ASN A 119 -33.31 -24.32 11.10
N LEU A 120 -33.98 -24.36 12.26
CA LEU A 120 -33.42 -24.94 13.44
C LEU A 120 -34.05 -26.29 13.74
N ILE A 121 -35.37 -26.30 13.95
CA ILE A 121 -36.07 -27.56 14.24
C ILE A 121 -35.85 -28.52 13.05
N GLY A 122 -35.99 -27.98 11.82
CA GLY A 122 -35.80 -28.74 10.59
C GLY A 122 -34.42 -29.35 10.49
N THR A 123 -33.40 -28.56 10.80
CA THR A 123 -32.02 -29.09 10.77
C THR A 123 -31.86 -30.21 11.83
N PHE A 124 -32.36 -30.01 13.03
CA PHE A 124 -32.28 -31.05 14.04
C PHE A 124 -33.04 -32.33 13.64
N ASN A 125 -34.20 -32.16 13.02
CA ASN A 125 -35.03 -33.30 12.61
C ASN A 125 -34.25 -34.18 11.65
N MET A 126 -33.56 -33.54 10.70
CA MET A 126 -32.80 -34.28 9.72
C MET A 126 -31.62 -34.93 10.42
N ILE A 127 -30.94 -34.21 11.33
CA ILE A 127 -29.79 -34.80 12.04
C ILE A 127 -30.17 -36.05 12.81
N ARG A 128 -31.25 -36.02 13.56
CA ARG A 128 -31.54 -37.11 14.46
C ARG A 128 -31.87 -38.37 13.66
N VAL A 129 -32.56 -38.21 12.53
CA VAL A 129 -32.95 -39.34 11.72
C VAL A 129 -31.76 -39.90 10.93
N ALA A 130 -31.02 -39.00 10.29
CA ALA A 130 -29.79 -39.40 9.61
C ALA A 130 -28.74 -40.01 10.55
N ALA A 131 -28.59 -39.46 11.75
CA ALA A 131 -27.64 -40.00 12.72
C ALA A 131 -28.02 -41.41 13.17
N ALA A 132 -29.30 -41.65 13.38
CA ALA A 132 -29.75 -42.97 13.77
C ALA A 132 -29.38 -43.98 12.67
N ALA A 133 -29.52 -43.57 11.41
CA ALA A 133 -29.19 -44.46 10.29
C ALA A 133 -27.68 -44.66 10.16
N MET A 134 -26.91 -43.59 10.30
CA MET A 134 -25.44 -43.71 10.23
C MET A 134 -24.88 -44.55 11.37
N ALA A 135 -25.49 -44.48 12.55
CA ALA A 135 -25.03 -45.23 13.73
C ALA A 135 -25.03 -46.76 13.46
N ALA A 136 -25.84 -47.20 12.51
CA ALA A 136 -25.92 -48.58 12.12
C ALA A 136 -24.88 -48.99 11.08
N ASN A 137 -24.14 -48.03 10.51
CA ASN A 137 -23.14 -48.37 9.51
C ASN A 137 -21.96 -49.02 10.21
N GLU A 138 -21.23 -49.78 9.45
CA GLU A 138 -19.87 -50.16 9.82
C GLU A 138 -18.96 -48.94 9.67
N PRO A 139 -18.00 -48.74 10.60
CA PRO A 139 -17.07 -47.63 10.39
C PRO A 139 -16.27 -47.71 9.08
N ALA A 140 -16.06 -46.56 8.45
CA ALA A 140 -15.07 -46.41 7.39
C ALA A 140 -13.64 -46.69 7.93
N PRO A 141 -12.65 -46.84 7.03
CA PRO A 141 -11.30 -47.17 7.54
C PRO A 141 -10.69 -46.12 8.47
N THR A 142 -11.09 -44.85 8.29
CA THR A 142 -10.66 -43.75 9.15
C THR A 142 -11.39 -43.72 10.47
N GLY A 143 -12.50 -44.44 10.55
CA GLY A 143 -13.15 -44.71 11.81
C GLY A 143 -14.54 -44.16 11.81
N GLU A 144 -14.85 -43.23 10.89
CA GLU A 144 -16.17 -42.58 10.90
C GLU A 144 -17.26 -43.52 10.43
N ARG A 145 -18.38 -43.49 11.10
CA ARG A 145 -19.61 -44.05 10.51
C ARG A 145 -20.29 -43.03 9.55
N GLY A 146 -20.10 -41.74 9.81
CA GLY A 146 -20.56 -40.69 8.95
C GLY A 146 -20.25 -39.31 9.52
N VAL A 147 -20.62 -38.27 8.79
CA VAL A 147 -20.30 -36.92 9.12
C VAL A 147 -21.49 -36.08 8.78
N ILE A 148 -21.83 -35.14 9.67
CA ILE A 148 -22.99 -34.28 9.52
C ILE A 148 -22.48 -32.85 9.41
N VAL A 149 -22.92 -32.14 8.39
CA VAL A 149 -22.57 -30.74 8.19
C VAL A 149 -23.86 -29.92 8.13
N SER A 150 -23.95 -28.89 8.96
CA SER A 150 -25.10 -27.98 8.94
C SER A 150 -24.67 -26.57 8.56
N THR A 151 -25.66 -25.77 8.13
CA THR A 151 -25.40 -24.43 7.68
C THR A 151 -26.01 -23.45 8.65
N ALA A 152 -25.17 -22.69 9.33
CA ALA A 152 -25.61 -21.59 10.10
C ALA A 152 -25.56 -20.33 9.17
N SER A 153 -24.87 -19.28 9.58
CA SER A 153 -24.73 -17.98 8.88
C SER A 153 -23.88 -17.14 9.80
N VAL A 154 -23.24 -16.13 9.23
CA VAL A 154 -22.60 -15.10 10.03
C VAL A 154 -23.65 -14.34 10.85
N ALA A 155 -24.92 -14.41 10.48
CA ALA A 155 -25.98 -13.84 11.29
C ALA A 155 -26.09 -14.48 12.69
N ALA A 156 -25.52 -15.67 12.91
CA ALA A 156 -25.39 -16.28 14.23
C ALA A 156 -24.61 -15.36 15.18
N PHE A 157 -23.73 -14.53 14.63
CA PHE A 157 -22.76 -13.70 15.40
C PHE A 157 -22.95 -12.21 15.16
N ASP A 158 -23.38 -11.84 13.95
CA ASP A 158 -23.38 -10.47 13.45
C ASP A 158 -24.80 -10.05 13.04
N GLY A 159 -25.80 -10.57 13.71
CA GLY A 159 -27.20 -10.37 13.24
C GLY A 159 -27.52 -8.90 12.99
N GLN A 160 -28.09 -8.58 11.86
CA GLN A 160 -28.43 -7.22 11.45
C GLN A 160 -29.82 -6.84 11.87
N ILE A 161 -30.08 -5.55 11.77
CA ILE A 161 -31.45 -5.05 11.96
C ILE A 161 -32.33 -5.84 11.02
N GLY A 162 -33.46 -6.32 11.56
CA GLY A 162 -34.37 -7.15 10.77
C GLY A 162 -34.13 -8.64 10.77
N GLN A 163 -33.00 -9.10 11.33
CA GLN A 163 -32.61 -10.49 11.33
C GLN A 163 -32.75 -11.23 12.66
N ALA A 164 -33.57 -10.73 13.58
CA ALA A 164 -33.72 -11.42 14.86
C ALA A 164 -34.11 -12.90 14.71
N ALA A 165 -35.10 -13.18 13.86
CA ALA A 165 -35.52 -14.57 13.66
C ALA A 165 -34.45 -15.43 13.01
N TYR A 166 -33.87 -14.93 11.92
CA TYR A 166 -32.82 -15.65 11.21
C TYR A 166 -31.59 -15.86 12.09
N ALA A 167 -31.18 -14.81 12.79
CA ALA A 167 -30.05 -14.93 13.69
C ALA A 167 -30.30 -15.91 14.82
N ALA A 168 -31.49 -15.85 15.41
CA ALA A 168 -31.84 -16.85 16.43
C ALA A 168 -31.72 -18.26 15.93
N SER A 169 -32.30 -18.51 14.76
CA SER A 169 -32.26 -19.81 14.19
C SER A 169 -30.88 -20.31 13.88
N LYS A 170 -30.05 -19.44 13.33
CA LYS A 170 -28.71 -19.84 12.93
C LYS A 170 -27.74 -19.94 14.12
N ALA A 171 -27.93 -19.10 15.13
CA ALA A 171 -27.16 -19.27 16.39
C ALA A 171 -27.54 -20.56 17.08
N GLY A 172 -28.81 -20.92 17.04
CA GLY A 172 -29.25 -22.25 17.52
C GLY A 172 -28.51 -23.42 16.85
N VAL A 173 -28.43 -23.36 15.53
CA VAL A 173 -27.74 -24.38 14.72
C VAL A 173 -26.26 -24.40 15.14
N ALA A 174 -25.64 -23.22 15.19
CA ALA A 174 -24.24 -23.14 15.61
C ALA A 174 -24.03 -23.74 17.00
N GLY A 175 -24.83 -23.29 17.95
CA GLY A 175 -24.65 -23.69 19.34
C GLY A 175 -24.93 -25.16 19.65
N MET A 176 -25.75 -25.84 18.85
CA MET A 176 -25.99 -27.26 19.06
C MET A 176 -24.94 -28.14 18.44
N THR A 177 -24.01 -27.58 17.69
CA THR A 177 -22.96 -28.36 17.08
C THR A 177 -22.19 -29.19 18.12
N LEU A 178 -21.78 -28.54 19.20
CA LEU A 178 -20.95 -29.22 20.21
C LEU A 178 -21.68 -30.33 20.99
N PRO A 179 -22.90 -30.08 21.53
CA PRO A 179 -23.58 -31.19 22.20
C PRO A 179 -23.90 -32.34 21.26
N ILE A 180 -24.21 -32.04 20.00
CA ILE A 180 -24.55 -33.14 19.07
C ILE A 180 -23.28 -33.94 18.75
N ALA A 181 -22.15 -33.25 18.56
CA ALA A 181 -20.87 -33.94 18.43
C ALA A 181 -20.58 -34.81 19.65
N ARG A 182 -20.85 -34.28 20.83
CA ARG A 182 -20.65 -35.04 22.03
C ARG A 182 -21.59 -36.28 22.11
N ASP A 183 -22.86 -36.09 21.78
CA ASP A 183 -23.86 -37.15 21.73
C ASP A 183 -23.45 -38.28 20.80
N LEU A 184 -22.87 -37.92 19.65
CA LEU A 184 -22.58 -38.86 18.58
C LEU A 184 -21.16 -39.37 18.57
N SER A 185 -20.36 -38.98 19.56
CA SER A 185 -18.96 -39.44 19.61
C SER A 185 -18.84 -40.98 19.76
N ARG A 186 -19.69 -41.60 20.58
CA ARG A 186 -19.67 -43.04 20.75
C ARG A 186 -20.09 -43.77 19.45
N ASN A 187 -20.82 -43.08 18.57
CA ASN A 187 -21.27 -43.61 17.27
C ASN A 187 -20.29 -43.33 16.16
N ALA A 188 -19.24 -42.58 16.43
CA ALA A 188 -18.21 -42.21 15.46
C ALA A 188 -18.81 -41.36 14.32
N ILE A 189 -19.66 -40.39 14.67
CA ILE A 189 -20.20 -39.49 13.65
C ILE A 189 -19.71 -38.09 14.01
N ARG A 190 -18.96 -37.47 13.08
CA ARG A 190 -18.54 -36.06 13.27
C ARG A 190 -19.66 -35.07 12.92
N VAL A 191 -19.68 -33.95 13.64
CA VAL A 191 -20.73 -32.95 13.49
C VAL A 191 -20.07 -31.60 13.38
N MET A 192 -20.36 -30.91 12.28
CA MET A 192 -19.73 -29.61 12.02
C MET A 192 -20.76 -28.63 11.46
N THR A 193 -20.43 -27.34 11.57
CA THR A 193 -21.26 -26.29 11.01
C THR A 193 -20.40 -25.32 10.20
N ILE A 194 -20.94 -24.86 9.08
CA ILE A 194 -20.39 -23.79 8.25
C ILE A 194 -21.31 -22.59 8.45
N ALA A 195 -20.71 -21.42 8.73
CA ALA A 195 -21.42 -20.15 8.85
C ALA A 195 -21.05 -19.29 7.67
N PRO A 196 -21.81 -19.35 6.57
CA PRO A 196 -21.47 -18.52 5.42
C PRO A 196 -21.77 -17.04 5.61
N GLY A 197 -21.00 -16.20 4.91
CA GLY A 197 -21.28 -14.79 4.85
C GLY A 197 -22.36 -14.43 3.84
N ILE A 198 -21.95 -14.03 2.63
CA ILE A 198 -22.94 -13.68 1.61
C ILE A 198 -22.55 -14.40 0.34
N PHE A 199 -23.49 -15.20 -0.16
CA PHE A 199 -23.28 -16.07 -1.30
C PHE A 199 -24.27 -15.81 -2.39
N GLU A 200 -23.79 -15.89 -3.62
CA GLU A 200 -24.64 -15.71 -4.79
C GLU A 200 -25.58 -16.91 -5.07
N THR A 201 -26.81 -16.84 -4.56
CA THR A 201 -27.80 -17.87 -4.74
C THR A 201 -29.18 -17.24 -4.91
N PRO A 202 -30.19 -18.04 -5.25
CA PRO A 202 -31.55 -17.49 -5.23
C PRO A 202 -32.06 -16.97 -3.87
N MET A 203 -31.38 -17.25 -2.75
CA MET A 203 -31.77 -16.60 -1.49
C MET A 203 -31.78 -15.08 -1.62
N LEU A 204 -30.92 -14.52 -2.49
CA LEU A 204 -30.83 -13.08 -2.72
C LEU A 204 -31.81 -12.56 -3.80
N LEU A 205 -32.68 -13.41 -4.35
CA LEU A 205 -33.71 -12.96 -5.28
C LEU A 205 -34.55 -11.87 -4.58
N GLY A 206 -34.79 -10.76 -5.28
CA GLY A 206 -35.43 -9.60 -4.64
C GLY A 206 -34.50 -8.62 -3.93
N MET A 207 -33.20 -8.94 -3.88
CA MET A 207 -32.15 -7.93 -3.69
C MET A 207 -31.74 -7.56 -5.11
N PRO A 208 -31.93 -6.29 -5.52
CA PRO A 208 -31.56 -5.90 -6.90
C PRO A 208 -30.04 -5.93 -7.13
N GLN A 209 -29.62 -6.13 -8.38
CA GLN A 209 -28.21 -6.37 -8.73
C GLN A 209 -27.22 -5.31 -8.18
N GLU A 210 -27.61 -4.04 -8.20
CA GLU A 210 -26.82 -2.94 -7.62
C GLU A 210 -26.56 -3.12 -6.12
N VAL A 211 -27.58 -3.60 -5.40
CA VAL A 211 -27.48 -3.81 -3.96
C VAL A 211 -26.56 -5.00 -3.69
N GLN A 212 -26.67 -6.03 -4.52
CA GLN A 212 -25.79 -7.21 -4.44
C GLN A 212 -24.32 -6.86 -4.71
N ASP A 213 -24.10 -6.11 -5.79
CA ASP A 213 -22.75 -5.65 -6.13
C ASP A 213 -22.18 -4.76 -5.02
N ALA A 214 -23.00 -3.87 -4.47
CA ALA A 214 -22.54 -3.02 -3.34
C ALA A 214 -22.18 -3.82 -2.10
N LEU A 215 -22.92 -4.89 -1.83
CA LEU A 215 -22.66 -5.74 -0.67
C LEU A 215 -21.38 -6.56 -0.91
N GLY A 216 -21.20 -7.12 -2.10
CA GLY A 216 -19.92 -7.75 -2.44
C GLY A 216 -18.72 -6.85 -2.24
N ALA A 217 -18.89 -5.58 -2.59
CA ALA A 217 -17.83 -4.60 -2.42
C ALA A 217 -17.50 -4.34 -0.94
N MET A 218 -18.38 -4.72 -0.02
CA MET A 218 -18.12 -4.59 1.41
C MET A 218 -17.32 -5.76 2.00
N VAL A 219 -17.17 -6.85 1.24
CA VAL A 219 -16.42 -8.03 1.73
C VAL A 219 -14.94 -7.70 1.67
N PRO A 220 -14.21 -7.81 2.83
CA PRO A 220 -12.84 -7.32 2.74
C PRO A 220 -12.02 -8.02 1.65
N PHE A 221 -11.95 -9.34 1.68
CA PHE A 221 -11.35 -10.05 0.54
C PHE A 221 -11.84 -11.48 0.48
N PRO A 222 -12.34 -11.96 -0.66
CA PRO A 222 -12.42 -11.26 -1.95
C PRO A 222 -13.65 -10.33 -1.99
N PRO A 223 -13.57 -9.21 -2.71
CA PRO A 223 -14.64 -8.20 -2.71
C PRO A 223 -15.80 -8.60 -3.63
N ARG A 224 -16.45 -9.70 -3.28
CA ARG A 224 -17.53 -10.25 -4.11
C ARG A 224 -18.33 -11.23 -3.28
N LEU A 225 -19.48 -11.63 -3.81
CA LEU A 225 -20.28 -12.69 -3.20
C LEU A 225 -19.58 -14.04 -3.35
N GLY A 226 -19.81 -14.93 -2.40
CA GLY A 226 -19.28 -16.26 -2.44
C GLY A 226 -19.94 -17.06 -3.56
N LYS A 227 -19.21 -18.01 -4.11
CA LYS A 227 -19.79 -18.96 -5.08
C LYS A 227 -20.25 -20.23 -4.33
N PRO A 228 -21.37 -20.85 -4.75
CA PRO A 228 -21.75 -22.14 -4.14
C PRO A 228 -20.62 -23.20 -4.13
N ALA A 229 -19.77 -23.22 -5.17
CA ALA A 229 -18.65 -24.13 -5.20
C ALA A 229 -17.70 -23.97 -4.03
N GLU A 230 -17.58 -22.75 -3.53
CA GLU A 230 -16.64 -22.47 -2.45
C GLU A 230 -17.18 -22.98 -1.12
N TYR A 231 -18.50 -22.89 -0.93
CA TYR A 231 -19.14 -23.55 0.15
C TYR A 231 -18.92 -25.06 0.08
N ALA A 232 -19.17 -25.59 -1.12
CA ALA A 232 -19.03 -26.98 -1.32
C ALA A 232 -17.62 -27.51 -1.11
N MET A 233 -16.62 -26.72 -1.45
CA MET A 233 -15.24 -27.08 -1.20
C MET A 233 -14.99 -27.29 0.30
N LEU A 234 -15.56 -26.39 1.13
CA LEU A 234 -15.39 -26.54 2.55
C LEU A 234 -16.13 -27.76 3.09
N VAL A 235 -17.31 -28.04 2.55
CA VAL A 235 -18.01 -29.26 2.93
C VAL A 235 -17.08 -30.49 2.68
N ARG A 236 -16.49 -30.56 1.49
CA ARG A 236 -15.61 -31.70 1.16
C ARG A 236 -14.45 -31.81 2.13
N GLN A 237 -13.86 -30.68 2.51
CA GLN A 237 -12.74 -30.69 3.49
C GLN A 237 -13.20 -31.27 4.82
N ILE A 238 -14.39 -30.86 5.28
CA ILE A 238 -14.94 -31.41 6.49
C ILE A 238 -15.15 -32.93 6.40
N PHE A 239 -15.72 -33.41 5.29
CA PHE A 239 -15.80 -34.84 5.08
C PHE A 239 -14.46 -35.54 5.10
N GLU A 240 -13.43 -34.94 4.49
CA GLU A 240 -12.12 -35.60 4.36
C GLU A 240 -11.16 -35.37 5.51
N ASN A 241 -11.50 -34.55 6.49
CA ASN A 241 -10.57 -34.28 7.59
C ASN A 241 -11.07 -34.89 8.88
N PRO A 242 -10.46 -36.00 9.30
CA PRO A 242 -10.95 -36.69 10.50
C PRO A 242 -10.90 -35.91 11.79
N MET A 243 -10.16 -34.79 11.81
CA MET A 243 -10.01 -34.03 13.07
C MET A 243 -11.02 -32.87 13.21
N LEU A 244 -11.80 -32.59 12.15
CA LEU A 244 -12.79 -31.52 12.23
C LEU A 244 -14.03 -32.04 12.90
N ASN A 245 -14.27 -31.63 14.13
CA ASN A 245 -15.46 -32.03 14.83
C ASN A 245 -15.88 -30.96 15.86
N GLY A 246 -17.18 -30.73 16.01
CA GLY A 246 -17.73 -29.90 17.11
C GLY A 246 -17.48 -28.43 16.93
N GLU A 247 -17.24 -27.99 15.69
CA GLU A 247 -16.78 -26.63 15.41
C GLU A 247 -17.66 -25.94 14.37
N VAL A 248 -17.69 -24.61 14.44
CA VAL A 248 -18.39 -23.74 13.47
C VAL A 248 -17.34 -22.95 12.71
N ILE A 249 -17.41 -22.92 11.37
CA ILE A 249 -16.40 -22.21 10.55
C ILE A 249 -17.07 -21.10 9.75
N ARG A 250 -16.68 -19.87 10.05
CA ARG A 250 -17.09 -18.72 9.21
C ARG A 250 -16.45 -18.83 7.83
N LEU A 251 -17.29 -18.70 6.79
CA LEU A 251 -16.78 -18.72 5.42
C LEU A 251 -17.35 -17.44 4.79
N ASP A 252 -16.57 -16.35 4.86
CA ASP A 252 -17.19 -15.05 4.69
C ASP A 252 -16.30 -13.92 4.16
N GLY A 253 -15.10 -14.22 3.68
CA GLY A 253 -14.25 -13.15 3.18
C GLY A 253 -13.85 -12.12 4.24
N ALA A 254 -13.94 -12.51 5.50
CA ALA A 254 -13.64 -11.63 6.68
C ALA A 254 -14.64 -10.51 6.87
N ILE A 255 -15.81 -10.54 6.26
CA ILE A 255 -16.80 -9.50 6.54
C ILE A 255 -17.32 -9.67 7.96
N ARG A 256 -17.72 -8.53 8.55
CA ARG A 256 -18.48 -8.50 9.78
C ARG A 256 -19.70 -7.63 9.47
N MET A 257 -20.89 -8.16 9.62
CA MET A 257 -22.08 -7.44 9.15
C MET A 257 -22.48 -6.30 10.10
N GLN A 258 -22.75 -5.15 9.50
CA GLN A 258 -23.09 -3.93 10.22
C GLN A 258 -24.59 -3.95 10.47
N PRO A 259 -25.09 -3.05 11.32
CA PRO A 259 -26.55 -3.07 11.59
C PRO A 259 -27.42 -2.96 10.34
N LYS A 260 -27.02 -2.12 9.39
CA LYS A 260 -27.70 -1.98 8.11
C LYS A 260 -26.74 -2.22 6.96
N HIS B 6 -23.61 -12.67 54.79
CA HIS B 6 -22.52 -12.21 53.87
C HIS B 6 -22.90 -12.44 52.40
N HIS B 7 -23.31 -11.36 51.72
CA HIS B 7 -23.83 -11.44 50.35
C HIS B 7 -22.75 -11.02 49.32
N HIS B 8 -21.85 -10.10 49.69
CA HIS B 8 -20.72 -9.82 48.83
C HIS B 8 -19.52 -9.22 49.49
N MET B 9 -18.41 -9.23 48.75
CA MET B 9 -17.17 -8.69 49.25
C MET B 9 -17.37 -7.20 49.50
N GLU B 10 -16.82 -6.74 50.62
CA GLU B 10 -16.95 -5.36 51.06
C GLU B 10 -15.84 -4.58 50.38
N ILE B 11 -16.21 -3.45 49.79
CA ILE B 11 -15.25 -2.45 49.33
C ILE B 11 -14.76 -1.58 50.51
N ARG B 12 -15.69 -1.19 51.41
CA ARG B 12 -15.34 -0.28 52.48
C ARG B 12 -14.18 -0.78 53.31
N ASP B 13 -13.18 0.06 53.45
CA ASP B 13 -12.00 -0.21 54.29
C ASP B 13 -11.01 -1.24 53.76
N ASN B 14 -11.26 -1.75 52.57
CA ASN B 14 -10.32 -2.66 51.92
C ASN B 14 -9.50 -1.89 50.90
N VAL B 15 -8.37 -2.47 50.50
CA VAL B 15 -7.45 -1.82 49.61
C VAL B 15 -7.58 -2.36 48.17
N PHE B 16 -7.53 -1.43 47.22
CA PHE B 16 -7.65 -1.68 45.80
C PHE B 16 -6.50 -1.03 45.05
N LEU B 17 -5.76 -1.84 44.32
CA LEU B 17 -4.61 -1.37 43.54
C LEU B 17 -5.09 -1.19 42.10
N ILE B 18 -4.95 0.02 41.58
CA ILE B 18 -5.45 0.34 40.27
C ILE B 18 -4.29 0.83 39.39
N THR B 19 -3.94 0.04 38.37
CA THR B 19 -2.90 0.51 37.44
C THR B 19 -3.53 1.42 36.43
N GLY B 20 -2.75 2.33 35.88
CA GLY B 20 -3.34 3.35 35.03
C GLY B 20 -4.27 4.25 35.80
N GLY B 21 -4.08 4.31 37.12
CA GLY B 21 -5.01 5.01 38.00
C GLY B 21 -4.98 6.51 37.96
N ALA B 22 -4.02 7.10 37.24
CA ALA B 22 -3.88 8.53 37.14
C ALA B 22 -4.83 9.17 36.13
N SER B 23 -5.55 8.39 35.35
CA SER B 23 -6.24 8.93 34.20
C SER B 23 -7.41 8.01 33.86
N GLY B 24 -8.37 8.61 33.15
CA GLY B 24 -9.36 7.84 32.39
C GLY B 24 -10.10 6.81 33.21
N LEU B 25 -10.11 5.58 32.74
CA LEU B 25 -10.92 4.57 33.36
C LEU B 25 -10.38 4.19 34.75
N GLY B 26 -9.06 4.12 34.89
CA GLY B 26 -8.44 3.85 36.17
C GLY B 26 -8.81 4.91 37.22
N ALA B 27 -8.75 6.17 36.83
CA ALA B 27 -9.11 7.30 37.70
C ALA B 27 -10.57 7.25 38.07
N GLY B 28 -11.43 6.96 37.09
CA GLY B 28 -12.84 6.88 37.39
C GLY B 28 -13.14 5.72 38.37
N THR B 29 -12.41 4.61 38.22
CA THR B 29 -12.56 3.45 39.07
C THR B 29 -12.11 3.84 40.51
N ALA B 30 -10.96 4.52 40.58
CA ALA B 30 -10.45 5.01 41.86
C ALA B 30 -11.51 5.86 42.58
N ARG B 31 -12.09 6.82 41.85
CA ARG B 31 -13.13 7.69 42.42
C ARG B 31 -14.32 6.92 42.96
N LEU B 32 -14.84 5.95 42.20
CA LEU B 32 -15.99 5.20 42.66
CA LEU B 32 -15.99 5.21 42.66
C LEU B 32 -15.65 4.32 43.85
N LEU B 33 -14.51 3.65 43.82
CA LEU B 33 -14.16 2.80 44.96
C LEU B 33 -13.92 3.66 46.21
N THR B 34 -13.36 4.86 46.04
CA THR B 34 -13.15 5.74 47.21
C THR B 34 -14.48 6.21 47.79
N GLU B 35 -15.41 6.55 46.91
CA GLU B 35 -16.76 6.98 47.34
C GLU B 35 -17.47 5.87 48.14
N ALA B 36 -17.19 4.64 47.78
CA ALA B 36 -17.67 3.42 48.47
C ALA B 36 -16.90 3.04 49.73
N GLY B 37 -15.90 3.85 50.09
CA GLY B 37 -15.13 3.64 51.30
C GLY B 37 -13.89 2.81 51.13
N GLY B 38 -13.55 2.43 49.89
CA GLY B 38 -12.31 1.74 49.63
C GLY B 38 -11.11 2.64 49.75
N LYS B 39 -9.95 2.02 49.93
CA LYS B 39 -8.69 2.73 50.02
C LYS B 39 -7.94 2.38 48.75
N VAL B 40 -7.50 3.38 47.99
CA VAL B 40 -6.89 3.09 46.69
C VAL B 40 -5.40 3.36 46.63
N VAL B 41 -4.67 2.43 46.00
CA VAL B 41 -3.31 2.66 45.53
C VAL B 41 -3.34 2.85 44.01
N LEU B 42 -2.87 4.01 43.56
CA LEU B 42 -2.81 4.37 42.15
C LEU B 42 -1.42 4.12 41.62
N ALA B 43 -1.31 3.20 40.68
CA ALA B 43 -0.01 2.87 40.04
C ALA B 43 0.02 3.34 38.60
N ASP B 44 0.92 4.25 38.27
CA ASP B 44 0.92 4.88 36.96
C ASP B 44 2.33 5.44 36.72
N LEU B 45 2.61 5.71 35.45
CA LEU B 45 3.79 6.50 35.08
C LEU B 45 3.66 8.00 35.35
N ASN B 46 2.44 8.50 35.36
CA ASN B 46 2.17 9.93 35.40
C ASN B 46 2.16 10.37 36.86
N GLN B 47 3.30 10.88 37.30
CA GLN B 47 3.47 11.23 38.70
C GLN B 47 2.66 12.45 39.12
N ASP B 48 2.66 13.49 38.27
CA ASP B 48 1.93 14.71 38.63
C ASP B 48 0.43 14.44 38.77
N ALA B 49 -0.18 13.75 37.80
CA ALA B 49 -1.62 13.51 37.89
C ALA B 49 -1.93 12.46 38.97
N GLY B 50 -1.05 11.47 39.13
CA GLY B 50 -1.25 10.41 40.06
C GLY B 50 -1.19 10.96 41.46
N GLU B 51 -0.16 11.74 41.78
CA GLU B 51 -0.07 12.36 43.12
C GLU B 51 -1.27 13.27 43.40
N ALA B 52 -1.67 14.03 42.41
CA ALA B 52 -2.82 14.90 42.58
C ALA B 52 -4.11 14.16 42.88
N LEU B 53 -4.34 13.06 42.17
CA LEU B 53 -5.53 12.27 42.42
C LEU B 53 -5.46 11.55 43.78
N ALA B 54 -4.29 11.09 44.16
CA ALA B 54 -4.09 10.50 45.49
C ALA B 54 -4.47 11.52 46.59
N ARG B 55 -4.08 12.77 46.39
CA ARG B 55 -4.42 13.85 47.35
C ARG B 55 -5.92 14.13 47.37
N GLU B 56 -6.54 14.07 46.21
CA GLU B 56 -7.96 14.32 46.14
C GLU B 56 -8.78 13.19 46.84
N LEU B 57 -8.30 11.95 46.71
CA LEU B 57 -9.05 10.75 47.15
C LEU B 57 -8.61 10.21 48.49
N GLY B 58 -7.47 10.67 49.02
CA GLY B 58 -6.95 10.08 50.23
C GLY B 58 -6.29 8.74 50.05
N GLY B 59 -5.80 8.47 48.85
CA GLY B 59 -5.12 7.22 48.52
C GLY B 59 -3.62 7.44 48.50
N VAL B 60 -2.92 6.42 48.00
CA VAL B 60 -1.50 6.40 47.84
C VAL B 60 -1.19 6.35 46.36
N PHE B 61 -0.22 7.13 45.93
CA PHE B 61 0.34 7.03 44.60
C PHE B 61 1.69 6.30 44.58
N VAL B 62 1.85 5.33 43.67
CA VAL B 62 3.12 4.68 43.43
C VAL B 62 3.54 4.82 41.96
N ARG B 63 4.71 5.38 41.71
CA ARG B 63 5.20 5.51 40.35
C ARG B 63 5.55 4.08 39.90
N CYS B 64 4.94 3.63 38.82
CA CYS B 64 5.01 2.21 38.49
C CYS B 64 4.88 2.04 37.00
N ASP B 65 5.90 1.43 36.37
CA ASP B 65 5.83 0.88 35.03
C ASP B 65 5.44 -0.56 35.17
N VAL B 66 4.22 -0.89 34.73
CA VAL B 66 3.62 -2.20 34.97
C VAL B 66 4.42 -3.36 34.35
N ALA B 67 5.26 -3.05 33.38
CA ALA B 67 6.05 -4.08 32.74
C ALA B 67 7.24 -4.52 33.56
N ARG B 68 7.60 -3.78 34.60
CA ARG B 68 8.85 -4.04 35.35
C ARG B 68 8.52 -4.78 36.66
N GLU B 69 9.25 -5.86 36.88
CA GLU B 69 9.10 -6.64 38.09
C GLU B 69 9.21 -5.79 39.35
N GLU B 70 10.25 -4.95 39.40
CA GLU B 70 10.51 -4.21 40.63
C GLU B 70 9.37 -3.22 40.92
N ASP B 71 8.78 -2.69 39.86
CA ASP B 71 7.72 -1.68 39.99
C ASP B 71 6.42 -2.34 40.47
N ALA B 72 6.08 -3.50 39.89
CA ALA B 72 4.92 -4.27 40.37
C ALA B 72 5.09 -4.63 41.86
N GLN B 73 6.30 -5.07 42.24
CA GLN B 73 6.58 -5.38 43.65
C GLN B 73 6.33 -4.17 44.58
N ALA B 74 6.78 -3.01 44.16
CA ALA B 74 6.63 -1.80 44.94
C ALA B 74 5.17 -1.37 45.04
N ALA B 75 4.43 -1.52 43.95
CA ALA B 75 3.01 -1.15 43.96
C ALA B 75 2.23 -2.07 44.90
N VAL B 76 2.48 -3.37 44.82
CA VAL B 76 1.77 -4.36 45.65
C VAL B 76 2.16 -4.19 47.11
N ALA B 77 3.44 -3.99 47.39
CA ALA B 77 3.87 -3.79 48.78
C ALA B 77 3.21 -2.52 49.38
N ALA B 78 3.04 -1.46 48.59
CA ALA B 78 2.35 -0.26 49.11
C ALA B 78 0.93 -0.58 49.49
N ALA B 79 0.27 -1.43 48.70
CA ALA B 79 -1.12 -1.78 48.96
C ALA B 79 -1.23 -2.63 50.20
N THR B 80 -0.35 -3.62 50.35
CA THR B 80 -0.40 -4.49 51.52
C THR B 80 -0.03 -3.74 52.82
N LYS B 81 0.80 -2.71 52.72
CA LYS B 81 1.12 -1.85 53.86
C LYS B 81 -0.08 -0.99 54.24
N LEU B 82 -0.87 -0.57 53.27
CA LEU B 82 -2.06 0.23 53.54
C LEU B 82 -3.21 -0.52 54.23
N GLY B 83 -3.37 -1.80 53.93
CA GLY B 83 -4.43 -2.62 54.53
C GLY B 83 -4.55 -3.94 53.78
N THR B 84 -5.74 -4.53 53.79
CA THR B 84 -5.94 -5.80 53.13
C THR B 84 -6.23 -5.62 51.63
N LEU B 85 -5.34 -6.11 50.77
CA LEU B 85 -5.48 -5.97 49.33
C LEU B 85 -6.54 -6.94 48.88
N ARG B 86 -7.69 -6.40 48.46
CA ARG B 86 -8.78 -7.24 48.02
C ARG B 86 -9.04 -7.14 46.52
N GLY B 87 -8.48 -6.16 45.83
CA GLY B 87 -8.78 -5.99 44.41
C GLY B 87 -7.61 -5.41 43.63
N LEU B 88 -7.34 -5.96 42.44
CA LEU B 88 -6.45 -5.36 41.44
C LEU B 88 -7.29 -5.00 40.27
N VAL B 89 -7.12 -3.77 39.74
CA VAL B 89 -7.80 -3.34 38.54
C VAL B 89 -6.73 -2.89 37.56
N ASN B 90 -6.54 -3.65 36.48
CA ASN B 90 -5.54 -3.32 35.48
C ASN B 90 -6.12 -2.41 34.43
N CYS B 91 -5.76 -1.15 34.46
CA CYS B 91 -6.14 -0.18 33.45
C CYS B 91 -4.96 0.43 32.67
N ALA B 92 -3.71 0.22 33.10
CA ALA B 92 -2.57 0.73 32.36
C ALA B 92 -2.57 0.18 30.94
N GLY B 93 -2.49 1.05 29.96
CA GLY B 93 -2.48 0.61 28.58
C GLY B 93 -2.19 1.70 27.61
N ILE B 94 -1.77 1.30 26.41
CA ILE B 94 -1.50 2.21 25.30
C ILE B 94 -2.18 1.67 24.07
N ALA B 95 -2.49 2.54 23.13
CA ALA B 95 -3.28 2.13 21.95
C ALA B 95 -2.71 2.79 20.68
N PRO B 96 -1.47 2.45 20.29
CA PRO B 96 -0.97 3.02 19.03
C PRO B 96 -1.67 2.41 17.81
N ALA B 97 -1.58 3.09 16.69
CA ALA B 97 -2.11 2.58 15.43
C ALA B 97 -0.97 2.48 14.40
N ALA B 98 -0.96 1.39 13.66
CA ALA B 98 -0.02 1.18 12.59
C ALA B 98 -0.48 -0.04 11.81
N LYS B 99 -0.52 0.08 10.50
CA LYS B 99 -0.90 -1.04 9.66
C LYS B 99 0.18 -2.10 9.53
N THR B 100 -0.24 -3.34 9.34
CA THR B 100 0.70 -4.46 9.15
C THR B 100 1.66 -4.14 7.99
N VAL B 101 1.12 -3.67 6.87
CA VAL B 101 1.95 -3.05 5.80
C VAL B 101 1.44 -1.63 5.56
N GLY B 102 2.27 -0.66 5.92
CA GLY B 102 1.93 0.76 5.81
C GLY B 102 2.64 1.44 4.64
N LYS B 103 2.46 2.74 4.58
CA LYS B 103 3.01 3.55 3.51
C LYS B 103 4.54 3.49 3.50
N ASP B 104 5.15 3.32 4.69
CA ASP B 104 6.59 3.24 4.88
C ASP B 104 7.14 1.80 4.99
N GLY B 105 6.36 0.79 4.63
CA GLY B 105 6.81 -0.60 4.71
C GLY B 105 6.10 -1.34 5.87
N PRO B 106 6.63 -2.51 6.27
CA PRO B 106 6.00 -3.25 7.37
C PRO B 106 5.90 -2.47 8.69
N HIS B 107 4.84 -2.73 9.44
CA HIS B 107 4.69 -2.33 10.83
C HIS B 107 6.03 -2.47 11.57
N PRO B 108 6.50 -1.40 12.23
CA PRO B 108 7.75 -1.61 12.95
C PRO B 108 7.63 -2.68 14.02
N LEU B 109 8.65 -3.52 14.15
CA LEU B 109 8.63 -4.56 15.15
C LEU B 109 8.55 -4.03 16.58
N GLU B 110 9.30 -2.98 16.88
CA GLU B 110 9.39 -2.50 18.27
C GLU B 110 8.07 -1.92 18.74
N LEU B 111 7.33 -1.33 17.82
CA LEU B 111 6.03 -0.81 18.16
C LEU B 111 5.08 -1.93 18.58
N PHE B 112 5.05 -3.02 17.82
CA PHE B 112 4.24 -4.18 18.20
C PHE B 112 4.69 -4.70 19.55
N ALA B 113 6.00 -4.92 19.71
CA ALA B 113 6.52 -5.42 20.96
C ALA B 113 6.19 -4.52 22.17
N LYS B 114 6.30 -3.20 21.99
CA LYS B 114 6.05 -2.26 23.10
C LYS B 114 4.56 -2.36 23.52
N THR B 115 3.65 -2.40 22.54
CA THR B 115 2.22 -2.51 22.83
C THR B 115 1.91 -3.80 23.60
N ILE B 116 2.48 -4.91 23.16
CA ILE B 116 2.33 -6.19 23.84
CA ILE B 116 2.36 -6.21 23.84
C ILE B 116 2.94 -6.11 25.25
N THR B 117 4.08 -5.46 25.37
CA THR B 117 4.81 -5.41 26.65
C THR B 117 4.02 -4.62 27.69
N VAL B 118 3.51 -3.45 27.32
CA VAL B 118 2.73 -2.65 28.29
C VAL B 118 1.40 -3.32 28.59
N ASN B 119 0.68 -3.71 27.54
CA ASN B 119 -0.72 -4.07 27.73
C ASN B 119 -0.91 -5.50 28.19
N LEU B 120 -0.10 -6.43 27.67
CA LEU B 120 -0.27 -7.84 27.98
C LEU B 120 0.73 -8.29 29.01
N ILE B 121 2.02 -8.09 28.76
CA ILE B 121 3.02 -8.55 29.72
C ILE B 121 2.86 -7.76 31.03
N GLY B 122 2.61 -6.45 30.92
CA GLY B 122 2.36 -5.58 32.10
C GLY B 122 1.20 -6.02 32.92
N THR B 123 0.08 -6.34 32.27
CA THR B 123 -1.10 -6.83 32.98
C THR B 123 -0.80 -8.15 33.71
N PHE B 124 -0.12 -9.09 33.04
CA PHE B 124 0.26 -10.35 33.69
C PHE B 124 1.23 -10.13 34.88
N ASN B 125 2.16 -9.22 34.68
CA ASN B 125 3.09 -8.91 35.72
C ASN B 125 2.39 -8.40 36.99
N MET B 126 1.44 -7.49 36.82
CA MET B 126 0.69 -7.01 37.97
C MET B 126 -0.17 -8.11 38.58
N ILE B 127 -0.79 -8.93 37.73
CA ILE B 127 -1.58 -10.07 38.22
C ILE B 127 -0.79 -11.04 39.06
N ARG B 128 0.36 -11.45 38.59
CA ARG B 128 1.10 -12.49 39.28
C ARG B 128 1.55 -12.04 40.66
N VAL B 129 1.99 -10.80 40.74
CA VAL B 129 2.52 -10.24 42.01
C VAL B 129 1.36 -9.99 42.99
N ALA B 130 0.28 -9.41 42.47
CA ALA B 130 -0.88 -9.14 43.32
C ALA B 130 -1.52 -10.41 43.77
N ALA B 131 -1.61 -11.40 42.89
CA ALA B 131 -2.22 -12.67 43.26
C ALA B 131 -1.44 -13.36 44.38
N ALA B 132 -0.13 -13.33 44.29
CA ALA B 132 0.72 -13.96 45.30
C ALA B 132 0.44 -13.32 46.67
N ALA B 133 0.21 -12.01 46.68
CA ALA B 133 -0.07 -11.31 47.92
C ALA B 133 -1.47 -11.60 48.40
N MET B 134 -2.44 -11.58 47.50
CA MET B 134 -3.80 -11.88 47.88
C MET B 134 -3.95 -13.30 48.42
N ALA B 135 -3.15 -14.23 47.90
CA ALA B 135 -3.22 -15.63 48.33
C ALA B 135 -2.87 -15.79 49.79
N ALA B 136 -2.14 -14.82 50.34
CA ALA B 136 -1.82 -14.78 51.78
C ALA B 136 -2.90 -14.19 52.69
N ASN B 137 -3.94 -13.60 52.11
CA ASN B 137 -5.04 -13.08 52.86
C ASN B 137 -5.88 -14.19 53.48
N GLU B 138 -6.50 -13.86 54.59
CA GLU B 138 -7.65 -14.60 55.04
C GLU B 138 -8.83 -14.37 54.11
N PRO B 139 -9.62 -15.42 53.83
CA PRO B 139 -10.82 -15.17 53.03
C PRO B 139 -11.80 -14.20 53.66
N ALA B 140 -12.41 -13.35 52.83
CA ALA B 140 -13.57 -12.55 53.24
C ALA B 140 -14.77 -13.48 53.58
N PRO B 141 -15.84 -12.93 54.18
CA PRO B 141 -16.96 -13.81 54.51
C PRO B 141 -17.67 -14.51 53.34
N THR B 142 -17.64 -13.93 52.13
CA THR B 142 -18.16 -14.58 50.90
C THR B 142 -17.20 -15.62 50.29
N GLY B 143 -15.98 -15.71 50.83
CA GLY B 143 -15.04 -16.75 50.45
C GLY B 143 -13.79 -16.26 49.72
N GLU B 144 -13.87 -15.06 49.13
CA GLU B 144 -12.79 -14.54 48.30
C GLU B 144 -11.64 -14.04 49.13
N ARG B 145 -10.44 -14.41 48.73
CA ARG B 145 -9.25 -13.70 49.17
C ARG B 145 -9.03 -12.39 48.42
N GLY B 146 -9.48 -12.33 47.20
CA GLY B 146 -9.34 -11.14 46.40
C GLY B 146 -10.00 -11.36 45.04
N VAL B 147 -10.03 -10.29 44.26
CA VAL B 147 -10.59 -10.31 42.90
C VAL B 147 -9.70 -9.47 42.01
N ILE B 148 -9.46 -9.97 40.82
CA ILE B 148 -8.64 -9.29 39.82
C ILE B 148 -9.49 -8.95 38.62
N VAL B 149 -9.45 -7.68 38.19
CA VAL B 149 -10.17 -7.23 37.04
C VAL B 149 -9.15 -6.63 36.09
N SER B 150 -9.19 -7.09 34.84
CA SER B 150 -8.32 -6.52 33.79
C SER B 150 -9.15 -5.93 32.65
N THR B 151 -8.51 -5.06 31.90
CA THR B 151 -9.15 -4.35 30.83
C THR B 151 -8.63 -4.83 29.50
N ALA B 152 -9.52 -5.40 28.71
CA ALA B 152 -9.20 -5.77 27.35
C ALA B 152 -9.69 -4.63 26.45
N SER B 153 -10.51 -4.94 25.44
CA SER B 153 -11.11 -3.94 24.61
C SER B 153 -11.96 -4.73 23.64
N VAL B 154 -12.93 -4.06 23.03
CA VAL B 154 -13.63 -4.68 21.88
C VAL B 154 -12.67 -5.00 20.76
N ALA B 155 -11.50 -4.37 20.72
CA ALA B 155 -10.46 -4.72 19.73
C ALA B 155 -9.96 -6.13 19.83
N ALA B 156 -10.19 -6.80 20.96
CA ALA B 156 -9.88 -8.23 21.08
C ALA B 156 -10.67 -9.05 20.13
N PHE B 157 -11.86 -8.55 19.74
CA PHE B 157 -12.79 -9.26 18.86
C PHE B 157 -13.06 -8.55 17.51
N ASP B 158 -12.96 -7.21 17.51
CA ASP B 158 -13.40 -6.37 16.43
C ASP B 158 -12.25 -5.53 15.88
N GLY B 159 -11.02 -6.03 15.95
CA GLY B 159 -9.89 -5.20 15.64
C GLY B 159 -9.96 -4.50 14.30
N GLN B 160 -9.66 -3.21 14.29
CA GLN B 160 -9.77 -2.39 13.10
C GLN B 160 -8.46 -2.38 12.29
N ILE B 161 -8.54 -1.84 11.10
CA ILE B 161 -7.33 -1.54 10.34
C ILE B 161 -6.44 -0.66 11.23
N GLY B 162 -5.19 -1.03 11.33
CA GLY B 162 -4.23 -0.29 12.16
C GLY B 162 -4.12 -0.79 13.58
N GLN B 163 -4.99 -1.72 14.02
CA GLN B 163 -4.99 -2.15 15.40
C GLN B 163 -4.42 -3.53 15.62
N ALA B 164 -3.60 -4.07 14.73
CA ALA B 164 -3.08 -5.41 14.93
C ALA B 164 -2.38 -5.58 16.27
N ALA B 165 -1.52 -4.66 16.62
CA ALA B 165 -0.83 -4.76 17.88
C ALA B 165 -1.71 -4.63 19.13
N TYR B 166 -2.57 -3.63 19.10
CA TYR B 166 -3.48 -3.40 20.19
C TYR B 166 -4.42 -4.59 20.34
N ALA B 167 -5.00 -5.04 19.21
CA ALA B 167 -5.87 -6.21 19.25
C ALA B 167 -5.19 -7.44 19.79
N ALA B 168 -4.00 -7.73 19.30
CA ALA B 168 -3.24 -8.85 19.81
C ALA B 168 -3.07 -8.79 21.34
N SER B 169 -2.70 -7.61 21.79
CA SER B 169 -2.44 -7.45 23.23
C SER B 169 -3.73 -7.67 24.06
N LYS B 170 -4.84 -7.13 23.55
CA LYS B 170 -6.11 -7.20 24.24
C LYS B 170 -6.79 -8.54 24.17
N ALA B 171 -6.66 -9.22 23.01
CA ALA B 171 -7.09 -10.59 22.91
C ALA B 171 -6.28 -11.49 23.86
N GLY B 172 -4.98 -11.20 24.00
CA GLY B 172 -4.14 -11.84 25.00
C GLY B 172 -4.68 -11.74 26.43
N VAL B 173 -5.04 -10.52 26.81
CA VAL B 173 -5.64 -10.25 28.09
C VAL B 173 -6.93 -11.02 28.26
N ALA B 174 -7.78 -10.95 27.24
CA ALA B 174 -9.04 -11.66 27.32
C ALA B 174 -8.85 -13.15 27.43
N GLY B 175 -7.98 -13.71 26.60
CA GLY B 175 -7.77 -15.13 26.56
C GLY B 175 -7.17 -15.76 27.78
N MET B 176 -6.37 -15.00 28.53
CA MET B 176 -5.75 -15.54 29.70
C MET B 176 -6.68 -15.51 30.92
N THR B 177 -7.85 -14.86 30.83
CA THR B 177 -8.77 -14.78 31.96
C THR B 177 -9.09 -16.15 32.52
N LEU B 178 -9.46 -17.08 31.63
CA LEU B 178 -9.88 -18.41 32.09
C LEU B 178 -8.75 -19.22 32.75
N PRO B 179 -7.57 -19.33 32.11
CA PRO B 179 -6.55 -20.12 32.76
C PRO B 179 -6.08 -19.52 34.07
N ILE B 180 -6.07 -18.19 34.15
CA ILE B 180 -5.74 -17.55 35.43
C ILE B 180 -6.80 -17.80 36.51
N ALA B 181 -8.08 -17.65 36.17
CA ALA B 181 -9.15 -18.04 37.06
C ALA B 181 -8.99 -19.49 37.54
N ARG B 182 -8.60 -20.41 36.64
CA ARG B 182 -8.39 -21.79 37.00
C ARG B 182 -7.20 -21.91 37.93
N ASP B 183 -6.10 -21.24 37.59
CA ASP B 183 -4.89 -21.23 38.44
C ASP B 183 -5.19 -20.79 39.87
N LEU B 184 -6.04 -19.77 40.01
CA LEU B 184 -6.24 -19.10 41.29
C LEU B 184 -7.46 -19.59 42.05
N SER B 185 -8.13 -20.61 41.50
CA SER B 185 -9.34 -21.09 42.16
C SER B 185 -9.06 -21.69 43.53
N ARG B 186 -7.93 -22.37 43.71
CA ARG B 186 -7.57 -22.93 45.00
C ARG B 186 -7.25 -21.81 45.99
N ASN B 187 -6.85 -20.63 45.48
CA ASN B 187 -6.58 -19.45 46.33
C ASN B 187 -7.80 -18.61 46.57
N ALA B 188 -8.95 -18.97 45.99
CA ALA B 188 -10.19 -18.22 46.14
C ALA B 188 -10.05 -16.79 45.65
N ILE B 189 -9.38 -16.62 44.52
CA ILE B 189 -9.27 -15.34 43.87
C ILE B 189 -10.03 -15.41 42.55
N ARG B 190 -11.02 -14.54 42.37
CA ARG B 190 -11.75 -14.50 41.09
C ARG B 190 -11.05 -13.59 40.10
N VAL B 191 -11.19 -13.91 38.82
CA VAL B 191 -10.45 -13.24 37.75
C VAL B 191 -11.44 -12.94 36.61
N MET B 192 -11.51 -11.68 36.24
CA MET B 192 -12.49 -11.18 35.28
C MET B 192 -11.86 -10.18 34.36
N THR B 193 -12.44 -9.99 33.19
CA THR B 193 -11.99 -9.00 32.25
C THR B 193 -13.16 -8.18 31.76
N ILE B 194 -12.95 -6.89 31.58
CA ILE B 194 -13.91 -5.97 30.91
C ILE B 194 -13.32 -5.59 29.56
N ALA B 195 -14.14 -5.62 28.49
CA ALA B 195 -13.72 -5.23 27.15
C ALA B 195 -14.51 -3.99 26.78
N PRO B 196 -14.00 -2.80 27.11
CA PRO B 196 -14.76 -1.58 26.77
C PRO B 196 -14.79 -1.31 25.25
N GLY B 197 -15.84 -0.61 24.82
CA GLY B 197 -15.97 -0.16 23.44
C GLY B 197 -15.22 1.15 23.25
N ILE B 198 -15.92 2.30 23.29
CA ILE B 198 -15.25 3.60 23.15
CA ILE B 198 -15.30 3.61 23.10
C ILE B 198 -15.68 4.52 24.28
N PHE B 199 -14.70 4.96 25.06
CA PHE B 199 -14.94 5.75 26.25
C PHE B 199 -14.22 7.07 26.18
N GLU B 200 -14.84 8.10 26.73
CA GLU B 200 -14.26 9.45 26.76
C GLU B 200 -13.19 9.56 27.83
N THR B 201 -11.95 9.44 27.38
CA THR B 201 -10.78 9.55 28.22
C THR B 201 -9.65 10.22 27.43
N PRO B 202 -8.56 10.57 28.14
CA PRO B 202 -7.39 11.05 27.36
C PRO B 202 -6.76 10.09 26.35
N MET B 203 -7.06 8.78 26.41
CA MET B 203 -6.66 7.89 25.30
C MET B 203 -7.09 8.42 23.94
N LEU B 204 -8.19 9.19 23.89
CA LEU B 204 -8.67 9.76 22.62
C LEU B 204 -8.10 11.14 22.28
N LEU B 205 -7.05 11.59 22.96
CA LEU B 205 -6.47 12.92 22.69
C LEU B 205 -5.85 12.82 21.29
N GLY B 206 -6.08 13.82 20.45
CA GLY B 206 -5.67 13.73 19.04
C GLY B 206 -6.71 13.12 18.11
N MET B 207 -7.85 12.71 18.67
CA MET B 207 -9.06 12.53 17.88
C MET B 207 -9.77 13.89 18.00
N PRO B 208 -9.96 14.61 16.87
CA PRO B 208 -10.67 15.88 17.00
C PRO B 208 -12.10 15.69 17.54
N GLN B 209 -12.62 16.70 18.21
CA GLN B 209 -13.94 16.62 18.85
C GLN B 209 -15.07 16.21 17.89
N GLU B 210 -15.01 16.70 16.65
CA GLU B 210 -15.93 16.30 15.57
C GLU B 210 -15.95 14.78 15.33
N VAL B 211 -14.75 14.18 15.30
CA VAL B 211 -14.58 12.77 15.01
C VAL B 211 -15.05 11.92 16.20
N GLN B 212 -14.82 12.42 17.42
CA GLN B 212 -15.32 11.77 18.62
C GLN B 212 -16.84 11.72 18.66
N ASP B 213 -17.49 12.87 18.43
CA ASP B 213 -18.96 12.96 18.38
C ASP B 213 -19.52 12.03 17.30
N ALA B 214 -18.85 12.03 16.14
CA ALA B 214 -19.24 11.16 15.03
C ALA B 214 -19.13 9.67 15.40
N LEU B 215 -18.11 9.31 16.16
CA LEU B 215 -17.94 7.94 16.62
C LEU B 215 -19.00 7.58 17.68
N GLY B 216 -19.22 8.47 18.65
CA GLY B 216 -20.34 8.31 19.56
C GLY B 216 -21.67 8.03 18.89
N ALA B 217 -21.93 8.75 17.81
CA ALA B 217 -23.14 8.56 17.02
C ALA B 217 -23.26 7.17 16.39
N MET B 218 -22.15 6.45 16.24
CA MET B 218 -22.18 5.09 15.68
C MET B 218 -22.49 4.02 16.71
N VAL B 219 -22.53 4.39 18.00
CA VAL B 219 -22.83 3.43 19.05
C VAL B 219 -24.34 3.21 19.07
N PRO B 220 -24.83 1.95 18.94
CA PRO B 220 -26.29 1.74 18.87
C PRO B 220 -27.07 2.35 20.02
N PHE B 221 -26.74 2.02 21.26
CA PHE B 221 -27.33 2.74 22.38
C PHE B 221 -26.49 2.53 23.62
N PRO B 222 -26.09 3.58 24.32
CA PRO B 222 -26.43 4.97 24.07
C PRO B 222 -25.55 5.55 22.98
N PRO B 223 -26.05 6.50 22.18
CA PRO B 223 -25.29 7.06 21.09
C PRO B 223 -24.28 8.10 21.51
N ARG B 224 -23.32 7.67 22.30
CA ARG B 224 -22.27 8.54 22.83
C ARG B 224 -21.10 7.69 23.29
N LEU B 225 -20.00 8.37 23.62
CA LEU B 225 -18.89 7.71 24.27
C LEU B 225 -19.27 7.33 25.70
N GLY B 226 -18.66 6.25 26.17
CA GLY B 226 -18.87 5.81 27.55
C GLY B 226 -18.22 6.75 28.53
N LYS B 227 -18.80 6.86 29.72
CA LYS B 227 -18.21 7.67 30.81
C LYS B 227 -17.34 6.76 31.65
N PRO B 228 -16.19 7.25 32.13
CA PRO B 228 -15.41 6.39 33.06
C PRO B 228 -16.19 5.81 34.24
N ALA B 229 -17.18 6.56 34.75
CA ALA B 229 -18.01 6.05 35.82
C ALA B 229 -18.76 4.76 35.49
N GLU B 230 -19.15 4.61 34.23
CA GLU B 230 -19.87 3.41 33.77
C GLU B 230 -18.95 2.18 33.70
N TYR B 231 -17.68 2.42 33.36
CA TYR B 231 -16.69 1.36 33.51
C TYR B 231 -16.60 0.97 34.97
N ALA B 232 -16.42 1.98 35.83
CA ALA B 232 -16.23 1.77 37.26
C ALA B 232 -17.39 1.01 37.88
N MET B 233 -18.61 1.32 37.43
CA MET B 233 -19.80 0.64 37.92
C MET B 233 -19.71 -0.84 37.70
N LEU B 234 -19.24 -1.24 36.51
CA LEU B 234 -19.09 -2.67 36.22
C LEU B 234 -17.96 -3.31 37.01
N VAL B 235 -16.87 -2.58 37.24
CA VAL B 235 -15.84 -3.08 38.16
C VAL B 235 -16.45 -3.39 39.54
N ARG B 236 -17.28 -2.48 40.07
CA ARG B 236 -17.83 -2.69 41.37
C ARG B 236 -18.73 -3.93 41.41
N GLN B 237 -19.49 -4.13 40.33
CA GLN B 237 -20.36 -5.28 40.26
C GLN B 237 -19.55 -6.55 40.26
N ILE B 238 -18.45 -6.54 39.53
CA ILE B 238 -17.56 -7.71 39.57
C ILE B 238 -17.05 -8.00 40.99
N PHE B 239 -16.66 -6.97 41.69
CA PHE B 239 -16.23 -7.15 43.09
C PHE B 239 -17.34 -7.74 43.95
N GLU B 240 -18.56 -7.27 43.72
CA GLU B 240 -19.66 -7.57 44.61
C GLU B 240 -20.44 -8.83 44.26
N ASN B 241 -20.20 -9.42 43.11
CA ASN B 241 -20.96 -10.59 42.68
C ASN B 241 -20.04 -11.82 42.76
N PRO B 242 -20.21 -12.66 43.81
CA PRO B 242 -19.38 -13.84 43.96
C PRO B 242 -19.40 -14.80 42.81
N MET B 243 -20.40 -14.76 41.93
CA MET B 243 -20.45 -15.71 40.84
C MET B 243 -19.73 -15.28 39.56
N LEU B 244 -19.25 -14.02 39.47
CA LEU B 244 -18.57 -13.58 38.25
C LEU B 244 -17.10 -14.03 38.24
N ASN B 245 -16.78 -14.98 37.39
CA ASN B 245 -15.41 -15.50 37.32
C ASN B 245 -15.10 -16.08 35.96
N GLY B 246 -13.86 -15.86 35.50
CA GLY B 246 -13.37 -16.47 34.31
C GLY B 246 -13.99 -15.99 33.02
N GLU B 247 -14.56 -14.78 33.03
CA GLU B 247 -15.38 -14.26 31.91
C GLU B 247 -14.87 -12.89 31.44
N VAL B 248 -15.20 -12.56 30.21
CA VAL B 248 -14.89 -11.30 29.57
C VAL B 248 -16.24 -10.64 29.27
N ILE B 249 -16.43 -9.40 29.69
CA ILE B 249 -17.71 -8.70 29.48
C ILE B 249 -17.48 -7.51 28.56
N ARG B 250 -18.16 -7.51 27.42
CA ARG B 250 -18.15 -6.33 26.53
C ARG B 250 -18.98 -5.20 27.15
N LEU B 251 -18.41 -3.99 27.22
CA LEU B 251 -19.11 -2.79 27.80
C LEU B 251 -19.04 -1.72 26.73
N ASP B 252 -20.03 -1.73 25.81
CA ASP B 252 -19.82 -1.05 24.52
C ASP B 252 -21.04 -0.51 23.80
N GLY B 253 -22.20 -0.43 24.47
CA GLY B 253 -23.38 0.11 23.82
C GLY B 253 -23.81 -0.65 22.59
N ALA B 254 -23.39 -1.93 22.54
CA ALA B 254 -23.62 -2.83 21.40
C ALA B 254 -22.92 -2.47 20.10
N ILE B 255 -21.93 -1.60 20.11
CA ILE B 255 -21.16 -1.33 18.90
C ILE B 255 -20.39 -2.59 18.45
N ARG B 256 -20.20 -2.70 17.15
CA ARG B 256 -19.23 -3.67 16.60
C ARG B 256 -18.34 -2.87 15.68
N MET B 257 -17.03 -2.87 15.93
CA MET B 257 -16.16 -1.92 15.21
C MET B 257 -15.89 -2.40 13.78
N GLN B 258 -15.99 -1.48 12.83
CA GLN B 258 -15.82 -1.76 11.40
C GLN B 258 -14.34 -1.59 11.04
N PRO B 259 -13.92 -2.05 9.86
CA PRO B 259 -12.49 -1.90 9.48
C PRO B 259 -11.97 -0.48 9.62
N LYS B 260 -12.77 0.51 9.19
CA LYS B 260 -12.44 1.94 9.39
C LYS B 260 -13.48 2.63 10.27
N HIS C 6 -29.77 10.52 37.07
CA HIS C 6 -28.76 11.09 36.16
C HIS C 6 -27.71 10.05 35.73
N HIS C 7 -27.35 9.14 36.64
CA HIS C 7 -26.29 8.16 36.37
C HIS C 7 -26.82 6.79 35.98
N HIS C 8 -28.02 6.46 36.43
CA HIS C 8 -28.66 5.26 35.95
C HIS C 8 -30.15 5.23 36.05
N MET C 9 -30.70 4.29 35.27
CA MET C 9 -32.12 4.12 35.26
C MET C 9 -32.55 3.70 36.65
N GLU C 10 -33.64 4.31 37.14
CA GLU C 10 -34.17 4.07 38.47
C GLU C 10 -35.04 2.82 38.43
N ILE C 11 -34.84 1.95 39.41
CA ILE C 11 -35.72 0.80 39.62
CA ILE C 11 -35.71 0.80 39.64
C ILE C 11 -36.93 1.28 40.44
N ARG C 12 -36.69 2.10 41.45
CA ARG C 12 -37.81 2.48 42.32
C ARG C 12 -38.98 3.11 41.58
N ASP C 13 -40.17 2.55 41.87
CA ASP C 13 -41.50 2.98 41.37
C ASP C 13 -41.74 2.70 39.90
N ASN C 14 -40.80 2.06 39.25
CA ASN C 14 -40.99 1.60 37.86
C ASN C 14 -41.40 0.14 37.90
N VAL C 15 -41.92 -0.33 36.77
CA VAL C 15 -42.49 -1.66 36.68
C VAL C 15 -41.57 -2.62 35.91
N PHE C 16 -41.48 -3.85 36.41
CA PHE C 16 -40.60 -4.90 35.88
C PHE C 16 -41.45 -6.13 35.69
N LEU C 17 -41.42 -6.64 34.45
CA LEU C 17 -42.16 -7.84 34.07
C LEU C 17 -41.18 -8.98 34.05
N ILE C 18 -41.45 -10.00 34.85
CA ILE C 18 -40.51 -11.08 35.04
C ILE C 18 -41.23 -12.38 34.66
N THR C 19 -40.81 -13.00 33.56
CA THR C 19 -41.36 -14.30 33.19
C THR C 19 -40.61 -15.39 33.94
N GLY C 20 -41.32 -16.48 34.25
CA GLY C 20 -40.80 -17.50 35.16
C GLY C 20 -40.67 -16.95 36.57
N GLY C 21 -41.46 -15.93 36.89
CA GLY C 21 -41.34 -15.21 38.15
C GLY C 21 -41.81 -15.94 39.38
N ALA C 22 -42.46 -17.08 39.22
CA ALA C 22 -42.96 -17.87 40.36
C ALA C 22 -41.89 -18.69 41.08
N SER C 23 -40.69 -18.78 40.50
CA SER C 23 -39.72 -19.76 40.99
C SER C 23 -38.31 -19.31 40.69
N GLY C 24 -37.37 -19.86 41.45
CA GLY C 24 -35.96 -19.89 41.06
C GLY C 24 -35.43 -18.51 40.71
N LEU C 25 -34.81 -18.37 39.55
CA LEU C 25 -34.12 -17.12 39.18
C LEU C 25 -35.09 -15.95 39.01
N GLY C 26 -36.24 -16.21 38.41
CA GLY C 26 -37.25 -15.19 38.22
C GLY C 26 -37.78 -14.67 39.56
N ALA C 27 -38.06 -15.60 40.48
CA ALA C 27 -38.50 -15.25 41.82
C ALA C 27 -37.42 -14.47 42.58
N GLY C 28 -36.15 -14.89 42.46
CA GLY C 28 -35.09 -14.17 43.13
C GLY C 28 -34.95 -12.76 42.57
N THR C 29 -35.15 -12.60 41.26
CA THR C 29 -35.06 -11.30 40.61
C THR C 29 -36.21 -10.42 41.12
N ALA C 30 -37.39 -11.01 41.23
CA ALA C 30 -38.56 -10.27 41.69
C ALA C 30 -38.35 -9.76 43.11
N ARG C 31 -37.75 -10.60 43.97
CA ARG C 31 -37.48 -10.19 45.33
C ARG C 31 -36.51 -9.03 45.37
N LEU C 32 -35.43 -9.10 44.62
CA LEU C 32 -34.43 -8.03 44.65
C LEU C 32 -34.98 -6.75 44.08
N LEU C 33 -35.68 -6.82 42.96
CA LEU C 33 -36.25 -5.61 42.35
C LEU C 33 -37.28 -4.97 43.28
N THR C 34 -38.04 -5.79 44.01
CA THR C 34 -39.04 -5.29 44.95
C THR C 34 -38.35 -4.61 46.15
N GLU C 35 -37.28 -5.23 46.67
CA GLU C 35 -36.45 -4.61 47.75
C GLU C 35 -35.94 -3.23 47.34
N ALA C 36 -35.59 -3.07 46.06
CA ALA C 36 -35.11 -1.81 45.48
C ALA C 36 -36.24 -0.83 45.12
N GLY C 37 -37.47 -1.18 45.43
CA GLY C 37 -38.66 -0.33 45.23
C GLY C 37 -39.38 -0.48 43.91
N GLY C 38 -38.92 -1.44 43.09
CA GLY C 38 -39.61 -1.77 41.85
C GLY C 38 -40.95 -2.43 42.12
N LYS C 39 -41.83 -2.35 41.11
CA LYS C 39 -43.14 -2.94 41.17
C LYS C 39 -43.08 -4.07 40.15
N VAL C 40 -43.37 -5.29 40.57
CA VAL C 40 -43.18 -6.46 39.68
C VAL C 40 -44.52 -7.02 39.20
N VAL C 41 -44.52 -7.42 37.94
CA VAL C 41 -45.53 -8.30 37.37
C VAL C 41 -44.83 -9.64 37.13
N LEU C 42 -45.36 -10.70 37.73
CA LEU C 42 -44.84 -12.04 37.56
C LEU C 42 -45.72 -12.78 36.53
N ALA C 43 -45.06 -13.39 35.56
CA ALA C 43 -45.74 -14.08 34.47
C ALA C 43 -45.21 -15.50 34.47
N ASP C 44 -46.09 -16.46 34.69
CA ASP C 44 -45.70 -17.83 34.92
C ASP C 44 -46.88 -18.75 34.67
N LEU C 45 -46.60 -20.00 34.40
CA LEU C 45 -47.65 -21.04 34.34
C LEU C 45 -48.20 -21.39 35.73
N ASN C 46 -47.38 -21.21 36.76
CA ASN C 46 -47.66 -21.69 38.11
C ASN C 46 -48.52 -20.69 38.89
N GLN C 47 -49.84 -20.93 38.86
CA GLN C 47 -50.82 -20.03 39.48
C GLN C 47 -50.63 -19.92 40.99
N ASP C 48 -50.51 -21.06 41.65
CA ASP C 48 -50.44 -21.07 43.12
C ASP C 48 -49.20 -20.36 43.63
N ALA C 49 -48.02 -20.68 43.10
CA ALA C 49 -46.77 -20.04 43.55
C ALA C 49 -46.67 -18.59 43.08
N GLY C 50 -47.09 -18.33 41.84
CA GLY C 50 -47.03 -16.97 41.28
C GLY C 50 -47.95 -15.98 42.01
N GLU C 51 -49.19 -16.40 42.25
CA GLU C 51 -50.11 -15.55 42.97
C GLU C 51 -49.60 -15.32 44.40
N ALA C 52 -49.08 -16.36 45.04
CA ALA C 52 -48.56 -16.21 46.43
C ALA C 52 -47.37 -15.26 46.49
N LEU C 53 -46.47 -15.37 45.53
CA LEU C 53 -45.31 -14.46 45.53
C LEU C 53 -45.70 -13.02 45.17
N ALA C 54 -46.60 -12.84 44.21
CA ALA C 54 -47.07 -11.49 43.89
C ALA C 54 -47.69 -10.81 45.11
N ARG C 55 -48.50 -11.56 45.88
CA ARG C 55 -49.11 -11.03 47.08
C ARG C 55 -48.03 -10.65 48.10
N GLU C 56 -47.05 -11.54 48.31
CA GLU C 56 -45.97 -11.28 49.26
C GLU C 56 -45.15 -10.04 48.88
N LEU C 57 -44.94 -9.80 47.60
CA LEU C 57 -44.15 -8.67 47.13
C LEU C 57 -44.94 -7.44 46.75
N GLY C 58 -46.26 -7.47 46.91
CA GLY C 58 -47.09 -6.34 46.55
C GLY C 58 -47.13 -6.05 45.06
N GLY C 59 -46.93 -7.07 44.25
CA GLY C 59 -47.03 -6.97 42.80
C GLY C 59 -48.26 -7.64 42.25
N VAL C 60 -48.17 -8.03 40.98
CA VAL C 60 -49.29 -8.60 40.22
C VAL C 60 -48.85 -9.90 39.59
N PHE C 61 -49.75 -10.88 39.58
CA PHE C 61 -49.47 -12.14 38.90
C PHE C 61 -50.35 -12.22 37.66
N VAL C 62 -49.77 -12.69 36.56
CA VAL C 62 -50.52 -13.05 35.37
C VAL C 62 -50.18 -14.49 34.99
N ARG C 63 -51.21 -15.32 34.86
CA ARG C 63 -51.00 -16.69 34.42
C ARG C 63 -50.73 -16.63 32.96
N CYS C 64 -49.51 -17.01 32.56
CA CYS C 64 -49.01 -16.68 31.24
C CYS C 64 -48.11 -17.78 30.73
N ASP C 65 -48.48 -18.33 29.59
CA ASP C 65 -47.60 -19.21 28.81
C ASP C 65 -46.88 -18.29 27.83
N VAL C 66 -45.59 -18.08 28.03
CA VAL C 66 -44.83 -17.17 27.18
C VAL C 66 -44.85 -17.45 25.69
N ALA C 67 -45.21 -18.65 25.30
CA ALA C 67 -45.31 -19.00 23.88
C ALA C 67 -46.57 -18.48 23.20
N ARG C 68 -47.58 -18.03 23.98
CA ARG C 68 -48.85 -17.54 23.44
C ARG C 68 -48.93 -16.04 23.32
N GLU C 69 -49.27 -15.57 22.14
CA GLU C 69 -49.35 -14.12 21.89
C GLU C 69 -50.29 -13.45 22.90
N GLU C 70 -51.42 -14.07 23.13
CA GLU C 70 -52.43 -13.39 23.95
C GLU C 70 -51.96 -13.35 25.43
N ASP C 71 -51.17 -14.32 25.84
CA ASP C 71 -50.60 -14.29 27.20
C ASP C 71 -49.55 -13.21 27.34
N ALA C 72 -48.68 -13.09 26.33
CA ALA C 72 -47.71 -11.98 26.36
C ALA C 72 -48.44 -10.63 26.41
N GLN C 73 -49.46 -10.49 25.58
CA GLN C 73 -50.27 -9.27 25.60
C GLN C 73 -50.87 -8.97 26.96
N ALA C 74 -51.42 -10.00 27.61
CA ALA C 74 -52.02 -9.82 28.92
C ALA C 74 -50.98 -9.43 29.98
N ALA C 75 -49.79 -10.03 29.90
CA ALA C 75 -48.74 -9.72 30.87
C ALA C 75 -48.26 -8.30 30.71
N VAL C 76 -48.11 -7.84 29.47
CA VAL C 76 -47.66 -6.52 29.18
C VAL C 76 -48.70 -5.47 29.55
N ALA C 77 -49.98 -5.80 29.33
CA ALA C 77 -51.09 -4.91 29.71
C ALA C 77 -51.17 -4.75 31.22
N ALA C 78 -50.96 -5.83 31.98
CA ALA C 78 -50.92 -5.71 33.45
C ALA C 78 -49.78 -4.82 33.91
N ALA C 79 -48.66 -4.88 33.22
CA ALA C 79 -47.50 -4.06 33.59
C ALA C 79 -47.80 -2.57 33.30
N THR C 80 -48.36 -2.27 32.14
CA THR C 80 -48.57 -0.87 31.75
C THR C 80 -49.69 -0.21 32.57
N LYS C 81 -50.61 -1.04 33.11
CA LYS C 81 -51.64 -0.57 34.04
CA LYS C 81 -51.63 -0.58 34.04
C LYS C 81 -51.00 -0.19 35.36
N LEU C 82 -50.05 -1.01 35.80
CA LEU C 82 -49.41 -0.81 37.09
C LEU C 82 -48.52 0.42 37.12
N GLY C 83 -47.94 0.79 35.97
CA GLY C 83 -47.04 1.96 35.96
C GLY C 83 -46.20 1.91 34.72
N THR C 84 -44.97 2.45 34.81
CA THR C 84 -44.15 2.61 33.62
C THR C 84 -43.29 1.38 33.47
N LEU C 85 -43.51 0.63 32.37
CA LEU C 85 -42.80 -0.61 32.13
C LEU C 85 -41.38 -0.24 31.70
N ARG C 86 -40.41 -0.48 32.59
CA ARG C 86 -39.02 -0.17 32.30
C ARG C 86 -38.13 -1.37 32.11
N GLY C 87 -38.58 -2.55 32.53
CA GLY C 87 -37.78 -3.77 32.32
C GLY C 87 -38.56 -5.02 32.11
N LEU C 88 -38.00 -5.89 31.26
CA LEU C 88 -38.47 -7.26 31.06
C LEU C 88 -37.29 -8.16 31.42
N VAL C 89 -37.55 -9.15 32.24
CA VAL C 89 -36.60 -10.20 32.55
C VAL C 89 -37.23 -11.55 32.10
N ASN C 90 -36.62 -12.17 31.10
CA ASN C 90 -37.09 -13.48 30.61
C ASN C 90 -36.38 -14.60 31.39
N CYS C 91 -37.10 -15.22 32.32
CA CYS C 91 -36.62 -16.40 33.04
C CYS C 91 -37.47 -17.66 32.80
N ALA C 92 -38.64 -17.60 32.12
CA ALA C 92 -39.37 -18.78 31.78
C ALA C 92 -38.56 -19.75 30.95
N GLY C 93 -38.46 -20.99 31.38
CA GLY C 93 -37.66 -21.94 30.65
C GLY C 93 -37.79 -23.34 31.20
N ILE C 94 -37.44 -24.32 30.36
CA ILE C 94 -37.44 -25.73 30.72
C ILE C 94 -36.12 -26.35 30.20
N ALA C 95 -35.71 -27.45 30.84
CA ALA C 95 -34.39 -28.02 30.54
C ALA C 95 -34.44 -29.56 30.49
N PRO C 96 -35.17 -30.09 29.53
CA PRO C 96 -35.19 -31.54 29.38
C PRO C 96 -33.86 -32.07 28.88
N ALA C 97 -33.68 -33.37 29.03
CA ALA C 97 -32.51 -34.07 28.59
C ALA C 97 -32.92 -35.24 27.70
N ALA C 98 -32.24 -35.35 26.55
CA ALA C 98 -32.40 -36.49 25.64
C ALA C 98 -31.27 -36.43 24.63
N LYS C 99 -30.66 -37.58 24.35
CA LYS C 99 -29.63 -37.67 23.35
C LYS C 99 -30.18 -37.64 21.93
N THR C 100 -29.37 -37.12 21.02
CA THR C 100 -29.67 -37.13 19.61
C THR C 100 -30.06 -38.51 19.14
N VAL C 101 -29.27 -39.52 19.53
CA VAL C 101 -29.63 -40.92 19.30
C VAL C 101 -29.61 -41.64 20.64
N GLY C 102 -30.77 -42.06 21.10
CA GLY C 102 -30.89 -42.74 22.38
C GLY C 102 -30.92 -44.24 22.18
N LYS C 103 -31.03 -44.98 23.29
CA LYS C 103 -31.16 -46.43 23.25
C LYS C 103 -32.34 -46.89 22.38
N ASP C 104 -33.44 -46.14 22.43
CA ASP C 104 -34.71 -46.50 21.77
C ASP C 104 -34.97 -45.83 20.43
N GLY C 105 -34.02 -45.07 19.92
CA GLY C 105 -34.18 -44.42 18.64
C GLY C 105 -33.78 -42.98 18.77
N PRO C 106 -34.00 -42.20 17.72
CA PRO C 106 -33.68 -40.78 17.78
C PRO C 106 -34.44 -39.99 18.82
N HIS C 107 -33.82 -38.91 19.29
CA HIS C 107 -34.45 -37.85 20.09
C HIS C 107 -35.85 -37.57 19.54
N PRO C 108 -36.89 -37.63 20.38
CA PRO C 108 -38.21 -37.32 19.82
C PRO C 108 -38.29 -35.90 19.30
N LEU C 109 -38.92 -35.71 18.17
CA LEU C 109 -39.01 -34.40 17.53
C LEU C 109 -39.79 -33.43 18.39
N GLU C 110 -40.88 -33.90 19.00
CA GLU C 110 -41.72 -32.97 19.75
C GLU C 110 -41.02 -32.41 20.98
N LEU C 111 -40.14 -33.20 21.62
CA LEU C 111 -39.40 -32.73 22.78
C LEU C 111 -38.47 -31.59 22.37
N PHE C 112 -37.82 -31.73 21.23
CA PHE C 112 -36.93 -30.67 20.73
C PHE C 112 -37.77 -29.42 20.45
N ALA C 113 -38.85 -29.61 19.70
CA ALA C 113 -39.71 -28.48 19.34
C ALA C 113 -40.26 -27.76 20.55
N LYS C 114 -40.71 -28.51 21.55
CA LYS C 114 -41.25 -27.91 22.77
C LYS C 114 -40.21 -27.07 23.50
N THR C 115 -38.99 -27.60 23.64
CA THR C 115 -37.91 -26.86 24.25
C THR C 115 -37.64 -25.53 23.57
N ILE C 116 -37.55 -25.58 22.27
CA ILE C 116 -37.31 -24.40 21.45
CA ILE C 116 -37.33 -24.40 21.41
C ILE C 116 -38.52 -23.44 21.58
N THR C 117 -39.74 -23.98 21.59
CA THR C 117 -40.93 -23.13 21.67
C THR C 117 -41.01 -22.36 23.01
N VAL C 118 -40.73 -23.03 24.12
CA VAL C 118 -40.81 -22.39 25.41
C VAL C 118 -39.64 -21.41 25.57
N ASN C 119 -38.44 -21.91 25.33
CA ASN C 119 -37.25 -21.17 25.70
C ASN C 119 -36.90 -20.09 24.71
N LEU C 120 -37.06 -20.35 23.41
CA LEU C 120 -36.57 -19.42 22.36
C LEU C 120 -37.75 -18.63 21.78
N ILE C 121 -38.77 -19.32 21.25
CA ILE C 121 -39.92 -18.60 20.69
C ILE C 121 -40.64 -17.80 21.82
N GLY C 122 -40.75 -18.40 23.00
CA GLY C 122 -41.43 -17.73 24.10
C GLY C 122 -40.70 -16.50 24.55
N THR C 123 -39.37 -16.58 24.62
CA THR C 123 -38.58 -15.39 24.99
C THR C 123 -38.74 -14.31 23.92
N PHE C 124 -38.71 -14.65 22.64
CA PHE C 124 -38.88 -13.64 21.64
C PHE C 124 -40.28 -13.02 21.70
N ASN C 125 -41.29 -13.88 21.93
CA ASN C 125 -42.66 -13.39 22.03
C ASN C 125 -42.82 -12.32 23.09
N MET C 126 -42.24 -12.57 24.27
CA MET C 126 -42.29 -11.63 25.37
C MET C 126 -41.52 -10.34 24.99
N ILE C 127 -40.35 -10.50 24.41
CA ILE C 127 -39.55 -9.35 23.97
C ILE C 127 -40.29 -8.45 23.01
N ARG C 128 -40.90 -9.01 21.96
CA ARG C 128 -41.51 -8.17 20.94
C ARG C 128 -42.68 -7.38 21.49
N VAL C 129 -43.48 -8.01 22.31
CA VAL C 129 -44.65 -7.32 22.89
C VAL C 129 -44.27 -6.25 23.93
N ALA C 130 -43.34 -6.62 24.81
CA ALA C 130 -42.81 -5.69 25.81
C ALA C 130 -42.08 -4.54 25.14
N ALA C 131 -41.29 -4.80 24.10
CA ALA C 131 -40.55 -3.73 23.40
C ALA C 131 -41.49 -2.79 22.74
N ALA C 132 -42.59 -3.29 22.17
CA ALA C 132 -43.56 -2.40 21.58
C ALA C 132 -44.18 -1.45 22.63
N ALA C 133 -44.49 -1.97 23.81
CA ALA C 133 -44.93 -1.14 24.92
C ALA C 133 -43.87 -0.12 25.37
N MET C 134 -42.63 -0.59 25.60
CA MET C 134 -41.58 0.28 26.07
C MET C 134 -41.30 1.41 25.06
N ALA C 135 -41.50 1.15 23.78
CA ALA C 135 -41.18 2.11 22.72
C ALA C 135 -42.10 3.33 22.81
N ALA C 136 -43.21 3.21 23.53
CA ALA C 136 -44.16 4.30 23.67
C ALA C 136 -43.89 5.11 24.94
N ASN C 137 -42.95 4.65 25.76
CA ASN C 137 -42.54 5.38 26.95
C ASN C 137 -41.80 6.63 26.57
N GLU C 138 -41.86 7.63 27.46
CA GLU C 138 -40.93 8.72 27.38
C GLU C 138 -39.60 8.18 27.90
N PRO C 139 -38.48 8.62 27.31
CA PRO C 139 -37.19 8.18 27.84
C PRO C 139 -36.96 8.56 29.29
N ALA C 140 -36.27 7.72 30.05
CA ALA C 140 -35.77 8.11 31.38
C ALA C 140 -34.66 9.18 31.25
N PRO C 141 -34.27 9.83 32.37
CA PRO C 141 -33.18 10.79 32.35
C PRO C 141 -31.88 10.30 31.72
N THR C 142 -31.50 9.03 31.96
CA THR C 142 -30.33 8.40 31.30
C THR C 142 -30.50 8.09 29.82
N GLY C 143 -31.73 8.19 29.31
CA GLY C 143 -32.02 8.08 27.90
C GLY C 143 -32.81 6.83 27.55
N GLU C 144 -32.81 5.80 28.42
CA GLU C 144 -33.51 4.54 28.11
C GLU C 144 -35.03 4.66 28.19
N ARG C 145 -35.73 4.11 27.21
CA ARG C 145 -37.20 3.85 27.34
C ARG C 145 -37.39 2.59 28.14
N GLY C 146 -36.46 1.65 28.05
CA GLY C 146 -36.54 0.43 28.84
C GLY C 146 -35.35 -0.48 28.58
N VAL C 147 -35.33 -1.61 29.26
CA VAL C 147 -34.21 -2.55 29.19
C VAL C 147 -34.75 -3.96 29.25
N ILE C 148 -34.23 -4.79 28.38
CA ILE C 148 -34.67 -6.17 28.29
C ILE C 148 -33.51 -7.09 28.63
N VAL C 149 -33.74 -8.04 29.54
CA VAL C 149 -32.75 -9.02 29.94
C VAL C 149 -33.32 -10.39 29.70
N SER C 150 -32.55 -11.23 29.00
CA SER C 150 -32.99 -12.61 28.81
C SER C 150 -31.98 -13.58 29.38
N THR C 151 -32.43 -14.83 29.58
CA THR C 151 -31.64 -15.83 30.23
C THR C 151 -31.28 -16.89 29.22
N ALA C 152 -30.00 -16.99 28.90
CA ALA C 152 -29.51 -18.09 28.09
C ALA C 152 -29.04 -19.20 29.06
N SER C 153 -27.82 -19.66 28.92
CA SER C 153 -27.20 -20.71 29.77
C SER C 153 -25.81 -20.87 29.23
N VAL C 154 -24.90 -21.31 30.07
CA VAL C 154 -23.60 -21.77 29.57
C VAL C 154 -23.78 -22.87 28.54
N ALA C 155 -24.93 -23.59 28.56
CA ALA C 155 -25.25 -24.59 27.50
C ALA C 155 -25.29 -24.02 26.11
N ALA C 156 -25.43 -22.71 25.95
CA ALA C 156 -25.29 -22.07 24.63
C ALA C 156 -23.92 -22.28 24.04
N PHE C 157 -22.91 -22.48 24.93
CA PHE C 157 -21.49 -22.62 24.54
C PHE C 157 -20.87 -23.96 24.86
N ASP C 158 -21.34 -24.60 25.94
CA ASP C 158 -20.73 -25.79 26.54
C ASP C 158 -21.72 -26.96 26.57
N GLY C 159 -22.62 -27.06 25.59
CA GLY C 159 -23.70 -28.05 25.65
C GLY C 159 -23.20 -29.46 25.90
N GLN C 160 -23.82 -30.13 26.86
CA GLN C 160 -23.43 -31.46 27.29
C GLN C 160 -24.17 -32.53 26.50
N ILE C 161 -23.72 -33.78 26.62
CA ILE C 161 -24.49 -34.93 26.14
C ILE C 161 -25.90 -34.87 26.72
N GLY C 162 -26.91 -35.02 25.88
CA GLY C 162 -28.27 -34.91 26.29
C GLY C 162 -28.89 -33.52 26.25
N GLN C 163 -28.10 -32.50 25.92
CA GLN C 163 -28.55 -31.10 25.94
C GLN C 163 -28.69 -30.45 24.56
N ALA C 164 -28.80 -31.20 23.48
CA ALA C 164 -28.91 -30.56 22.16
C ALA C 164 -30.09 -29.58 22.09
N ALA C 165 -31.24 -29.99 22.61
CA ALA C 165 -32.41 -29.13 22.49
C ALA C 165 -32.26 -27.85 23.32
N TYR C 166 -31.82 -28.03 24.56
CA TYR C 166 -31.66 -26.92 25.50
C TYR C 166 -30.57 -26.00 24.97
N ALA C 167 -29.47 -26.59 24.56
CA ALA C 167 -28.40 -25.79 24.00
C ALA C 167 -28.81 -25.00 22.77
N ALA C 168 -29.51 -25.63 21.83
CA ALA C 168 -29.98 -24.94 20.66
C ALA C 168 -30.83 -23.74 21.08
N SER C 169 -31.73 -24.00 22.00
CA SER C 169 -32.64 -22.93 22.41
C SER C 169 -31.92 -21.75 23.06
N LYS C 170 -30.94 -22.06 23.89
CA LYS C 170 -30.23 -21.01 24.64
C LYS C 170 -29.19 -20.30 23.80
N ALA C 171 -28.57 -21.02 22.85
CA ALA C 171 -27.72 -20.38 21.88
C ALA C 171 -28.52 -19.43 21.00
N GLY C 172 -29.76 -19.82 20.68
CA GLY C 172 -30.64 -18.91 19.95
C GLY C 172 -30.94 -17.64 20.70
N VAL C 173 -31.21 -17.77 22.01
CA VAL C 173 -31.47 -16.59 22.87
C VAL C 173 -30.20 -15.69 22.89
N ALA C 174 -29.04 -16.33 23.06
CA ALA C 174 -27.80 -15.58 23.13
C ALA C 174 -27.55 -14.88 21.79
N GLY C 175 -27.69 -15.60 20.67
CA GLY C 175 -27.36 -15.04 19.36
C GLY C 175 -28.29 -13.94 18.88
N MET C 176 -29.53 -13.89 19.38
CA MET C 176 -30.40 -12.84 18.93
C MET C 176 -30.25 -11.55 19.72
N THR C 177 -29.44 -11.55 20.78
CA THR C 177 -29.23 -10.35 21.60
C THR C 177 -28.78 -9.15 20.75
N LEU C 178 -27.79 -9.38 19.90
CA LEU C 178 -27.26 -8.29 19.10
C LEU C 178 -28.25 -7.72 18.06
N PRO C 179 -28.87 -8.57 17.20
CA PRO C 179 -29.80 -7.98 16.27
C PRO C 179 -30.99 -7.28 16.94
N ILE C 180 -31.47 -7.82 18.05
CA ILE C 180 -32.57 -7.14 18.76
C ILE C 180 -32.08 -5.81 19.37
N ALA C 181 -30.88 -5.78 19.94
CA ALA C 181 -30.34 -4.51 20.41
C ALA C 181 -30.19 -3.51 19.24
N ARG C 182 -29.80 -3.98 18.06
CA ARG C 182 -29.69 -3.12 16.90
C ARG C 182 -31.07 -2.64 16.48
N ASP C 183 -32.03 -3.57 16.49
CA ASP C 183 -33.46 -3.23 16.10
C ASP C 183 -34.00 -2.14 17.00
N LEU C 184 -33.68 -2.22 18.29
CA LEU C 184 -34.33 -1.32 19.25
C LEU C 184 -33.46 -0.12 19.64
N SER C 185 -32.32 0.07 18.98
CA SER C 185 -31.47 1.21 19.32
C SER C 185 -32.18 2.56 19.07
N ARG C 186 -32.94 2.65 17.98
CA ARG C 186 -33.69 3.87 17.68
C ARG C 186 -34.82 4.12 18.74
N ASN C 187 -35.26 3.07 19.44
CA ASN C 187 -36.25 3.16 20.52
C ASN C 187 -35.64 3.38 21.88
N ALA C 188 -34.31 3.37 21.95
CA ALA C 188 -33.59 3.51 23.18
C ALA C 188 -33.97 2.42 24.19
N ILE C 189 -33.98 1.17 23.72
CA ILE C 189 -34.18 0.01 24.58
C ILE C 189 -32.94 -0.82 24.50
N ARG C 190 -32.28 -1.00 25.66
CA ARG C 190 -31.11 -1.90 25.71
C ARG C 190 -31.52 -3.34 25.84
N VAL C 191 -30.71 -4.25 25.30
CA VAL C 191 -31.05 -5.66 25.24
C VAL C 191 -29.77 -6.43 25.64
N MET C 192 -29.91 -7.28 26.63
CA MET C 192 -28.77 -8.03 27.21
C MET C 192 -29.22 -9.43 27.53
N THR C 193 -28.24 -10.31 27.68
CA THR C 193 -28.47 -11.69 28.01
C THR C 193 -27.51 -12.14 29.10
N ILE C 194 -28.01 -12.88 30.06
CA ILE C 194 -27.21 -13.54 31.06
C ILE C 194 -27.20 -15.05 30.76
N ALA C 195 -26.03 -15.66 30.82
CA ALA C 195 -25.85 -17.08 30.63
C ALA C 195 -25.39 -17.70 31.95
N PRO C 196 -26.34 -18.16 32.76
CA PRO C 196 -25.93 -18.78 34.02
C PRO C 196 -25.27 -20.13 33.88
N GLY C 197 -24.43 -20.45 34.83
CA GLY C 197 -23.85 -21.78 34.93
C GLY C 197 -24.79 -22.77 35.59
N ILE C 198 -24.59 -23.02 36.89
CA ILE C 198 -25.43 -23.95 37.65
CA ILE C 198 -25.44 -23.95 37.65
C ILE C 198 -25.90 -23.24 38.90
N PHE C 199 -27.21 -23.11 39.03
CA PHE C 199 -27.84 -22.35 40.13
C PHE C 199 -28.81 -23.23 40.89
N GLU C 200 -28.85 -23.01 42.19
CA GLU C 200 -29.73 -23.77 43.10
C GLU C 200 -31.15 -23.32 42.97
N THR C 201 -31.91 -24.02 42.13
CA THR C 201 -33.33 -23.74 41.94
C THR C 201 -34.11 -25.04 41.75
N PRO C 202 -35.45 -24.96 41.70
CA PRO C 202 -36.20 -26.16 41.37
C PRO C 202 -35.97 -26.76 39.98
N MET C 203 -35.29 -26.07 39.07
CA MET C 203 -34.87 -26.70 37.82
C MET C 203 -34.03 -27.96 38.07
N LEU C 204 -33.31 -28.01 39.19
CA LEU C 204 -32.46 -29.14 39.55
C LEU C 204 -33.22 -30.24 40.32
N LEU C 205 -34.56 -30.16 40.40
CA LEU C 205 -35.36 -31.13 41.17
C LEU C 205 -34.96 -32.61 40.94
N GLY C 206 -34.77 -32.99 39.68
CA GLY C 206 -34.37 -34.37 39.30
C GLY C 206 -32.92 -34.78 39.58
N MET C 207 -32.08 -33.83 39.98
CA MET C 207 -30.67 -34.12 40.32
C MET C 207 -30.55 -34.35 41.83
N PRO C 208 -30.11 -35.56 42.27
CA PRO C 208 -29.99 -35.82 43.73
C PRO C 208 -29.01 -34.87 44.46
N GLN C 209 -29.30 -34.56 45.73
CA GLN C 209 -28.51 -33.61 46.52
C GLN C 209 -27.01 -33.86 46.42
N GLU C 210 -26.64 -35.14 46.54
CA GLU C 210 -25.27 -35.60 46.38
C GLU C 210 -24.64 -35.19 45.03
N VAL C 211 -25.39 -35.32 43.94
CA VAL C 211 -24.88 -34.97 42.59
C VAL C 211 -24.82 -33.43 42.43
N GLN C 212 -25.72 -32.74 43.11
CA GLN C 212 -25.68 -31.28 43.15
C GLN C 212 -24.40 -30.81 43.86
N ASP C 213 -24.15 -31.37 45.03
CA ASP C 213 -22.97 -31.01 45.82
C ASP C 213 -21.65 -31.31 45.08
N ALA C 214 -21.62 -32.44 44.37
CA ALA C 214 -20.42 -32.82 43.61
C ALA C 214 -20.17 -31.90 42.41
N LEU C 215 -21.26 -31.51 41.75
CA LEU C 215 -21.21 -30.55 40.66
C LEU C 215 -20.81 -29.15 41.17
N GLY C 216 -21.35 -28.76 42.32
CA GLY C 216 -20.89 -27.54 43.01
C GLY C 216 -19.38 -27.57 43.21
N ALA C 217 -18.86 -28.74 43.58
CA ALA C 217 -17.43 -28.87 43.82
C ALA C 217 -16.58 -28.73 42.53
N MET C 218 -17.21 -28.86 41.37
CA MET C 218 -16.52 -28.70 40.07
C MET C 218 -16.40 -27.24 39.65
N VAL C 219 -17.14 -26.34 40.26
CA VAL C 219 -17.10 -24.92 39.88
C VAL C 219 -15.79 -24.33 40.41
N PRO C 220 -14.92 -23.75 39.52
CA PRO C 220 -13.62 -23.31 40.04
C PRO C 220 -13.69 -22.37 41.25
N PHE C 221 -14.42 -21.27 41.13
CA PHE C 221 -14.74 -20.48 42.29
C PHE C 221 -15.94 -19.58 42.08
N PRO C 222 -16.92 -19.57 43.00
CA PRO C 222 -16.96 -20.32 44.26
C PRO C 222 -17.41 -21.78 44.04
N PRO C 223 -16.93 -22.72 44.86
CA PRO C 223 -17.18 -24.14 44.64
C PRO C 223 -18.55 -24.54 45.16
N ARG C 224 -19.58 -23.97 44.57
CA ARG C 224 -20.95 -24.18 45.02
C ARG C 224 -21.86 -23.78 43.90
N LEU C 225 -23.14 -24.10 44.07
CA LEU C 225 -24.14 -23.64 43.12
C LEU C 225 -24.42 -22.16 43.33
N GLY C 226 -24.79 -21.48 42.26
CA GLY C 226 -25.19 -20.10 42.35
C GLY C 226 -26.46 -19.91 43.13
N LYS C 227 -26.55 -18.75 43.78
CA LYS C 227 -27.78 -18.31 44.48
C LYS C 227 -28.62 -17.48 43.53
N PRO C 228 -29.95 -17.66 43.55
CA PRO C 228 -30.81 -16.78 42.75
C PRO C 228 -30.52 -15.29 42.95
N ALA C 229 -30.16 -14.87 44.18
CA ALA C 229 -29.83 -13.48 44.41
C ALA C 229 -28.66 -12.96 43.58
N GLU C 230 -27.72 -13.85 43.28
CA GLU C 230 -26.51 -13.50 42.53
C GLU C 230 -26.82 -13.31 41.06
N TYR C 231 -27.78 -14.08 40.53
CA TYR C 231 -28.36 -13.76 39.24
C TYR C 231 -29.05 -12.42 39.25
N ALA C 232 -29.87 -12.22 40.28
CA ALA C 232 -30.59 -10.96 40.44
C ALA C 232 -29.70 -9.73 40.50
N MET C 233 -28.56 -9.85 41.19
CA MET C 233 -27.59 -8.77 41.31
C MET C 233 -27.11 -8.30 39.94
N LEU C 234 -26.87 -9.27 39.05
CA LEU C 234 -26.44 -8.95 37.72
C LEU C 234 -27.53 -8.31 36.88
N VAL C 235 -28.76 -8.80 36.97
CA VAL C 235 -29.89 -8.12 36.33
C VAL C 235 -29.93 -6.64 36.76
N ARG C 236 -29.73 -6.38 38.06
CA ARG C 236 -29.79 -5.00 38.55
C ARG C 236 -28.67 -4.16 37.94
N GLN C 237 -27.47 -4.75 37.84
CA GLN C 237 -26.38 -4.04 37.20
C GLN C 237 -26.71 -3.69 35.76
N ILE C 238 -27.30 -4.65 35.03
CA ILE C 238 -27.69 -4.38 33.66
C ILE C 238 -28.66 -3.21 33.59
N PHE C 239 -29.66 -3.21 34.45
CA PHE C 239 -30.58 -2.07 34.44
C PHE C 239 -29.91 -0.77 34.73
N GLU C 240 -28.96 -0.79 35.65
CA GLU C 240 -28.33 0.44 36.15
C GLU C 240 -27.14 0.91 35.36
N ASN C 241 -26.60 0.11 34.43
CA ASN C 241 -25.44 0.53 33.66
C ASN C 241 -25.81 0.88 32.23
N PRO C 242 -25.82 2.18 31.88
CA PRO C 242 -26.30 2.52 30.55
C PRO C 242 -25.45 2.03 29.38
N MET C 243 -24.23 1.59 29.62
CA MET C 243 -23.34 1.13 28.54
C MET C 243 -23.46 -0.37 28.29
N LEU C 244 -24.22 -1.12 29.09
CA LEU C 244 -24.34 -2.55 28.84
C LEU C 244 -25.41 -2.81 27.77
N ASN C 245 -25.01 -3.23 26.58
CA ASN C 245 -25.97 -3.47 25.52
C ASN C 245 -25.43 -4.46 24.52
N GLY C 246 -26.32 -5.29 24.04
CA GLY C 246 -26.01 -6.22 22.98
C GLY C 246 -25.03 -7.33 23.31
N GLU C 247 -24.91 -7.70 24.58
CA GLU C 247 -23.88 -8.62 25.06
C GLU C 247 -24.48 -9.75 25.87
N VAL C 248 -23.75 -10.84 25.94
CA VAL C 248 -24.10 -12.02 26.70
C VAL C 248 -23.04 -12.17 27.79
N ILE C 249 -23.45 -12.30 29.07
CA ILE C 249 -22.55 -12.37 30.19
C ILE C 249 -22.67 -13.76 30.83
N ARG C 250 -21.59 -14.53 30.80
CA ARG C 250 -21.55 -15.80 31.59
C ARG C 250 -21.47 -15.49 33.07
N LEU C 251 -22.32 -16.18 33.83
CA LEU C 251 -22.39 -16.02 35.27
C LEU C 251 -22.32 -17.43 35.86
N ASP C 252 -21.09 -17.90 36.17
CA ASP C 252 -20.87 -19.34 36.26
C ASP C 252 -19.67 -19.83 37.06
N GLY C 253 -19.04 -18.95 37.84
CA GLY C 253 -17.94 -19.37 38.66
C GLY C 253 -16.76 -19.91 37.88
N ALA C 254 -16.67 -19.51 36.60
CA ALA C 254 -15.66 -19.96 35.66
C ALA C 254 -15.74 -21.42 35.24
N ILE C 255 -16.84 -22.10 35.50
CA ILE C 255 -17.00 -23.50 35.09
C ILE C 255 -17.08 -23.57 33.57
N ARG C 256 -16.60 -24.68 33.01
CA ARG C 256 -16.84 -25.04 31.61
C ARG C 256 -17.38 -26.46 31.63
N MET C 257 -18.57 -26.66 31.08
CA MET C 257 -19.27 -27.95 31.23
C MET C 257 -18.65 -29.00 30.32
N GLN C 258 -18.36 -30.15 30.91
CA GLN C 258 -17.79 -31.30 30.25
C GLN C 258 -18.94 -32.06 29.55
N PRO C 259 -18.60 -33.02 28.67
CA PRO C 259 -19.66 -33.82 28.02
C PRO C 259 -20.62 -34.50 29.01
N LYS C 260 -20.07 -35.03 30.10
CA LYS C 260 -20.86 -35.67 31.18
C LYS C 260 -20.57 -35.00 32.50
N HIS D 7 -10.84 -21.46 -10.17
CA HIS D 7 -11.53 -22.12 -9.02
C HIS D 7 -10.78 -21.93 -7.71
N HIS D 8 -9.45 -21.97 -7.75
CA HIS D 8 -8.64 -21.60 -6.57
C HIS D 8 -7.15 -21.39 -6.79
N MET D 9 -6.53 -20.72 -5.81
CA MET D 9 -5.10 -20.50 -5.85
C MET D 9 -4.44 -21.86 -5.87
N GLU D 10 -3.52 -22.03 -6.83
CA GLU D 10 -2.81 -23.28 -7.01
C GLU D 10 -1.62 -23.30 -6.07
N ILE D 11 -1.43 -24.43 -5.42
CA ILE D 11 -0.21 -24.70 -4.66
C ILE D 11 0.94 -24.98 -5.63
N ARG D 12 0.68 -25.80 -6.66
CA ARG D 12 1.72 -26.17 -7.63
C ARG D 12 2.55 -24.98 -8.13
N ASP D 13 3.88 -25.10 -8.01
CA ASP D 13 4.90 -24.12 -8.48
C ASP D 13 5.16 -22.91 -7.59
N ASN D 14 4.28 -22.64 -6.65
CA ASN D 14 4.40 -21.45 -5.78
C ASN D 14 5.25 -21.81 -4.55
N VAL D 15 5.76 -20.76 -3.88
CA VAL D 15 6.63 -20.91 -2.72
C VAL D 15 5.89 -20.66 -1.42
N PHE D 16 6.18 -21.52 -0.44
CA PHE D 16 5.53 -21.52 0.87
C PHE D 16 6.60 -21.49 1.96
N LEU D 17 6.57 -20.46 2.78
CA LEU D 17 7.50 -20.25 3.87
C LEU D 17 6.84 -20.79 5.13
N ILE D 18 7.46 -21.79 5.72
CA ILE D 18 6.89 -22.47 6.88
C ILE D 18 7.80 -22.35 8.09
N THR D 19 7.37 -21.58 9.10
CA THR D 19 8.16 -21.44 10.34
C THR D 19 7.86 -22.64 11.21
N GLY D 20 8.84 -23.08 11.99
CA GLY D 20 8.66 -24.33 12.75
C GLY D 20 8.69 -25.53 11.80
N GLY D 21 9.25 -25.33 10.64
CA GLY D 21 9.12 -26.31 9.57
C GLY D 21 10.01 -27.53 9.72
N ALA D 22 10.86 -27.55 10.74
CA ALA D 22 11.75 -28.72 10.95
C ALA D 22 11.06 -29.89 11.67
N SER D 23 9.87 -29.67 12.24
CA SER D 23 9.29 -30.62 13.17
C SER D 23 7.77 -30.57 13.09
N GLY D 24 7.11 -31.65 13.53
CA GLY D 24 5.73 -31.57 13.95
C GLY D 24 4.77 -31.05 12.85
N LEU D 25 3.93 -30.08 13.20
CA LEU D 25 2.95 -29.56 12.31
C LEU D 25 3.55 -28.84 11.11
N GLY D 26 4.64 -28.10 11.32
CA GLY D 26 5.29 -27.36 10.21
C GLY D 26 5.87 -28.34 9.21
N ALA D 27 6.49 -29.38 9.75
CA ALA D 27 7.04 -30.44 8.90
C ALA D 27 5.98 -31.14 8.08
N GLY D 28 4.87 -31.50 8.72
CA GLY D 28 3.74 -32.12 8.06
C GLY D 28 3.17 -31.28 6.93
N THR D 29 3.08 -29.98 7.20
CA THR D 29 2.59 -29.02 6.24
C THR D 29 3.54 -28.97 5.03
N ALA D 30 4.82 -28.97 5.33
CA ALA D 30 5.86 -28.93 4.28
C ALA D 30 5.76 -30.09 3.36
N ARG D 31 5.54 -31.27 3.93
CA ARG D 31 5.41 -32.50 3.15
CA ARG D 31 5.41 -32.51 3.16
C ARG D 31 4.21 -32.44 2.24
N LEU D 32 3.06 -32.05 2.78
CA LEU D 32 1.85 -32.02 1.98
CA LEU D 32 1.85 -32.02 1.97
C LEU D 32 1.93 -30.96 0.87
N LEU D 33 2.43 -29.77 1.22
CA LEU D 33 2.55 -28.71 0.21
C LEU D 33 3.51 -29.10 -0.92
N THR D 34 4.58 -29.82 -0.60
CA THR D 34 5.52 -30.31 -1.57
C THR D 34 4.84 -31.35 -2.48
N GLU D 35 4.09 -32.27 -1.89
CA GLU D 35 3.33 -33.28 -2.67
C GLU D 35 2.32 -32.65 -3.61
N ALA D 36 1.82 -31.48 -3.26
CA ALA D 36 0.93 -30.71 -4.13
C ALA D 36 1.66 -29.90 -5.19
N GLY D 37 2.99 -29.97 -5.22
CA GLY D 37 3.82 -29.25 -6.20
C GLY D 37 4.37 -27.90 -5.77
N GLY D 38 4.17 -27.55 -4.51
CA GLY D 38 4.72 -26.33 -3.96
C GLY D 38 6.21 -26.48 -3.63
N LYS D 39 6.90 -25.34 -3.55
CA LYS D 39 8.29 -25.31 -3.16
C LYS D 39 8.30 -24.71 -1.79
N VAL D 40 9.01 -25.34 -0.86
CA VAL D 40 9.00 -24.89 0.52
C VAL D 40 10.33 -24.31 0.99
N VAL D 41 10.21 -23.24 1.77
CA VAL D 41 11.28 -22.72 2.64
C VAL D 41 10.93 -23.04 4.09
N LEU D 42 11.81 -23.78 4.76
CA LEU D 42 11.61 -24.17 6.12
C LEU D 42 12.43 -23.23 6.98
N ALA D 43 11.79 -22.54 7.92
CA ALA D 43 12.48 -21.57 8.79
C ALA D 43 12.38 -22.08 10.24
N ASP D 44 13.51 -22.39 10.86
CA ASP D 44 13.49 -23.07 12.15
C ASP D 44 14.81 -22.80 12.85
N LEU D 45 14.82 -23.00 14.16
CA LEU D 45 16.08 -22.97 14.94
C LEU D 45 16.95 -24.21 14.70
N ASN D 46 16.30 -25.32 14.31
CA ASN D 46 16.90 -26.64 14.23
C ASN D 46 17.53 -26.91 12.85
N GLN D 47 18.83 -26.62 12.74
CA GLN D 47 19.64 -26.76 11.50
CA GLN D 47 19.57 -26.76 11.48
C GLN D 47 19.61 -28.19 10.95
N ASP D 48 19.80 -29.13 11.86
CA ASP D 48 20.05 -30.49 11.50
C ASP D 48 18.80 -31.13 10.94
N ALA D 49 17.68 -30.98 11.66
CA ALA D 49 16.42 -31.51 11.19
C ALA D 49 15.87 -30.69 10.00
N GLY D 50 16.04 -29.37 10.04
CA GLY D 50 15.56 -28.52 8.97
C GLY D 50 16.24 -28.75 7.62
N GLU D 51 17.56 -28.81 7.61
CA GLU D 51 18.32 -29.07 6.36
C GLU D 51 18.04 -30.45 5.75
N ALA D 52 17.90 -31.47 6.59
CA ALA D 52 17.49 -32.80 6.15
C ALA D 52 16.15 -32.80 5.48
N LEU D 53 15.14 -32.20 6.14
CA LEU D 53 13.81 -32.23 5.57
C LEU D 53 13.77 -31.40 4.29
N ALA D 54 14.44 -30.24 4.27
CA ALA D 54 14.45 -29.38 3.08
C ALA D 54 15.10 -30.12 1.90
N ARG D 55 16.16 -30.85 2.20
CA ARG D 55 16.83 -31.70 1.20
C ARG D 55 15.86 -32.75 0.66
N GLU D 56 15.22 -33.49 1.57
CA GLU D 56 14.23 -34.50 1.22
C GLU D 56 13.10 -33.97 0.33
N LEU D 57 12.66 -32.73 0.58
CA LEU D 57 11.55 -32.13 -0.13
C LEU D 57 11.98 -31.23 -1.29
N GLY D 58 13.29 -31.09 -1.53
CA GLY D 58 13.77 -30.24 -2.60
C GLY D 58 13.48 -28.76 -2.40
N GLY D 59 13.38 -28.36 -1.13
CA GLY D 59 13.19 -26.97 -0.74
C GLY D 59 14.45 -26.38 -0.16
N VAL D 60 14.29 -25.32 0.62
CA VAL D 60 15.39 -24.59 1.18
C VAL D 60 15.18 -24.48 2.69
N PHE D 61 16.26 -24.58 3.44
CA PHE D 61 16.20 -24.33 4.87
C PHE D 61 16.90 -23.03 5.20
N VAL D 62 16.31 -22.28 6.12
CA VAL D 62 16.90 -21.05 6.65
CA VAL D 62 16.94 -21.07 6.65
C VAL D 62 16.87 -21.13 8.17
N ARG D 63 18.04 -20.99 8.81
CA ARG D 63 18.05 -20.95 10.25
C ARG D 63 17.44 -19.59 10.64
N CYS D 64 16.37 -19.63 11.38
CA CYS D 64 15.52 -18.43 11.63
C CYS D 64 14.94 -18.53 13.02
N ASP D 65 15.28 -17.55 13.87
CA ASP D 65 14.56 -17.27 15.13
C ASP D 65 13.50 -16.26 14.77
N VAL D 66 12.23 -16.69 14.79
CA VAL D 66 11.13 -15.85 14.32
C VAL D 66 10.98 -14.53 15.07
N ALA D 67 11.56 -14.44 16.26
CA ALA D 67 11.51 -13.21 17.04
C ALA D 67 12.47 -12.13 16.53
N ARG D 68 13.43 -12.48 15.69
CA ARG D 68 14.48 -11.56 15.24
C ARG D 68 14.13 -10.96 13.90
N GLU D 69 14.10 -9.63 13.81
CA GLU D 69 13.86 -8.97 12.52
C GLU D 69 14.74 -9.50 11.38
N GLU D 70 16.04 -9.59 11.61
CA GLU D 70 16.97 -9.95 10.54
C GLU D 70 16.76 -11.38 10.07
N ASP D 71 16.30 -12.26 10.97
CA ASP D 71 16.03 -13.63 10.62
C ASP D 71 14.75 -13.73 9.76
N ALA D 72 13.74 -12.95 10.13
CA ALA D 72 12.52 -12.85 9.35
C ALA D 72 12.82 -12.37 7.94
N GLN D 73 13.65 -11.33 7.82
CA GLN D 73 14.02 -10.79 6.53
C GLN D 73 14.77 -11.85 5.71
N ALA D 74 15.69 -12.57 6.34
CA ALA D 74 16.43 -13.59 5.61
C ALA D 74 15.55 -14.73 5.11
N ALA D 75 14.60 -15.16 5.94
CA ALA D 75 13.71 -16.23 5.54
C ALA D 75 12.79 -15.82 4.38
N VAL D 76 12.23 -14.61 4.44
CA VAL D 76 11.44 -14.10 3.35
C VAL D 76 12.25 -13.91 2.08
N ALA D 77 13.47 -13.44 2.24
CA ALA D 77 14.36 -13.29 1.12
C ALA D 77 14.65 -14.64 0.43
N ALA D 78 14.88 -15.69 1.22
CA ALA D 78 15.10 -17.02 0.69
C ALA D 78 13.92 -17.43 -0.13
N ALA D 79 12.71 -17.10 0.34
CA ALA D 79 11.52 -17.48 -0.36
C ALA D 79 11.38 -16.74 -1.69
N THR D 80 11.61 -15.43 -1.70
CA THR D 80 11.41 -14.63 -2.93
C THR D 80 12.46 -14.96 -3.97
N LYS D 81 13.65 -15.36 -3.53
CA LYS D 81 14.68 -15.89 -4.43
C LYS D 81 14.26 -17.21 -5.11
N LEU D 82 13.63 -18.09 -4.35
CA LEU D 82 13.21 -19.40 -4.84
C LEU D 82 12.06 -19.33 -5.84
N GLY D 83 11.25 -18.29 -5.76
CA GLY D 83 10.06 -18.14 -6.63
C GLY D 83 9.06 -17.12 -6.10
N THR D 84 7.78 -17.29 -6.44
CA THR D 84 6.75 -16.36 -6.00
C THR D 84 6.23 -16.86 -4.66
N LEU D 85 6.43 -16.04 -3.63
CA LEU D 85 5.95 -16.32 -2.28
C LEU D 85 4.46 -16.15 -2.22
N ARG D 86 3.73 -17.24 -2.08
CA ARG D 86 2.27 -17.20 -2.02
C ARG D 86 1.68 -17.59 -0.68
N GLY D 87 2.48 -18.19 0.21
CA GLY D 87 1.97 -18.66 1.49
C GLY D 87 3.00 -18.52 2.58
N LEU D 88 2.55 -18.05 3.75
CA LEU D 88 3.28 -18.15 5.02
C LEU D 88 2.47 -19.03 5.96
N VAL D 89 3.12 -20.01 6.58
CA VAL D 89 2.51 -20.84 7.62
C VAL D 89 3.35 -20.72 8.86
N ASN D 90 2.76 -20.10 9.89
CA ASN D 90 3.46 -19.92 11.17
C ASN D 90 3.20 -21.08 12.10
N CYS D 91 4.17 -21.95 12.29
CA CYS D 91 4.11 -23.06 13.25
C CYS D 91 5.17 -22.96 14.33
N ALA D 92 6.14 -22.06 14.21
CA ALA D 92 7.14 -21.90 15.29
C ALA D 92 6.46 -21.54 16.59
N GLY D 93 6.76 -22.28 17.65
CA GLY D 93 6.11 -21.98 18.94
C GLY D 93 6.62 -22.89 20.02
N ILE D 94 6.41 -22.47 21.25
CA ILE D 94 6.79 -23.20 22.45
C ILE D 94 5.61 -23.21 23.40
N ALA D 95 5.58 -24.19 24.30
CA ALA D 95 4.42 -24.36 25.19
C ALA D 95 4.86 -24.70 26.62
N PRO D 96 5.55 -23.78 27.31
CA PRO D 96 5.88 -23.96 28.73
C PRO D 96 4.64 -24.03 29.61
N ALA D 97 4.84 -24.58 30.79
CA ALA D 97 3.79 -24.68 31.80
C ALA D 97 4.28 -24.05 33.08
N ALA D 98 3.46 -23.18 33.65
CA ALA D 98 3.75 -22.60 34.96
C ALA D 98 2.50 -21.89 35.48
N LYS D 99 2.18 -22.12 36.74
CA LYS D 99 0.99 -21.48 37.35
C LYS D 99 1.25 -20.01 37.69
N THR D 100 0.17 -19.22 37.68
CA THR D 100 0.24 -17.82 38.02
C THR D 100 0.88 -17.65 39.39
N VAL D 101 0.49 -18.48 40.35
CA VAL D 101 1.15 -18.53 41.66
C VAL D 101 1.58 -19.97 41.86
N GLY D 102 2.89 -20.19 41.88
CA GLY D 102 3.48 -21.51 42.13
C GLY D 102 3.81 -21.75 43.60
N LYS D 103 4.34 -22.94 43.87
CA LYS D 103 4.89 -23.33 45.18
C LYS D 103 5.91 -22.33 45.68
N ASP D 104 6.77 -21.90 44.78
CA ASP D 104 7.91 -21.06 45.12
C ASP D 104 7.72 -19.56 44.88
N GLY D 105 6.51 -19.16 44.49
CA GLY D 105 6.19 -17.75 44.28
C GLY D 105 5.46 -17.56 42.96
N PRO D 106 5.31 -16.31 42.54
CA PRO D 106 4.62 -16.03 41.28
C PRO D 106 5.36 -16.60 40.08
N HIS D 107 4.59 -16.97 39.07
CA HIS D 107 5.09 -17.26 37.74
C HIS D 107 6.26 -16.32 37.38
N PRO D 108 7.36 -16.88 36.93
CA PRO D 108 8.46 -15.97 36.55
C PRO D 108 8.09 -15.07 35.40
N LEU D 109 8.44 -13.82 35.48
CA LEU D 109 8.10 -12.87 34.43
C LEU D 109 8.79 -13.24 33.12
N GLU D 110 10.06 -13.63 33.19
CA GLU D 110 10.76 -13.89 31.94
C GLU D 110 10.15 -15.08 31.15
N LEU D 111 9.60 -16.07 31.85
CA LEU D 111 9.00 -17.20 31.17
C LEU D 111 7.77 -16.72 30.42
N PHE D 112 6.95 -15.87 31.05
CA PHE D 112 5.81 -15.30 30.36
C PHE D 112 6.26 -14.49 29.13
N ALA D 113 7.23 -13.60 29.33
CA ALA D 113 7.71 -12.76 28.23
C ALA D 113 8.28 -13.62 27.07
N LYS D 114 8.95 -14.69 27.41
CA LYS D 114 9.59 -15.54 26.41
C LYS D 114 8.52 -16.24 25.57
N THR D 115 7.51 -16.82 26.22
CA THR D 115 6.38 -17.43 25.51
C THR D 115 5.67 -16.45 24.56
N ILE D 116 5.42 -15.25 25.07
CA ILE D 116 4.79 -14.21 24.28
CA ILE D 116 4.79 -14.21 24.28
C ILE D 116 5.69 -13.81 23.12
N THR D 117 7.00 -13.73 23.36
CA THR D 117 7.93 -13.27 22.32
C THR D 117 8.05 -14.27 21.15
N VAL D 118 8.17 -15.55 21.47
CA VAL D 118 8.26 -16.57 20.41
C VAL D 118 6.94 -16.71 19.68
N ASN D 119 5.87 -16.84 20.45
CA ASN D 119 4.63 -17.31 19.85
C ASN D 119 3.83 -16.20 19.21
N LEU D 120 3.80 -15.03 19.85
CA LEU D 120 2.99 -13.94 19.41
C LEU D 120 3.80 -12.90 18.66
N ILE D 121 4.84 -12.34 19.32
CA ILE D 121 5.67 -11.33 18.64
C ILE D 121 6.34 -11.98 17.39
N GLY D 122 6.81 -13.21 17.54
CA GLY D 122 7.46 -13.94 16.45
C GLY D 122 6.57 -14.17 15.26
N THR D 123 5.32 -14.59 15.55
CA THR D 123 4.35 -14.77 14.50
C THR D 123 4.07 -13.42 13.81
N PHE D 124 3.86 -12.35 14.56
CA PHE D 124 3.66 -11.07 13.92
C PHE D 124 4.86 -10.61 13.08
N ASN D 125 6.06 -10.87 13.59
CA ASN D 125 7.28 -10.46 12.90
C ASN D 125 7.35 -11.14 11.53
N MET D 126 7.05 -12.43 11.48
CA MET D 126 7.02 -13.16 10.20
C MET D 126 5.92 -12.64 9.29
N ILE D 127 4.74 -12.39 9.85
CA ILE D 127 3.62 -11.91 9.06
C ILE D 127 3.97 -10.57 8.39
N ARG D 128 4.48 -9.60 9.16
CA ARG D 128 4.67 -8.26 8.60
C ARG D 128 5.67 -8.24 7.43
N VAL D 129 6.70 -9.06 7.53
CA VAL D 129 7.76 -9.10 6.54
C VAL D 129 7.27 -9.86 5.31
N ALA D 130 6.62 -10.98 5.57
CA ALA D 130 6.10 -11.82 4.48
C ALA D 130 4.98 -11.06 3.76
N ALA D 131 4.11 -10.36 4.48
CA ALA D 131 3.04 -9.59 3.85
C ALA D 131 3.57 -8.48 2.94
N ALA D 132 4.61 -7.80 3.38
CA ALA D 132 5.24 -6.76 2.59
C ALA D 132 5.75 -7.34 1.25
N ALA D 133 6.34 -8.53 1.30
CA ALA D 133 6.83 -9.18 0.10
C ALA D 133 5.69 -9.64 -0.77
N MET D 134 4.68 -10.27 -0.15
CA MET D 134 3.47 -10.70 -0.92
C MET D 134 2.76 -9.55 -1.59
N ALA D 135 2.76 -8.37 -0.96
CA ALA D 135 2.06 -7.20 -1.51
C ALA D 135 2.66 -6.73 -2.84
N ALA D 136 3.93 -7.03 -3.08
CA ALA D 136 4.62 -6.74 -4.34
C ALA D 136 4.34 -7.73 -5.47
N ASN D 137 3.69 -8.87 -5.18
CA ASN D 137 3.35 -9.89 -6.19
C ASN D 137 2.23 -9.40 -7.11
N GLU D 138 2.20 -9.96 -8.31
CA GLU D 138 0.99 -9.91 -9.14
C GLU D 138 -0.02 -10.87 -8.55
N PRO D 139 -1.32 -10.53 -8.61
CA PRO D 139 -2.32 -11.45 -8.11
C PRO D 139 -2.36 -12.74 -8.89
N ALA D 140 -2.66 -13.84 -8.21
CA ALA D 140 -2.91 -15.12 -8.85
C ALA D 140 -4.22 -15.03 -9.61
N PRO D 141 -4.51 -16.03 -10.49
CA PRO D 141 -5.73 -15.90 -11.28
C PRO D 141 -7.02 -15.79 -10.46
N THR D 142 -7.07 -16.41 -9.27
CA THR D 142 -8.21 -16.26 -8.37
C THR D 142 -8.24 -14.98 -7.56
N GLY D 143 -7.17 -14.17 -7.63
CA GLY D 143 -7.19 -12.81 -7.12
C GLY D 143 -6.19 -12.55 -5.99
N GLU D 144 -5.73 -13.61 -5.34
CA GLU D 144 -4.89 -13.46 -4.14
C GLU D 144 -3.47 -13.12 -4.56
N ARG D 145 -2.85 -12.21 -3.83
CA ARG D 145 -1.40 -12.05 -3.89
C ARG D 145 -0.70 -13.04 -2.98
N GLY D 146 -1.39 -13.47 -1.93
CA GLY D 146 -0.85 -14.48 -1.03
C GLY D 146 -1.83 -14.80 0.08
N VAL D 147 -1.47 -15.78 0.91
CA VAL D 147 -2.31 -16.24 2.03
C VAL D 147 -1.40 -16.49 3.22
N ILE D 148 -1.81 -16.01 4.40
CA ILE D 148 -1.06 -16.21 5.62
C ILE D 148 -1.91 -17.08 6.56
N VAL D 149 -1.29 -18.14 7.07
CA VAL D 149 -1.94 -19.03 8.02
C VAL D 149 -1.08 -19.06 9.28
N SER D 150 -1.70 -18.82 10.44
CA SER D 150 -1.00 -18.92 11.72
C SER D 150 -1.62 -19.97 12.60
N THR D 151 -0.83 -20.42 13.57
CA THR D 151 -1.22 -21.47 14.51
C THR D 151 -1.46 -20.89 15.89
N ALA D 152 -2.72 -20.98 16.34
CA ALA D 152 -3.06 -20.59 17.72
C ALA D 152 -3.05 -21.90 18.49
N SER D 153 -4.15 -22.22 19.19
CA SER D 153 -4.29 -23.41 19.95
C SER D 153 -5.67 -23.35 20.54
N VAL D 154 -6.24 -24.51 20.90
CA VAL D 154 -7.49 -24.47 21.71
C VAL D 154 -7.25 -23.79 23.06
N ALA D 155 -5.99 -23.67 23.50
CA ALA D 155 -5.66 -22.91 24.72
C ALA D 155 -6.01 -21.42 24.62
N ALA D 156 -6.23 -20.91 23.40
CA ALA D 156 -6.70 -19.55 23.24
C ALA D 156 -8.05 -19.38 23.89
N PHE D 157 -8.80 -20.49 23.97
CA PHE D 157 -10.19 -20.50 24.46
C PHE D 157 -10.39 -21.33 25.71
N ASP D 158 -9.59 -22.39 25.87
CA ASP D 158 -9.81 -23.41 26.91
C ASP D 158 -8.56 -23.49 27.82
N GLY D 159 -7.89 -22.38 28.07
CA GLY D 159 -6.62 -22.43 28.78
C GLY D 159 -6.71 -23.15 30.08
N GLN D 160 -5.77 -24.09 30.31
CA GLN D 160 -5.74 -24.94 31.47
C GLN D 160 -4.89 -24.32 32.57
N ILE D 161 -4.96 -24.92 33.74
CA ILE D 161 -4.07 -24.57 34.84
C ILE D 161 -2.64 -24.69 34.31
N GLY D 162 -1.83 -23.68 34.57
CA GLY D 162 -0.43 -23.67 34.11
C GLY D 162 -0.19 -23.15 32.70
N GLN D 163 -1.27 -22.86 31.96
CA GLN D 163 -1.20 -22.36 30.61
C GLN D 163 -1.41 -20.89 30.42
N ALA D 164 -1.31 -20.06 31.47
CA ALA D 164 -1.59 -18.63 31.29
C ALA D 164 -0.74 -17.99 30.19
N ALA D 165 0.57 -18.28 30.19
CA ALA D 165 1.43 -17.66 29.19
C ALA D 165 1.12 -18.17 27.76
N TYR D 166 1.01 -19.48 27.60
CA TYR D 166 0.73 -20.09 26.31
C TYR D 166 -0.65 -19.57 25.81
N ALA D 167 -1.63 -19.60 26.68
CA ALA D 167 -3.01 -19.15 26.33
C ALA D 167 -3.03 -17.67 25.94
N ALA D 168 -2.32 -16.80 26.70
CA ALA D 168 -2.20 -15.38 26.29
C ALA D 168 -1.62 -15.25 24.90
N SER D 169 -0.54 -15.99 24.62
CA SER D 169 0.12 -15.88 23.37
C SER D 169 -0.75 -16.35 22.21
N LYS D 170 -1.47 -17.44 22.43
CA LYS D 170 -2.26 -18.05 21.38
C LYS D 170 -3.59 -17.28 21.14
N ALA D 171 -4.18 -16.80 22.23
CA ALA D 171 -5.30 -15.84 22.15
C ALA D 171 -4.90 -14.59 21.39
N GLY D 172 -3.70 -14.10 21.62
CA GLY D 172 -3.16 -12.96 20.82
C GLY D 172 -3.14 -13.25 19.32
N VAL D 173 -2.59 -14.41 18.98
CA VAL D 173 -2.54 -14.84 17.59
C VAL D 173 -3.93 -14.92 17.01
N ALA D 174 -4.86 -15.58 17.74
CA ALA D 174 -6.21 -15.70 17.26
C ALA D 174 -6.88 -14.35 17.07
N GLY D 175 -6.72 -13.47 18.05
CA GLY D 175 -7.40 -12.18 18.03
C GLY D 175 -6.90 -11.19 16.96
N MET D 176 -5.64 -11.30 16.52
CA MET D 176 -5.12 -10.41 15.51
C MET D 176 -5.46 -10.84 14.09
N THR D 177 -6.06 -12.01 13.94
CA THR D 177 -6.40 -12.53 12.59
C THR D 177 -7.29 -11.54 11.84
N LEU D 178 -8.31 -11.05 12.50
CA LEU D 178 -9.24 -10.13 11.86
C LEU D 178 -8.63 -8.77 11.47
N PRO D 179 -7.99 -8.05 12.42
CA PRO D 179 -7.40 -6.79 11.98
C PRO D 179 -6.32 -6.93 10.92
N ILE D 180 -5.55 -8.02 10.96
CA ILE D 180 -4.54 -8.21 9.91
C ILE D 180 -5.24 -8.52 8.56
N ALA D 181 -6.28 -9.31 8.58
CA ALA D 181 -7.06 -9.53 7.36
C ALA D 181 -7.58 -8.19 6.81
N ARG D 182 -8.11 -7.35 7.68
CA ARG D 182 -8.60 -6.06 7.30
C ARG D 182 -7.47 -5.20 6.74
N ASP D 183 -6.32 -5.21 7.42
CA ASP D 183 -5.15 -4.40 6.99
C ASP D 183 -4.73 -4.78 5.54
N LEU D 184 -4.78 -6.07 5.23
CA LEU D 184 -4.19 -6.62 4.00
C LEU D 184 -5.22 -6.87 2.91
N SER D 185 -6.47 -6.49 3.17
CA SER D 185 -7.51 -6.75 2.20
C SER D 185 -7.27 -6.00 0.87
N ARG D 186 -6.76 -4.78 0.96
CA ARG D 186 -6.34 -4.04 -0.26
C ARG D 186 -5.19 -4.69 -1.01
N ASN D 187 -4.34 -5.42 -0.32
CA ASN D 187 -3.26 -6.17 -0.93
C ASN D 187 -3.67 -7.52 -1.46
N ALA D 188 -4.94 -7.91 -1.28
CA ALA D 188 -5.42 -9.21 -1.71
C ALA D 188 -4.65 -10.37 -1.02
N ILE D 189 -4.38 -10.21 0.27
CA ILE D 189 -3.78 -11.29 1.07
C ILE D 189 -4.80 -11.74 2.11
N ARG D 190 -5.16 -13.01 2.07
CA ARG D 190 -6.01 -13.60 3.08
C ARG D 190 -5.22 -14.02 4.31
N VAL D 191 -5.86 -13.95 5.48
CA VAL D 191 -5.20 -14.18 6.74
C VAL D 191 -6.13 -15.08 7.58
N MET D 192 -5.61 -16.21 8.01
CA MET D 192 -6.39 -17.21 8.72
C MET D 192 -5.57 -17.77 9.86
N THR D 193 -6.27 -18.43 10.77
CA THR D 193 -5.64 -19.07 11.93
C THR D 193 -6.30 -20.41 12.19
N ILE D 194 -5.46 -21.40 12.48
CA ILE D 194 -5.90 -22.73 12.91
C ILE D 194 -5.59 -22.80 14.40
N ALA D 195 -6.55 -23.32 15.18
CA ALA D 195 -6.40 -23.52 16.61
C ALA D 195 -6.42 -25.03 16.82
N PRO D 196 -5.24 -25.71 16.79
CA PRO D 196 -5.28 -27.14 17.05
C PRO D 196 -5.57 -27.55 18.49
N GLY D 197 -6.14 -28.74 18.62
CA GLY D 197 -6.34 -29.39 19.92
C GLY D 197 -5.08 -30.05 20.45
N ILE D 198 -4.99 -31.35 20.28
CA ILE D 198 -3.81 -32.09 20.74
C ILE D 198 -3.32 -32.96 19.59
N PHE D 199 -2.06 -32.77 19.22
CA PHE D 199 -1.50 -33.43 18.05
C PHE D 199 -0.24 -34.16 18.47
N GLU D 200 -0.03 -35.31 17.86
CA GLU D 200 1.18 -36.12 18.12
C GLU D 200 2.40 -35.52 17.41
N THR D 201 3.15 -34.72 18.14
CA THR D 201 4.40 -34.13 17.67
C THR D 201 5.42 -34.09 18.80
N PRO D 202 6.67 -33.68 18.48
CA PRO D 202 7.67 -33.54 19.55
C PRO D 202 7.35 -32.51 20.63
N MET D 203 6.38 -31.61 20.40
CA MET D 203 5.91 -30.74 21.50
C MET D 203 5.44 -31.54 22.71
N LEU D 204 4.99 -32.79 22.52
CA LEU D 204 4.59 -33.66 23.64
C LEU D 204 5.75 -34.48 24.20
N LEU D 205 6.99 -34.21 23.80
CA LEU D 205 8.12 -34.88 24.42
C LEU D 205 8.13 -34.54 25.91
N GLY D 206 8.31 -35.54 26.76
CA GLY D 206 8.20 -35.31 28.23
C GLY D 206 6.91 -35.87 28.81
N MET D 207 5.78 -35.67 28.11
CA MET D 207 4.52 -36.33 28.45
C MET D 207 4.66 -37.83 28.16
N PRO D 208 4.62 -38.69 29.21
CA PRO D 208 4.89 -40.11 28.94
C PRO D 208 3.72 -40.75 28.21
N GLN D 209 3.97 -41.92 27.61
CA GLN D 209 3.04 -42.51 26.66
C GLN D 209 1.63 -42.78 27.22
N GLU D 210 1.54 -43.29 28.45
CA GLU D 210 0.25 -43.54 29.11
C GLU D 210 -0.59 -42.29 29.22
N VAL D 211 0.05 -41.16 29.54
CA VAL D 211 -0.60 -39.86 29.66
C VAL D 211 -1.08 -39.31 28.30
N GLN D 212 -0.28 -39.50 27.25
CA GLN D 212 -0.70 -39.17 25.87
C GLN D 212 -1.90 -40.00 25.41
N ASP D 213 -1.87 -41.30 25.70
CA ASP D 213 -2.99 -42.20 25.34
C ASP D 213 -4.26 -41.85 26.11
N ALA D 214 -4.11 -41.56 27.39
CA ALA D 214 -5.24 -41.10 28.20
C ALA D 214 -5.84 -39.83 27.62
N LEU D 215 -4.97 -38.92 27.18
CA LEU D 215 -5.41 -37.66 26.58
C LEU D 215 -6.17 -37.89 25.26
N GLY D 216 -5.59 -38.70 24.38
CA GLY D 216 -6.29 -39.16 23.17
C GLY D 216 -7.67 -39.69 23.47
N ALA D 217 -7.80 -40.50 24.51
CA ALA D 217 -9.10 -41.08 24.89
C ALA D 217 -10.12 -40.06 25.40
N MET D 218 -9.68 -38.86 25.76
CA MET D 218 -10.58 -37.77 26.12
C MET D 218 -11.11 -37.02 24.90
N VAL D 219 -10.54 -37.22 23.72
CA VAL D 219 -11.03 -36.51 22.52
C VAL D 219 -12.31 -37.18 22.05
N PRO D 220 -13.43 -36.43 21.95
CA PRO D 220 -14.71 -37.07 21.58
C PRO D 220 -14.69 -37.91 20.31
N PHE D 221 -14.27 -37.33 19.19
CA PHE D 221 -14.02 -38.13 18.02
C PHE D 221 -13.14 -37.38 17.05
N PRO D 222 -12.06 -38.00 16.55
CA PRO D 222 -11.56 -39.34 16.84
C PRO D 222 -10.84 -39.41 18.20
N PRO D 223 -10.97 -40.55 18.92
CA PRO D 223 -10.40 -40.70 20.25
C PRO D 223 -8.90 -40.98 20.20
N ARG D 224 -8.16 -40.02 19.66
CA ARG D 224 -6.71 -40.14 19.52
C ARG D 224 -6.12 -38.77 19.33
N LEU D 225 -4.79 -38.69 19.42
CA LEU D 225 -4.09 -37.46 19.03
C LEU D 225 -4.18 -37.20 17.54
N GLY D 226 -4.22 -35.92 17.18
CA GLY D 226 -4.17 -35.49 15.80
C GLY D 226 -2.86 -35.87 15.12
N LYS D 227 -2.94 -36.17 13.82
CA LYS D 227 -1.76 -36.40 12.96
C LYS D 227 -1.35 -35.07 12.33
N PRO D 228 -0.06 -34.79 12.23
CA PRO D 228 0.38 -33.62 11.45
C PRO D 228 -0.23 -33.46 10.03
N ALA D 229 -0.45 -34.57 9.30
CA ALA D 229 -1.06 -34.49 7.99
C ALA D 229 -2.45 -33.90 8.05
N GLU D 230 -3.13 -34.05 9.19
CA GLU D 230 -4.50 -33.54 9.34
C GLU D 230 -4.52 -32.05 9.51
N TYR D 231 -3.50 -31.51 10.20
CA TYR D 231 -3.32 -30.08 10.27
C TYR D 231 -2.98 -29.57 8.87
N ALA D 232 -2.06 -30.29 8.20
CA ALA D 232 -1.69 -29.90 6.86
C ALA D 232 -2.82 -29.89 5.86
N MET D 233 -3.78 -30.83 5.96
CA MET D 233 -4.97 -30.87 5.10
CA MET D 233 -4.90 -30.84 5.04
C MET D 233 -5.74 -29.57 5.21
N LEU D 234 -5.89 -29.08 6.45
CA LEU D 234 -6.67 -27.84 6.67
C LEU D 234 -5.92 -26.64 6.13
N VAL D 235 -4.61 -26.62 6.30
CA VAL D 235 -3.80 -25.57 5.66
C VAL D 235 -4.04 -25.51 4.17
N ARG D 236 -3.97 -26.66 3.52
CA ARG D 236 -4.18 -26.72 2.11
C ARG D 236 -5.57 -26.20 1.72
N GLN D 237 -6.62 -26.58 2.47
CA GLN D 237 -7.97 -26.03 2.19
C GLN D 237 -8.02 -24.52 2.29
N ILE D 238 -7.33 -23.97 3.31
CA ILE D 238 -7.29 -22.55 3.46
C ILE D 238 -6.64 -21.92 2.24
N PHE D 239 -5.50 -22.43 1.77
CA PHE D 239 -4.89 -21.89 0.55
C PHE D 239 -5.81 -21.99 -0.66
N GLU D 240 -6.57 -23.08 -0.74
CA GLU D 240 -7.39 -23.34 -1.92
C GLU D 240 -8.75 -22.69 -1.90
N ASN D 241 -9.26 -22.34 -0.73
CA ASN D 241 -10.60 -21.75 -0.65
C ASN D 241 -10.58 -20.22 -0.62
N PRO D 242 -10.98 -19.57 -1.73
CA PRO D 242 -10.89 -18.11 -1.80
C PRO D 242 -11.77 -17.34 -0.82
N MET D 243 -12.77 -18.00 -0.22
CA MET D 243 -13.64 -17.34 0.74
C MET D 243 -13.19 -17.44 2.19
N LEU D 244 -12.13 -18.20 2.51
CA LEU D 244 -11.71 -18.28 3.92
C LEU D 244 -10.80 -17.12 4.27
N ASN D 245 -11.30 -16.19 5.09
CA ASN D 245 -10.50 -15.07 5.50
C ASN D 245 -10.97 -14.57 6.84
N GLY D 246 -10.00 -14.17 7.67
CA GLY D 246 -10.27 -13.47 8.90
C GLY D 246 -10.88 -14.33 9.99
N GLU D 247 -10.63 -15.62 10.00
CA GLU D 247 -11.29 -16.60 10.84
C GLU D 247 -10.26 -17.47 11.54
N VAL D 248 -10.70 -18.05 12.66
CA VAL D 248 -9.97 -18.98 13.48
C VAL D 248 -10.76 -20.28 13.46
N ILE D 249 -10.10 -21.37 13.07
CA ILE D 249 -10.74 -22.67 13.02
C ILE D 249 -10.18 -23.61 14.06
N ARG D 250 -11.01 -24.13 14.93
CA ARG D 250 -10.59 -25.17 15.86
C ARG D 250 -10.48 -26.49 15.13
N LEU D 251 -9.38 -27.21 15.37
CA LEU D 251 -9.11 -28.48 14.72
C LEU D 251 -8.75 -29.43 15.85
N ASP D 252 -9.77 -30.08 16.43
CA ASP D 252 -9.57 -30.64 17.78
C ASP D 252 -10.41 -31.85 18.18
N GLY D 253 -11.11 -32.42 17.22
CA GLY D 253 -11.94 -33.57 17.53
C GLY D 253 -13.06 -33.32 18.51
N ALA D 254 -13.47 -32.06 18.59
CA ALA D 254 -14.49 -31.56 19.50
C ALA D 254 -14.11 -31.54 20.97
N ILE D 255 -12.85 -31.72 21.32
CA ILE D 255 -12.44 -31.66 22.74
C ILE D 255 -12.62 -30.23 23.24
N ARG D 256 -12.88 -30.14 24.53
CA ARG D 256 -12.81 -28.86 25.28
C ARG D 256 -11.96 -29.12 26.49
N MET D 257 -10.86 -28.40 26.62
CA MET D 257 -9.88 -28.71 27.64
C MET D 257 -10.34 -28.31 29.05
N GLN D 258 -10.19 -29.25 29.98
CA GLN D 258 -10.57 -29.08 31.36
C GLN D 258 -9.41 -28.40 32.12
N PRO D 259 -9.68 -27.96 33.36
CA PRO D 259 -8.61 -27.25 34.08
C PRO D 259 -7.33 -28.07 34.24
N LYS D 260 -7.52 -29.38 34.49
CA LYS D 260 -6.44 -30.36 34.68
C LYS D 260 -6.62 -31.45 33.61
N HIS E 8 11.69 44.21 -9.91
CA HIS E 8 10.92 43.13 -10.59
C HIS E 8 9.47 43.49 -10.94
N MET E 9 8.85 42.72 -11.84
CA MET E 9 7.49 43.01 -12.26
C MET E 9 6.61 42.93 -11.02
N GLU E 10 5.73 43.94 -10.87
CA GLU E 10 4.82 44.06 -9.74
C GLU E 10 3.55 43.25 -10.00
N ILE E 11 3.20 42.40 -9.04
CA ILE E 11 1.89 41.75 -9.05
C ILE E 11 0.80 42.76 -8.63
N ARG E 12 1.10 43.60 -7.64
CA ARG E 12 0.14 44.58 -7.15
C ARG E 12 -0.53 45.37 -8.28
N ASP E 13 -1.87 45.38 -8.29
CA ASP E 13 -2.74 46.16 -9.23
C ASP E 13 -2.86 45.64 -10.67
N ASN E 14 -2.09 44.62 -11.01
CA ASN E 14 -2.15 44.04 -12.36
C ASN E 14 -3.11 42.86 -12.37
N VAL E 15 -3.52 42.46 -13.57
CA VAL E 15 -4.52 41.43 -13.77
C VAL E 15 -3.87 40.14 -14.22
N PHE E 16 -4.32 39.03 -13.61
CA PHE E 16 -3.83 37.68 -13.88
C PHE E 16 -4.98 36.78 -14.24
N LEU E 17 -4.87 36.14 -15.41
CA LEU E 17 -5.90 35.26 -15.92
C LEU E 17 -5.46 33.84 -15.58
N ILE E 18 -6.28 33.10 -14.81
CA ILE E 18 -5.90 31.78 -14.36
C ILE E 18 -6.93 30.77 -14.86
N THR E 19 -6.53 29.90 -15.78
CA THR E 19 -7.48 28.87 -16.28
C THR E 19 -7.38 27.74 -15.27
N GLY E 20 -8.47 26.98 -15.10
CA GLY E 20 -8.49 25.99 -14.05
C GLY E 20 -8.57 26.66 -12.67
N GLY E 21 -8.97 27.92 -12.64
CA GLY E 21 -8.88 28.71 -11.44
C GLY E 21 -9.89 28.42 -10.36
N ALA E 22 -10.86 27.53 -10.65
CA ALA E 22 -11.89 27.23 -9.65
C ALA E 22 -11.41 26.20 -8.64
N SER E 23 -10.30 25.53 -8.88
CA SER E 23 -9.94 24.36 -8.09
C SER E 23 -8.42 24.27 -7.96
N GLY E 24 -7.99 23.53 -6.94
CA GLY E 24 -6.63 22.98 -6.96
C GLY E 24 -5.50 24.01 -7.09
N LEU E 25 -4.60 23.75 -8.05
CA LEU E 25 -3.46 24.64 -8.28
C LEU E 25 -3.82 26.02 -8.79
N GLY E 26 -4.81 26.07 -9.67
CA GLY E 26 -5.30 27.36 -10.19
C GLY E 26 -5.88 28.23 -9.07
N ALA E 27 -6.65 27.58 -8.19
CA ALA E 27 -7.25 28.23 -7.07
C ALA E 27 -6.18 28.75 -6.10
N GLY E 28 -5.17 27.93 -5.79
CA GLY E 28 -4.11 28.26 -4.88
C GLY E 28 -3.35 29.45 -5.39
N THR E 29 -3.15 29.46 -6.71
CA THR E 29 -2.45 30.54 -7.39
C THR E 29 -3.25 31.84 -7.30
N ALA E 30 -4.55 31.75 -7.55
CA ALA E 30 -5.46 32.91 -7.44
C ALA E 30 -5.41 33.54 -6.05
N ARG E 31 -5.43 32.69 -5.05
CA ARG E 31 -5.32 33.18 -3.66
C ARG E 31 -4.05 33.93 -3.40
N LEU E 32 -2.92 33.35 -3.79
CA LEU E 32 -1.64 33.98 -3.49
CA LEU E 32 -1.64 33.97 -3.50
C LEU E 32 -1.50 35.28 -4.29
N LEU E 33 -1.88 35.26 -5.57
CA LEU E 33 -1.75 36.46 -6.39
C LEU E 33 -2.62 37.62 -5.88
N THR E 34 -3.77 37.28 -5.32
CA THR E 34 -4.72 38.24 -4.75
C THR E 34 -4.09 38.81 -3.47
N GLU E 35 -3.54 37.93 -2.62
CA GLU E 35 -2.86 38.35 -1.38
C GLU E 35 -1.71 39.32 -1.68
N ALA E 36 -1.06 39.16 -2.83
CA ALA E 36 0.00 40.06 -3.30
C ALA E 36 -0.50 41.35 -3.95
N GLY E 37 -1.82 41.56 -4.03
CA GLY E 37 -2.40 42.78 -4.60
C GLY E 37 -2.85 42.70 -6.04
N GLY E 38 -2.70 41.53 -6.66
CA GLY E 38 -3.15 41.33 -8.04
C GLY E 38 -4.65 41.17 -8.13
N LYS E 39 -5.22 41.39 -9.31
CA LYS E 39 -6.63 41.17 -9.56
C LYS E 39 -6.75 39.94 -10.45
N VAL E 40 -7.62 39.01 -10.10
CA VAL E 40 -7.65 37.77 -10.85
C VAL E 40 -8.92 37.60 -11.67
N VAL E 41 -8.74 37.04 -12.86
CA VAL E 41 -9.84 36.43 -13.65
C VAL E 41 -9.69 34.93 -13.61
N LEU E 42 -10.73 34.24 -13.13
CA LEU E 42 -10.72 32.81 -13.06
C LEU E 42 -11.51 32.26 -14.24
N ALA E 43 -10.88 31.39 -15.02
CA ALA E 43 -11.52 30.83 -16.23
C ALA E 43 -11.62 29.33 -16.01
N ASP E 44 -12.84 28.77 -16.01
CA ASP E 44 -13.01 27.39 -15.63
C ASP E 44 -14.38 26.97 -16.16
N LEU E 45 -14.55 25.66 -16.27
CA LEU E 45 -15.87 25.04 -16.55
C LEU E 45 -16.81 25.12 -15.37
N ASN E 46 -16.25 25.18 -14.15
CA ASN E 46 -17.01 25.04 -12.90
C ASN E 46 -17.50 26.43 -12.40
N GLN E 47 -18.73 26.74 -12.78
CA GLN E 47 -19.44 28.00 -12.52
C GLN E 47 -19.59 28.23 -11.02
N ASP E 48 -20.03 27.20 -10.31
CA ASP E 48 -20.39 27.28 -8.90
C ASP E 48 -19.15 27.60 -8.04
N ALA E 49 -18.09 26.79 -8.19
CA ALA E 49 -16.87 26.99 -7.45
C ALA E 49 -16.11 28.24 -7.93
N GLY E 50 -16.16 28.53 -9.23
CA GLY E 50 -15.44 29.65 -9.83
C GLY E 50 -15.98 31.01 -9.41
N GLU E 51 -17.29 31.18 -9.50
CA GLU E 51 -17.94 32.42 -9.08
C GLU E 51 -17.78 32.66 -7.59
N ALA E 52 -17.90 31.62 -6.76
CA ALA E 52 -17.62 31.74 -5.30
C ALA E 52 -16.21 32.22 -4.98
N LEU E 53 -15.21 31.62 -5.63
CA LEU E 53 -13.87 32.00 -5.36
C LEU E 53 -13.57 33.39 -5.88
N ALA E 54 -14.03 33.72 -7.08
CA ALA E 54 -13.85 35.06 -7.65
C ALA E 54 -14.46 36.13 -6.70
N ARG E 55 -15.61 35.81 -6.12
CA ARG E 55 -16.30 36.74 -5.21
C ARG E 55 -15.44 36.98 -4.00
N GLU E 56 -14.99 35.89 -3.38
CA GLU E 56 -14.11 35.95 -2.22
C GLU E 56 -12.83 36.73 -2.46
N LEU E 57 -12.26 36.60 -3.66
CA LEU E 57 -11.01 37.27 -3.99
C LEU E 57 -11.20 38.64 -4.66
N GLY E 58 -12.46 39.08 -4.82
CA GLY E 58 -12.79 40.30 -5.55
C GLY E 58 -12.30 40.38 -6.97
N GLY E 59 -12.26 39.21 -7.61
CA GLY E 59 -11.94 39.10 -9.03
C GLY E 59 -13.17 38.82 -9.84
N VAL E 60 -12.97 38.21 -10.99
CA VAL E 60 -14.00 37.97 -11.96
C VAL E 60 -13.93 36.52 -12.36
N PHE E 61 -15.11 35.90 -12.57
CA PHE E 61 -15.15 34.55 -13.08
C PHE E 61 -15.69 34.60 -14.48
N VAL E 62 -15.06 33.82 -15.36
CA VAL E 62 -15.59 33.58 -16.69
C VAL E 62 -15.73 32.09 -16.95
N ARG E 63 -16.92 31.64 -17.37
CA ARG E 63 -17.08 30.25 -17.74
C ARG E 63 -16.42 30.07 -19.07
N CYS E 64 -15.40 29.22 -19.10
CA CYS E 64 -14.48 29.15 -20.23
C CYS E 64 -14.03 27.70 -20.37
N ASP E 65 -14.28 27.09 -21.52
CA ASP E 65 -13.68 25.82 -21.93
C ASP E 65 -12.49 26.23 -22.74
N VAL E 66 -11.29 25.95 -22.22
CA VAL E 66 -10.07 26.46 -22.83
C VAL E 66 -9.79 26.00 -24.27
N ALA E 67 -10.46 24.93 -24.70
CA ALA E 67 -10.35 24.42 -26.04
C ALA E 67 -11.14 25.24 -27.08
N ARG E 68 -12.07 26.10 -26.63
CA ARG E 68 -12.90 26.84 -27.57
C ARG E 68 -12.36 28.23 -27.79
N GLU E 69 -12.18 28.59 -29.05
CA GLU E 69 -11.73 29.92 -29.41
C GLU E 69 -12.55 31.05 -28.75
N GLU E 70 -13.88 30.98 -28.87
CA GLU E 70 -14.72 32.06 -28.34
C GLU E 70 -14.62 32.21 -26.81
N ASP E 71 -14.40 31.09 -26.11
CA ASP E 71 -14.23 31.13 -24.67
C ASP E 71 -12.91 31.78 -24.28
N ALA E 72 -11.84 31.44 -24.99
CA ALA E 72 -10.56 32.09 -24.78
C ALA E 72 -10.64 33.59 -24.98
N GLN E 73 -11.29 33.98 -26.07
CA GLN E 73 -11.51 35.39 -26.37
C GLN E 73 -12.28 36.10 -25.26
N ALA E 74 -13.35 35.47 -24.75
CA ALA E 74 -14.14 36.05 -23.67
C ALA E 74 -13.34 36.19 -22.39
N ALA E 75 -12.52 35.17 -22.08
CA ALA E 75 -11.73 35.20 -20.85
C ALA E 75 -10.68 36.31 -20.93
N VAL E 76 -9.99 36.42 -22.07
CA VAL E 76 -8.98 37.45 -22.20
C VAL E 76 -9.64 38.86 -22.20
N ALA E 77 -10.76 39.00 -22.87
CA ALA E 77 -11.49 40.26 -22.86
C ALA E 77 -11.91 40.70 -21.44
N ALA E 78 -12.38 39.75 -20.61
CA ALA E 78 -12.70 40.05 -19.22
C ALA E 78 -11.48 40.59 -18.48
N ALA E 79 -10.32 39.98 -18.75
CA ALA E 79 -9.11 40.41 -18.10
C ALA E 79 -8.70 41.83 -18.52
N THR E 80 -8.72 42.14 -19.80
CA THR E 80 -8.29 43.45 -20.28
C THR E 80 -9.30 44.54 -19.87
N LYS E 81 -10.57 44.17 -19.73
CA LYS E 81 -11.56 45.12 -19.20
C LYS E 81 -11.26 45.48 -17.72
N LEU E 82 -10.81 44.48 -16.96
CA LEU E 82 -10.54 44.63 -15.54
C LEU E 82 -9.32 45.49 -15.26
N GLY E 83 -8.33 45.41 -16.13
CA GLY E 83 -7.10 46.22 -15.92
C GLY E 83 -6.04 45.82 -16.93
N THR E 84 -4.78 45.98 -16.56
CA THR E 84 -3.68 45.58 -17.44
C THR E 84 -3.37 44.10 -17.21
N LEU E 85 -3.56 43.29 -18.25
CA LEU E 85 -3.27 41.85 -18.22
C LEU E 85 -1.77 41.63 -18.24
N ARG E 86 -1.18 41.20 -17.13
CA ARG E 86 0.26 40.97 -17.07
C ARG E 86 0.63 39.52 -16.93
N GLY E 87 -0.34 38.64 -16.65
CA GLY E 87 -0.02 37.24 -16.42
C GLY E 87 -1.13 36.33 -16.89
N LEU E 88 -0.73 35.23 -17.54
CA LEU E 88 -1.58 34.06 -17.78
C LEU E 88 -1.02 32.88 -17.03
N VAL E 89 -1.86 32.14 -16.32
CA VAL E 89 -1.46 30.90 -15.65
C VAL E 89 -2.40 29.79 -16.16
N ASN E 90 -1.85 28.87 -16.95
CA ASN E 90 -2.64 27.77 -17.46
C ASN E 90 -2.64 26.60 -16.49
N CYS E 91 -3.73 26.36 -15.80
CA CYS E 91 -3.88 25.19 -14.92
C CYS E 91 -5.03 24.28 -15.35
N ALA E 92 -5.88 24.71 -16.30
CA ALA E 92 -6.97 23.83 -16.81
C ALA E 92 -6.35 22.53 -17.33
N GLY E 93 -6.81 21.39 -16.85
CA GLY E 93 -6.28 20.12 -17.34
C GLY E 93 -7.01 18.95 -16.74
N ILE E 94 -6.87 17.83 -17.39
CA ILE E 94 -7.48 16.55 -16.99
C ILE E 94 -6.40 15.46 -17.09
N ALA E 95 -6.58 14.40 -16.32
CA ALA E 95 -5.55 13.35 -16.22
C ALA E 95 -6.17 11.94 -16.25
N PRO E 96 -6.82 11.56 -17.36
CA PRO E 96 -7.32 10.18 -17.43
C PRO E 96 -6.21 9.15 -17.56
N ALA E 97 -6.58 7.90 -17.35
CA ALA E 97 -5.64 6.80 -17.40
C ALA E 97 -6.19 5.74 -18.30
N ALA E 98 -5.30 5.21 -19.14
CA ALA E 98 -5.64 4.12 -20.05
C ALA E 98 -4.36 3.60 -20.70
N LYS E 99 -4.21 2.30 -20.73
CA LYS E 99 -3.05 1.64 -21.35
CA LYS E 99 -3.04 1.69 -21.35
C LYS E 99 -3.12 1.67 -22.88
N THR E 100 -1.94 1.72 -23.54
CA THR E 100 -1.90 1.70 -25.01
C THR E 100 -2.65 0.48 -25.54
N VAL E 101 -2.44 -0.68 -24.92
CA VAL E 101 -3.21 -1.88 -25.23
C VAL E 101 -3.83 -2.31 -23.90
N GLY E 102 -5.15 -2.26 -23.83
CA GLY E 102 -5.88 -2.66 -22.61
C GLY E 102 -6.41 -4.08 -22.69
N LYS E 103 -7.09 -4.50 -21.62
CA LYS E 103 -7.75 -5.81 -21.55
C LYS E 103 -8.67 -6.01 -22.74
N ASP E 104 -9.40 -4.97 -23.11
CA ASP E 104 -10.44 -5.08 -24.15
C ASP E 104 -10.09 -4.47 -25.51
N GLY E 105 -8.83 -4.08 -25.72
CA GLY E 105 -8.42 -3.57 -27.01
C GLY E 105 -7.51 -2.39 -26.83
N PRO E 106 -7.15 -1.75 -27.94
CA PRO E 106 -6.32 -0.55 -27.88
C PRO E 106 -6.97 0.59 -27.11
N HIS E 107 -6.15 1.40 -26.47
CA HIS E 107 -6.54 2.69 -25.94
C HIS E 107 -7.54 3.37 -26.87
N PRO E 108 -8.71 3.80 -26.35
CA PRO E 108 -9.62 4.49 -27.26
C PRO E 108 -9.00 5.75 -27.84
N LEU E 109 -9.24 5.98 -29.13
CA LEU E 109 -8.70 7.16 -29.80
C LEU E 109 -9.29 8.45 -29.21
N GLU E 110 -10.59 8.45 -28.94
CA GLU E 110 -11.20 9.71 -28.51
C GLU E 110 -10.64 10.16 -27.15
N LEU E 111 -10.31 9.22 -26.27
CA LEU E 111 -9.73 9.56 -24.97
C LEU E 111 -8.40 10.24 -25.14
N PHE E 112 -7.57 9.73 -26.04
CA PHE E 112 -6.28 10.37 -26.30
C PHE E 112 -6.50 11.77 -26.87
N ALA E 113 -7.40 11.86 -27.85
CA ALA E 113 -7.67 13.13 -28.50
C ALA E 113 -8.24 14.17 -27.47
N LYS E 114 -9.09 13.72 -26.58
CA LYS E 114 -9.68 14.61 -25.59
C LYS E 114 -8.62 15.14 -24.61
N THR E 115 -7.76 14.25 -24.12
CA THR E 115 -6.67 14.66 -23.23
C THR E 115 -5.77 15.73 -23.91
N ILE E 116 -5.44 15.46 -25.18
CA ILE E 116 -4.57 16.36 -25.94
CA ILE E 116 -4.57 16.36 -25.94
C ILE E 116 -5.28 17.69 -26.16
N THR E 117 -6.57 17.63 -26.46
CA THR E 117 -7.35 18.83 -26.76
C THR E 117 -7.49 19.76 -25.55
N VAL E 118 -7.79 19.20 -24.39
CA VAL E 118 -7.89 20.02 -23.19
C VAL E 118 -6.56 20.54 -22.77
N ASN E 119 -5.60 19.63 -22.65
CA ASN E 119 -4.35 19.98 -21.96
C ASN E 119 -3.34 20.75 -22.82
N LEU E 120 -3.26 20.37 -24.09
CA LEU E 120 -2.26 20.93 -24.99
C LEU E 120 -2.85 21.99 -25.91
N ILE E 121 -3.87 21.59 -26.71
CA ILE E 121 -4.50 22.56 -27.61
C ILE E 121 -5.12 23.71 -26.77
N GLY E 122 -5.79 23.35 -25.67
CA GLY E 122 -6.40 24.34 -24.79
C GLY E 122 -5.43 25.33 -24.17
N THR E 123 -4.27 24.81 -23.73
CA THR E 123 -3.23 25.67 -23.24
C THR E 123 -2.71 26.59 -24.36
N PHE E 124 -2.45 26.07 -25.57
CA PHE E 124 -2.01 26.93 -26.63
C PHE E 124 -3.06 27.97 -27.01
N ASN E 125 -4.34 27.57 -26.99
CA ASN E 125 -5.43 28.47 -27.36
C ASN E 125 -5.46 29.69 -26.40
N MET E 126 -5.27 29.45 -25.12
CA MET E 126 -5.21 30.52 -24.14
C MET E 126 -3.96 31.37 -24.35
N ILE E 127 -2.84 30.72 -24.57
CA ILE E 127 -1.62 31.45 -24.76
C ILE E 127 -1.71 32.42 -25.95
N ARG E 128 -2.15 31.92 -27.11
CA ARG E 128 -2.12 32.76 -28.30
C ARG E 128 -3.00 34.00 -28.15
N VAL E 129 -4.15 33.84 -27.51
CA VAL E 129 -5.08 34.94 -27.35
C VAL E 129 -4.58 35.93 -26.28
N ALA E 130 -4.11 35.38 -25.17
CA ALA E 130 -3.53 36.18 -24.11
C ALA E 130 -2.27 36.93 -24.57
N ALA E 131 -1.41 36.25 -25.29
CA ALA E 131 -0.18 36.88 -25.80
C ALA E 131 -0.49 38.07 -26.72
N ALA E 132 -1.48 37.90 -27.60
CA ALA E 132 -1.87 38.97 -28.50
C ALA E 132 -2.34 40.21 -27.72
N ALA E 133 -3.10 40.00 -26.66
CA ALA E 133 -3.53 41.07 -25.80
C ALA E 133 -2.37 41.70 -25.06
N MET E 134 -1.50 40.87 -24.48
CA MET E 134 -0.31 41.39 -23.74
C MET E 134 0.62 42.18 -24.65
N ALA E 135 0.70 41.79 -25.93
CA ALA E 135 1.61 42.46 -26.86
C ALA E 135 1.19 43.92 -27.12
N ALA E 136 -0.09 44.23 -26.90
CA ALA E 136 -0.61 45.60 -26.98
C ALA E 136 -0.34 46.48 -25.73
N ASN E 137 0.13 45.88 -24.63
CA ASN E 137 0.44 46.61 -23.40
C ASN E 137 1.69 47.47 -23.55
N GLU E 138 1.79 48.50 -22.73
CA GLU E 138 3.08 49.16 -22.55
C GLU E 138 3.91 48.30 -21.61
N PRO E 139 5.23 48.24 -21.83
CA PRO E 139 6.08 47.49 -20.92
C PRO E 139 6.02 48.00 -19.50
N ALA E 140 6.09 47.07 -18.55
CA ALA E 140 6.22 47.40 -17.13
C ALA E 140 7.60 48.00 -16.91
N PRO E 141 7.85 48.57 -15.71
CA PRO E 141 9.16 49.16 -15.53
C PRO E 141 10.35 48.21 -15.70
N THR E 142 10.20 46.93 -15.39
CA THR E 142 11.26 45.96 -15.61
C THR E 142 11.40 45.49 -17.04
N GLY E 143 10.49 45.89 -17.95
CA GLY E 143 10.62 45.60 -19.36
C GLY E 143 9.54 44.70 -19.92
N GLU E 144 8.92 43.87 -19.06
CA GLU E 144 7.97 42.87 -19.54
C GLU E 144 6.64 43.53 -19.94
N ARG E 145 6.04 43.10 -21.05
CA ARG E 145 4.61 43.37 -21.31
C ARG E 145 3.74 42.36 -20.60
N GLY E 146 4.25 41.16 -20.36
CA GLY E 146 3.48 40.16 -19.65
C GLY E 146 4.29 38.90 -19.50
N VAL E 147 3.75 37.94 -18.75
CA VAL E 147 4.42 36.67 -18.46
C VAL E 147 3.39 35.56 -18.57
N ILE E 148 3.76 34.46 -19.20
CA ILE E 148 2.88 33.33 -19.37
C ILE E 148 3.46 32.13 -18.65
N VAL E 149 2.66 31.48 -17.82
CA VAL E 149 3.12 30.32 -17.10
C VAL E 149 2.15 29.18 -17.44
N SER E 150 2.66 28.04 -17.89
CA SER E 150 1.84 26.84 -18.14
C SER E 150 2.22 25.70 -17.20
N THR E 151 1.30 24.76 -17.04
CA THR E 151 1.51 23.61 -16.17
C THR E 151 1.65 22.36 -17.02
N ALA E 152 2.83 21.73 -16.94
CA ALA E 152 3.05 20.45 -17.54
C ALA E 152 2.81 19.42 -16.44
N SER E 153 3.77 18.55 -16.20
CA SER E 153 3.73 17.54 -15.16
C SER E 153 5.04 16.79 -15.23
N VAL E 154 5.43 16.16 -14.12
CA VAL E 154 6.55 15.20 -14.22
C VAL E 154 6.26 14.07 -15.20
N ALA E 155 5.00 13.85 -15.57
CA ALA E 155 4.66 12.87 -16.60
C ALA E 155 5.17 13.22 -17.99
N ALA E 156 5.59 14.47 -18.22
CA ALA E 156 6.25 14.83 -19.46
C ALA E 156 7.55 14.08 -19.63
N PHE E 157 8.14 13.68 -18.48
CA PHE E 157 9.44 13.04 -18.42
C PHE E 157 9.41 11.61 -17.87
N ASP E 158 8.47 11.30 -16.98
CA ASP E 158 8.46 10.11 -16.13
C ASP E 158 7.13 9.36 -16.40
N GLY E 159 6.60 9.42 -17.60
CA GLY E 159 5.24 8.91 -17.80
C GLY E 159 5.11 7.49 -17.34
N GLN E 160 4.01 7.22 -16.62
CA GLN E 160 3.76 5.89 -16.06
C GLN E 160 2.93 5.06 -17.03
N ILE E 161 2.81 3.79 -16.70
CA ILE E 161 1.85 2.90 -17.35
C ILE E 161 0.50 3.53 -17.26
N GLY E 162 -0.20 3.58 -18.39
CA GLY E 162 -1.50 4.22 -18.41
C GLY E 162 -1.55 5.72 -18.65
N GLN E 163 -0.38 6.38 -18.64
CA GLN E 163 -0.30 7.81 -18.85
C GLN E 163 0.14 8.27 -20.21
N ALA E 164 0.04 7.44 -21.24
CA ALA E 164 0.49 7.86 -22.56
C ALA E 164 -0.18 9.15 -23.03
N ALA E 165 -1.51 9.28 -22.89
CA ALA E 165 -2.18 10.47 -23.34
C ALA E 165 -1.81 11.73 -22.50
N TYR E 166 -1.80 11.58 -21.19
CA TYR E 166 -1.49 12.66 -20.28
C TYR E 166 -0.02 13.11 -20.54
N ALA E 167 0.86 12.11 -20.61
CA ALA E 167 2.31 12.40 -20.85
C ALA E 167 2.54 13.07 -22.17
N ALA E 168 1.94 12.58 -23.26
CA ALA E 168 2.03 13.29 -24.55
C ALA E 168 1.59 14.74 -24.42
N SER E 169 0.46 14.97 -23.78
CA SER E 169 -0.07 16.31 -23.69
C SER E 169 0.85 17.22 -22.87
N LYS E 170 1.40 16.69 -21.79
CA LYS E 170 2.22 17.49 -20.91
C LYS E 170 3.64 17.71 -21.45
N ALA E 171 4.18 16.71 -22.13
CA ALA E 171 5.43 16.88 -22.86
C ALA E 171 5.25 17.92 -23.97
N GLY E 172 4.08 17.92 -24.63
CA GLY E 172 3.79 18.95 -25.62
C GLY E 172 3.83 20.35 -25.02
N VAL E 173 3.22 20.53 -23.85
CA VAL E 173 3.22 21.82 -23.16
C VAL E 173 4.66 22.21 -22.80
N ALA E 174 5.41 21.25 -22.25
CA ALA E 174 6.81 21.53 -21.89
C ALA E 174 7.66 21.88 -23.11
N GLY E 175 7.50 21.12 -24.20
CA GLY E 175 8.35 21.33 -25.37
C GLY E 175 8.09 22.62 -26.15
N MET E 176 6.87 23.18 -26.05
CA MET E 176 6.54 24.41 -26.77
C MET E 176 6.99 25.68 -26.01
N THR E 177 7.46 25.51 -24.77
CA THR E 177 7.88 26.65 -23.93
C THR E 177 8.95 27.48 -24.65
N LEU E 178 9.97 26.80 -25.14
CA LEU E 178 11.02 27.50 -25.86
C LEU E 178 10.63 28.24 -27.14
N PRO E 179 10.01 27.55 -28.11
CA PRO E 179 9.65 28.32 -29.31
C PRO E 179 8.66 29.44 -29.00
N ILE E 180 7.76 29.25 -28.04
CA ILE E 180 6.85 30.35 -27.69
C ILE E 180 7.62 31.54 -27.06
N ALA E 181 8.58 31.24 -26.22
CA ALA E 181 9.40 32.30 -25.63
C ALA E 181 10.14 33.01 -26.77
N ARG E 182 10.69 32.23 -27.69
CA ARG E 182 11.36 32.82 -28.86
C ARG E 182 10.42 33.68 -29.71
N ASP E 183 9.23 33.19 -29.97
CA ASP E 183 8.19 33.92 -30.73
C ASP E 183 7.85 35.27 -30.08
N LEU E 184 7.79 35.28 -28.75
CA LEU E 184 7.28 36.44 -28.00
C LEU E 184 8.39 37.34 -27.45
N SER E 185 9.64 36.99 -27.75
CA SER E 185 10.75 37.78 -27.21
C SER E 185 10.72 39.24 -27.71
N ARG E 186 10.35 39.46 -28.97
CA ARG E 186 10.21 40.83 -29.51
C ARG E 186 9.03 41.60 -28.85
N ASN E 187 8.06 40.85 -28.32
CA ASN E 187 6.95 41.43 -27.58
C ASN E 187 7.21 41.63 -26.10
N ALA E 188 8.38 41.22 -25.63
CA ALA E 188 8.74 41.35 -24.21
C ALA E 188 7.78 40.54 -23.31
N ILE E 189 7.47 39.35 -23.75
CA ILE E 189 6.62 38.41 -22.97
C ILE E 189 7.44 37.17 -22.62
N ARG E 190 7.63 36.92 -21.33
CA ARG E 190 8.36 35.73 -20.88
C ARG E 190 7.40 34.54 -20.81
N VAL E 191 7.91 33.35 -21.09
CA VAL E 191 7.12 32.15 -21.18
C VAL E 191 7.84 31.05 -20.40
N MET E 192 7.12 30.43 -19.48
CA MET E 192 7.67 29.45 -18.56
C MET E 192 6.69 28.32 -18.33
N THR E 193 7.20 27.20 -17.83
CA THR E 193 6.38 26.04 -17.51
C THR E 193 6.83 25.48 -16.18
N ILE E 194 5.83 25.07 -15.38
CA ILE E 194 6.07 24.33 -14.16
C ILE E 194 5.60 22.89 -14.40
N ALA E 195 6.44 21.91 -14.01
CA ALA E 195 6.13 20.51 -14.08
C ALA E 195 5.93 19.97 -12.66
N PRO E 196 4.67 20.00 -12.15
CA PRO E 196 4.48 19.48 -10.82
C PRO E 196 4.55 17.97 -10.71
N GLY E 197 4.95 17.52 -9.52
CA GLY E 197 4.97 16.11 -9.17
C GLY E 197 3.59 15.61 -8.77
N ILE E 198 3.36 15.53 -7.47
CA ILE E 198 2.05 15.09 -6.94
CA ILE E 198 2.03 15.10 -6.96
C ILE E 198 1.57 16.11 -5.91
N PHE E 199 0.40 16.70 -6.16
CA PHE E 199 -0.13 17.73 -5.33
C PHE E 199 -1.52 17.33 -4.84
N GLU E 200 -1.77 17.69 -3.60
CA GLU E 200 -3.10 17.44 -2.97
C GLU E 200 -4.14 18.38 -3.52
N THR E 201 -4.87 17.91 -4.52
CA THR E 201 -5.98 18.67 -5.12
C THR E 201 -7.11 17.70 -5.47
N PRO E 202 -8.26 18.25 -5.90
CA PRO E 202 -9.32 17.38 -6.43
C PRO E 202 -8.99 16.54 -7.65
N MET E 203 -7.86 16.79 -8.34
CA MET E 203 -7.41 15.85 -9.37
C MET E 203 -7.18 14.46 -8.82
N LEU E 204 -6.90 14.32 -7.51
CA LEU E 204 -6.70 13.02 -6.91
C LEU E 204 -8.01 12.38 -6.37
N LEU E 205 -9.17 12.96 -6.64
CA LEU E 205 -10.44 12.33 -6.23
C LEU E 205 -10.57 10.95 -6.88
N GLY E 206 -10.95 9.95 -6.12
CA GLY E 206 -10.92 8.59 -6.68
C GLY E 206 -9.57 7.88 -6.65
N MET E 207 -8.49 8.57 -6.21
CA MET E 207 -7.29 7.87 -5.76
C MET E 207 -7.54 7.52 -4.28
N PRO E 208 -7.50 6.21 -3.93
CA PRO E 208 -7.79 5.88 -2.54
C PRO E 208 -6.77 6.52 -1.59
N GLN E 209 -7.21 6.82 -0.37
CA GLN E 209 -6.32 7.44 0.61
C GLN E 209 -5.01 6.67 0.79
N GLU E 210 -5.08 5.34 0.76
CA GLU E 210 -3.86 4.51 0.94
C GLU E 210 -2.87 4.76 -0.17
N VAL E 211 -3.37 4.90 -1.40
CA VAL E 211 -2.51 5.19 -2.55
C VAL E 211 -1.91 6.60 -2.45
N GLN E 212 -2.70 7.59 -2.04
CA GLN E 212 -2.16 8.94 -1.84
C GLN E 212 -1.07 8.94 -0.79
N ASP E 213 -1.33 8.23 0.31
CA ASP E 213 -0.34 8.16 1.41
C ASP E 213 0.93 7.44 0.96
N ALA E 214 0.75 6.37 0.19
CA ALA E 214 1.85 5.61 -0.34
C ALA E 214 2.71 6.46 -1.26
N LEU E 215 2.07 7.22 -2.14
CA LEU E 215 2.79 8.10 -3.05
C LEU E 215 3.58 9.18 -2.32
N GLY E 216 2.93 9.82 -1.36
CA GLY E 216 3.59 10.83 -0.55
C GLY E 216 4.85 10.29 0.11
N ALA E 217 4.79 9.06 0.63
CA ALA E 217 5.96 8.46 1.29
C ALA E 217 7.11 8.12 0.32
N MET E 218 6.82 8.09 -0.98
CA MET E 218 7.88 7.88 -1.99
C MET E 218 8.53 9.17 -2.45
N VAL E 219 8.06 10.33 -1.97
CA VAL E 219 8.68 11.60 -2.35
C VAL E 219 9.93 11.79 -1.49
N PRO E 220 11.13 11.94 -2.12
CA PRO E 220 12.33 12.00 -1.28
C PRO E 220 12.27 13.04 -0.17
N PHE E 221 12.02 14.29 -0.52
CA PHE E 221 11.69 15.27 0.48
C PHE E 221 10.98 16.44 -0.12
N PRO E 222 9.87 16.91 0.46
CA PRO E 222 9.19 16.41 1.65
C PRO E 222 8.32 15.19 1.38
N PRO E 223 8.24 14.26 2.35
CA PRO E 223 7.53 12.99 2.14
C PRO E 223 6.03 13.17 2.27
N ARG E 224 5.47 13.94 1.36
CA ARG E 224 4.06 14.25 1.39
C ARG E 224 3.66 14.78 0.03
N LEU E 225 2.37 14.93 -0.18
CA LEU E 225 1.85 15.63 -1.34
C LEU E 225 2.11 17.10 -1.27
N GLY E 226 2.38 17.70 -2.42
CA GLY E 226 2.55 19.14 -2.52
C GLY E 226 1.27 19.90 -2.16
N LYS E 227 1.43 21.11 -1.61
CA LYS E 227 0.28 21.99 -1.36
C LYS E 227 0.11 22.97 -2.50
N PRO E 228 -1.14 23.28 -2.84
CA PRO E 228 -1.35 24.31 -3.85
C PRO E 228 -0.56 25.63 -3.65
N ALA E 229 -0.42 26.09 -2.42
CA ALA E 229 0.35 27.31 -2.13
C ALA E 229 1.81 27.20 -2.58
N GLU E 230 2.35 25.99 -2.61
CA GLU E 230 3.75 25.78 -3.04
C GLU E 230 3.90 25.93 -4.52
N TYR E 231 2.89 25.45 -5.26
CA TYR E 231 2.82 25.70 -6.69
C TYR E 231 2.73 27.21 -6.91
N ALA E 232 1.82 27.85 -6.15
CA ALA E 232 1.63 29.28 -6.27
C ALA E 232 2.87 30.09 -5.98
N MET E 233 3.66 29.67 -4.98
CA MET E 233 4.88 30.41 -4.68
C MET E 233 5.84 30.41 -5.88
N LEU E 234 5.89 29.29 -6.61
CA LEU E 234 6.82 29.22 -7.74
C LEU E 234 6.27 30.09 -8.88
N VAL E 235 4.94 30.11 -9.06
CA VAL E 235 4.35 31.03 -10.05
C VAL E 235 4.76 32.46 -9.75
N ARG E 236 4.64 32.85 -8.47
CA ARG E 236 5.02 34.19 -8.10
C ARG E 236 6.46 34.52 -8.40
N GLN E 237 7.39 33.60 -8.08
CA GLN E 237 8.80 33.82 -8.41
C GLN E 237 9.00 34.00 -9.91
N ILE E 238 8.29 33.21 -10.73
CA ILE E 238 8.38 33.39 -12.14
C ILE E 238 7.94 34.78 -12.57
N PHE E 239 6.83 35.28 -12.05
CA PHE E 239 6.43 36.63 -12.37
C PHE E 239 7.46 37.67 -11.92
N GLU E 240 8.07 37.43 -10.78
CA GLU E 240 8.96 38.43 -10.17
C GLU E 240 10.37 38.40 -10.69
N ASN E 241 10.80 37.28 -11.25
CA ASN E 241 12.22 37.13 -11.68
C ASN E 241 12.37 37.38 -13.19
N PRO E 242 12.96 38.55 -13.54
CA PRO E 242 13.09 38.90 -14.94
C PRO E 242 13.93 37.99 -15.81
N MET E 243 14.75 37.13 -15.22
CA MET E 243 15.64 36.27 -15.99
C MET E 243 15.03 34.91 -16.28
N LEU E 244 13.84 34.60 -15.72
CA LEU E 244 13.26 33.28 -15.95
C LEU E 244 12.47 33.24 -17.23
N ASN E 245 13.00 32.57 -18.24
CA ASN E 245 12.34 32.50 -19.53
C ASN E 245 12.71 31.25 -20.27
N GLY E 246 11.72 30.68 -20.96
CA GLY E 246 11.97 29.56 -21.86
C GLY E 246 12.35 28.25 -21.20
N GLU E 247 11.93 28.04 -19.97
CA GLU E 247 12.36 26.95 -19.14
C GLU E 247 11.19 26.21 -18.54
N VAL E 248 11.43 24.96 -18.19
CA VAL E 248 10.48 24.08 -17.50
C VAL E 248 11.08 23.69 -16.17
N ILE E 249 10.34 23.91 -15.08
CA ILE E 249 10.85 23.63 -13.76
C ILE E 249 10.07 22.50 -13.13
N ARG E 250 10.75 21.43 -12.73
CA ARG E 250 10.13 20.35 -11.93
C ARG E 250 9.91 20.82 -10.53
N LEU E 251 8.71 20.62 -10.02
CA LEU E 251 8.33 21.00 -8.65
C LEU E 251 7.73 19.77 -7.99
N ASP E 252 8.61 18.95 -7.43
CA ASP E 252 8.27 17.53 -7.20
C ASP E 252 8.92 16.79 -6.03
N GLY E 253 9.58 17.52 -5.16
CA GLY E 253 10.25 16.93 -4.04
C GLY E 253 11.26 15.87 -4.40
N ALA E 254 11.84 16.00 -5.59
CA ALA E 254 12.79 15.06 -6.19
C ALA E 254 12.28 13.65 -6.54
N ILE E 255 10.96 13.47 -6.61
CA ILE E 255 10.41 12.18 -6.99
C ILE E 255 10.71 11.93 -8.47
N ARG E 256 10.85 10.65 -8.78
CA ARG E 256 10.90 10.19 -10.18
C ARG E 256 9.90 9.07 -10.29
N MET E 257 8.90 9.23 -11.16
CA MET E 257 7.79 8.28 -11.17
C MET E 257 8.17 6.94 -11.82
N GLN E 258 7.82 5.84 -11.13
CA GLN E 258 8.10 4.46 -11.54
CA GLN E 258 8.16 4.51 -11.58
C GLN E 258 6.99 4.03 -12.49
N PRO E 259 7.18 2.90 -13.20
CA PRO E 259 6.09 2.47 -14.12
C PRO E 259 4.74 2.32 -13.46
N LYS E 260 4.76 1.76 -12.25
CA LYS E 260 3.55 1.66 -11.43
C LYS E 260 3.82 2.26 -10.05
N HIS F 6 31.47 4.77 -49.35
CA HIS F 6 30.57 5.90 -49.75
C HIS F 6 29.44 6.18 -48.75
N HIS F 7 28.88 5.14 -48.14
CA HIS F 7 27.71 5.28 -47.27
C HIS F 7 28.09 5.32 -45.80
N HIS F 8 29.21 4.69 -45.45
CA HIS F 8 29.72 4.87 -44.12
C HIS F 8 31.15 4.51 -43.92
N MET F 9 31.66 5.03 -42.80
CA MET F 9 33.05 4.80 -42.44
C MET F 9 33.28 3.31 -42.34
N GLU F 10 34.40 2.86 -42.90
CA GLU F 10 34.80 1.46 -42.92
C GLU F 10 35.47 1.14 -41.61
N ILE F 11 35.06 0.06 -40.98
CA ILE F 11 35.77 -0.48 -39.83
C ILE F 11 36.94 -1.35 -40.32
N ARG F 12 36.72 -2.13 -41.37
CA ARG F 12 37.76 -3.08 -41.80
C ARG F 12 39.07 -2.38 -42.16
N ASP F 13 40.18 -2.91 -41.59
CA ASP F 13 41.57 -2.47 -41.78
C ASP F 13 41.92 -1.13 -41.13
N ASN F 14 40.96 -0.50 -40.47
CA ASN F 14 41.25 0.70 -39.68
C ASN F 14 41.47 0.31 -38.25
N VAL F 15 42.01 1.26 -37.48
CA VAL F 15 42.44 0.99 -36.12
C VAL F 15 41.51 1.67 -35.11
N PHE F 16 41.19 0.92 -34.04
CA PHE F 16 40.28 1.31 -32.99
C PHE F 16 40.97 1.15 -31.65
N LEU F 17 41.00 2.25 -30.92
CA LEU F 17 41.62 2.32 -29.62
C LEU F 17 40.52 2.20 -28.58
N ILE F 18 40.58 1.17 -27.75
CA ILE F 18 39.49 0.92 -26.81
C ILE F 18 40.06 0.92 -25.38
N THR F 19 39.65 1.90 -24.58
CA THR F 19 40.10 1.95 -23.20
C THR F 19 39.21 1.07 -22.37
N GLY F 20 39.71 0.53 -21.27
CA GLY F 20 38.99 -0.54 -20.57
C GLY F 20 38.78 -1.79 -21.40
N GLY F 21 39.64 -1.99 -22.41
CA GLY F 21 39.48 -3.06 -23.38
C GLY F 21 39.74 -4.48 -22.89
N ALA F 22 40.27 -4.64 -21.67
CA ALA F 22 40.54 -5.98 -21.11
C ALA F 22 39.29 -6.69 -20.58
N SER F 23 38.18 -5.98 -20.47
CA SER F 23 37.01 -6.54 -19.76
C SER F 23 35.70 -5.97 -20.29
N GLY F 24 34.64 -6.69 -19.99
CA GLY F 24 33.28 -6.13 -20.01
C GLY F 24 32.91 -5.48 -21.33
N LEU F 25 32.42 -4.24 -21.30
CA LEU F 25 31.97 -3.55 -22.50
C LEU F 25 33.11 -3.26 -23.49
N GLY F 26 34.27 -2.90 -22.98
CA GLY F 26 35.43 -2.63 -23.85
C GLY F 26 35.86 -3.89 -24.58
N ALA F 27 35.89 -5.02 -23.86
CA ALA F 27 36.27 -6.29 -24.43
C ALA F 27 35.23 -6.71 -25.47
N GLY F 28 33.94 -6.58 -25.16
CA GLY F 28 32.90 -6.96 -26.13
C GLY F 28 33.02 -6.09 -27.38
N THR F 29 33.33 -4.81 -27.19
CA THR F 29 33.55 -3.89 -28.31
C THR F 29 34.73 -4.35 -29.16
N ALA F 30 35.83 -4.70 -28.51
CA ALA F 30 37.03 -5.17 -29.20
C ALA F 30 36.74 -6.42 -30.03
N ARG F 31 35.95 -7.34 -29.47
CA ARG F 31 35.59 -8.54 -30.20
C ARG F 31 34.78 -8.20 -31.42
N LEU F 32 33.74 -7.37 -31.27
CA LEU F 32 32.90 -7.04 -32.41
C LEU F 32 33.65 -6.30 -33.51
N LEU F 33 34.44 -5.30 -33.14
CA LEU F 33 35.20 -4.54 -34.13
C LEU F 33 36.19 -5.45 -34.85
N THR F 34 36.78 -6.40 -34.15
CA THR F 34 37.75 -7.32 -34.76
C THR F 34 37.03 -8.26 -35.74
N GLU F 35 35.85 -8.75 -35.37
CA GLU F 35 35.03 -9.60 -36.30
C GLU F 35 34.72 -8.86 -37.60
N ALA F 36 34.54 -7.54 -37.50
CA ALA F 36 34.28 -6.67 -38.65
C ALA F 36 35.56 -6.25 -39.38
N GLY F 37 36.72 -6.78 -38.99
CA GLY F 37 37.96 -6.54 -39.68
C GLY F 37 38.80 -5.37 -39.18
N GLY F 38 38.32 -4.75 -38.10
CA GLY F 38 39.07 -3.69 -37.44
C GLY F 38 40.28 -4.24 -36.73
N LYS F 39 41.24 -3.35 -36.49
CA LYS F 39 42.49 -3.71 -35.79
C LYS F 39 42.36 -2.95 -34.49
N VAL F 40 42.49 -3.64 -33.36
CA VAL F 40 42.28 -2.99 -32.07
C VAL F 40 43.56 -2.80 -31.27
N VAL F 41 43.59 -1.65 -30.58
CA VAL F 41 44.53 -1.41 -29.52
C VAL F 41 43.74 -1.36 -28.23
N LEU F 42 44.08 -2.22 -27.27
CA LEU F 42 43.40 -2.25 -25.99
C LEU F 42 44.25 -1.51 -24.98
N ALA F 43 43.64 -0.57 -24.29
CA ALA F 43 44.34 0.23 -23.27
C ALA F 43 43.62 -0.04 -21.94
N ASP F 44 44.37 -0.55 -20.97
CA ASP F 44 43.78 -0.99 -19.72
C ASP F 44 44.85 -1.09 -18.65
N LEU F 45 44.44 -1.03 -17.40
CA LEU F 45 45.33 -1.32 -16.25
C LEU F 45 45.72 -2.80 -16.19
N ASN F 46 44.85 -3.66 -16.70
CA ASN F 46 44.93 -5.11 -16.49
C ASN F 46 45.84 -5.77 -17.53
N GLN F 47 47.10 -5.93 -17.17
CA GLN F 47 48.16 -6.49 -18.01
C GLN F 47 47.80 -7.89 -18.45
N ASP F 48 47.47 -8.75 -17.49
CA ASP F 48 47.20 -10.17 -17.81
C ASP F 48 46.04 -10.40 -18.77
N ALA F 49 44.86 -9.86 -18.46
CA ALA F 49 43.71 -10.01 -19.35
C ALA F 49 43.85 -9.21 -20.65
N GLY F 50 44.42 -8.02 -20.56
CA GLY F 50 44.61 -7.16 -21.73
C GLY F 50 45.53 -7.78 -22.78
N GLU F 51 46.69 -8.25 -22.35
CA GLU F 51 47.60 -8.86 -23.28
C GLU F 51 46.98 -10.13 -23.89
N ALA F 52 46.31 -10.95 -23.06
CA ALA F 52 45.70 -12.18 -23.56
C ALA F 52 44.65 -11.88 -24.60
N LEU F 53 43.79 -10.89 -24.31
CA LEU F 53 42.74 -10.58 -25.27
C LEU F 53 43.36 -10.03 -26.55
N ALA F 54 44.39 -9.18 -26.43
CA ALA F 54 45.01 -8.60 -27.63
C ALA F 54 45.58 -9.70 -28.51
N ARG F 55 46.20 -10.70 -27.88
CA ARG F 55 46.73 -11.85 -28.63
C ARG F 55 45.62 -12.64 -29.31
N GLU F 56 44.53 -12.86 -28.58
CA GLU F 56 43.38 -13.59 -29.16
C GLU F 56 42.82 -12.87 -30.39
N LEU F 57 42.73 -11.55 -30.34
CA LEU F 57 42.13 -10.76 -31.44
C LEU F 57 43.14 -10.26 -32.49
N GLY F 58 44.42 -10.58 -32.31
CA GLY F 58 45.40 -10.10 -33.26
C GLY F 58 45.64 -8.62 -33.23
N GLY F 59 45.39 -8.00 -32.07
CA GLY F 59 45.63 -6.58 -31.85
C GLY F 59 46.84 -6.33 -30.96
N VAL F 60 46.83 -5.16 -30.32
CA VAL F 60 47.93 -4.71 -29.51
C VAL F 60 47.41 -4.31 -28.16
N PHE F 61 48.14 -4.67 -27.10
CA PHE F 61 47.81 -4.19 -25.76
C PHE F 61 48.79 -3.12 -25.29
N VAL F 62 48.27 -2.07 -24.64
CA VAL F 62 49.08 -1.05 -23.96
C VAL F 62 48.59 -0.92 -22.53
N ARG F 63 49.51 -1.12 -21.58
CA ARG F 63 49.18 -0.92 -20.17
C ARG F 63 49.09 0.55 -19.94
N CYS F 64 47.90 1.01 -19.59
CA CYS F 64 47.58 2.42 -19.70
C CYS F 64 46.60 2.78 -18.63
N ASP F 65 47.00 3.67 -17.76
CA ASP F 65 46.11 4.41 -16.85
C ASP F 65 45.63 5.66 -17.60
N VAL F 66 44.36 5.66 -17.99
CA VAL F 66 43.80 6.75 -18.79
C VAL F 66 43.92 8.17 -18.20
N ALA F 67 44.15 8.28 -16.92
CA ALA F 67 44.33 9.58 -16.27
C ALA F 67 45.73 10.16 -16.46
N ARG F 68 46.68 9.37 -16.94
CA ARG F 68 48.07 9.81 -17.16
C ARG F 68 48.35 10.24 -18.58
N GLU F 69 48.90 11.45 -18.77
CA GLU F 69 49.16 11.97 -20.14
C GLU F 69 50.06 11.01 -20.92
N GLU F 70 51.14 10.56 -20.27
CA GLU F 70 52.09 9.71 -20.99
C GLU F 70 51.46 8.36 -21.42
N ASP F 71 50.49 7.86 -20.67
CA ASP F 71 49.85 6.59 -21.01
C ASP F 71 48.89 6.80 -22.17
N ALA F 72 48.15 7.91 -22.13
CA ALA F 72 47.36 8.28 -23.31
C ALA F 72 48.21 8.41 -24.59
N GLN F 73 49.34 9.10 -24.46
CA GLN F 73 50.26 9.24 -25.60
C GLN F 73 50.78 7.89 -26.10
N ALA F 74 51.11 7.00 -25.18
CA ALA F 74 51.59 5.64 -25.57
C ALA F 74 50.52 4.87 -26.28
N ALA F 75 49.28 5.00 -25.81
CA ALA F 75 48.18 4.22 -26.41
C ALA F 75 47.90 4.69 -27.78
N VAL F 76 47.89 6.00 -27.96
CA VAL F 76 47.69 6.60 -29.26
C VAL F 76 48.81 6.32 -30.25
N ALA F 77 50.06 6.32 -29.76
CA ALA F 77 51.21 6.03 -30.58
C ALA F 77 51.17 4.60 -31.05
N ALA F 78 50.75 3.66 -30.19
CA ALA F 78 50.60 2.26 -30.64
C ALA F 78 49.56 2.16 -31.76
N ALA F 79 48.47 2.89 -31.59
CA ALA F 79 47.41 2.87 -32.62
C ALA F 79 47.90 3.42 -33.96
N THR F 80 48.60 4.54 -33.96
CA THR F 80 48.98 5.19 -35.22
C THR F 80 50.10 4.35 -35.92
N LYS F 81 50.91 3.63 -35.14
CA LYS F 81 51.88 2.64 -35.69
C LYS F 81 51.15 1.49 -36.39
N LEU F 82 50.06 1.02 -35.79
CA LEU F 82 49.30 -0.12 -36.31
C LEU F 82 48.60 0.24 -37.62
N GLY F 83 48.18 1.49 -37.78
CA GLY F 83 47.42 1.85 -38.98
C GLY F 83 46.73 3.17 -38.76
N THR F 84 45.62 3.37 -39.44
CA THR F 84 44.95 4.67 -39.41
C THR F 84 43.95 4.65 -38.29
N LEU F 85 44.15 5.56 -37.32
CA LEU F 85 43.33 5.59 -36.14
C LEU F 85 41.99 6.24 -36.53
N ARG F 86 40.92 5.47 -36.58
CA ARG F 86 39.60 6.00 -36.95
C ARG F 86 38.59 6.07 -35.83
N GLY F 87 38.85 5.36 -34.73
CA GLY F 87 37.94 5.36 -33.60
C GLY F 87 38.60 5.24 -32.26
N LEU F 88 38.05 5.98 -31.29
CA LEU F 88 38.33 5.85 -29.85
C LEU F 88 37.03 5.42 -29.18
N VAL F 89 37.07 4.39 -28.38
CA VAL F 89 35.96 3.99 -27.52
C VAL F 89 36.47 4.03 -26.05
N ASN F 90 35.91 4.95 -25.28
CA ASN F 90 36.27 5.08 -23.87
C ASN F 90 35.38 4.21 -23.01
N CYS F 91 35.90 3.10 -22.54
CA CYS F 91 35.19 2.21 -21.60
C CYS F 91 35.89 2.08 -20.24
N ALA F 92 37.11 2.61 -20.04
CA ALA F 92 37.74 2.63 -18.72
C ALA F 92 36.90 3.36 -17.71
N GLY F 93 36.64 2.74 -16.57
CA GLY F 93 35.71 3.29 -15.61
C GLY F 93 35.62 2.45 -14.36
N ILE F 94 35.28 3.13 -13.27
CA ILE F 94 35.03 2.51 -11.96
C ILE F 94 33.70 3.03 -11.42
N ALA F 95 33.08 2.24 -10.54
CA ALA F 95 31.75 2.56 -10.03
C ALA F 95 31.61 2.30 -8.51
N PRO F 96 32.37 3.04 -7.70
CA PRO F 96 32.20 2.89 -6.26
C PRO F 96 30.89 3.45 -5.76
N ALA F 97 30.56 3.09 -4.53
CA ALA F 97 29.36 3.58 -3.90
C ALA F 97 29.71 4.13 -2.53
N ALA F 98 29.19 5.31 -2.23
CA ALA F 98 29.30 5.93 -0.93
C ALA F 98 28.28 7.06 -0.88
N LYS F 99 27.54 7.11 0.22
CA LYS F 99 26.59 8.18 0.46
C LYS F 99 27.27 9.52 0.80
N THR F 100 26.61 10.61 0.40
CA THR F 100 27.09 11.93 0.72
C THR F 100 27.33 12.07 2.21
N VAL F 101 26.39 11.59 3.02
CA VAL F 101 26.62 11.48 4.47
C VAL F 101 26.38 10.02 4.85
N GLY F 102 27.42 9.34 5.29
CA GLY F 102 27.31 7.94 5.69
C GLY F 102 27.19 7.84 7.20
N LYS F 103 27.13 6.60 7.68
CA LYS F 103 26.99 6.30 9.12
C LYS F 103 28.15 6.89 9.93
N ASP F 104 29.35 6.90 9.34
CA ASP F 104 30.56 7.41 10.01
C ASP F 104 31.13 8.71 9.41
N GLY F 105 30.29 9.60 8.90
CA GLY F 105 30.77 10.90 8.45
C GLY F 105 30.56 11.09 6.98
N PRO F 106 30.97 12.25 6.46
CA PRO F 106 30.79 12.53 5.04
C PRO F 106 31.52 11.56 4.14
N HIS F 107 30.95 11.35 2.96
CA HIS F 107 31.64 10.73 1.83
C HIS F 107 33.12 11.13 1.83
N PRO F 108 34.07 10.18 1.81
CA PRO F 108 35.47 10.62 1.77
C PRO F 108 35.78 11.42 0.52
N LEU F 109 36.54 12.50 0.65
CA LEU F 109 36.86 13.35 -0.50
C LEU F 109 37.63 12.59 -1.55
N GLU F 110 38.61 11.80 -1.11
CA GLU F 110 39.50 11.14 -2.08
C GLU F 110 38.73 10.11 -2.94
N LEU F 111 37.70 9.46 -2.39
CA LEU F 111 36.92 8.53 -3.19
C LEU F 111 36.19 9.30 -4.32
N PHE F 112 35.66 10.48 -4.00
CA PHE F 112 34.93 11.26 -5.03
C PHE F 112 35.94 11.68 -6.11
N ALA F 113 37.06 12.23 -5.67
CA ALA F 113 38.08 12.69 -6.59
C ALA F 113 38.61 11.59 -7.51
N LYS F 114 38.81 10.41 -6.95
CA LYS F 114 39.31 9.26 -7.74
C LYS F 114 38.32 8.84 -8.82
N THR F 115 37.05 8.77 -8.44
CA THR F 115 35.99 8.50 -9.41
C THR F 115 35.97 9.47 -10.57
N ILE F 116 36.02 10.73 -10.25
CA ILE F 116 36.05 11.82 -11.24
CA ILE F 116 36.03 11.80 -11.25
C ILE F 116 37.32 11.71 -12.10
N THR F 117 38.45 11.45 -11.46
CA THR F 117 39.71 11.41 -12.15
C THR F 117 39.75 10.26 -13.18
N VAL F 118 39.32 9.07 -12.80
CA VAL F 118 39.30 7.93 -13.71
C VAL F 118 38.27 8.11 -14.81
N ASN F 119 37.03 8.39 -14.40
CA ASN F 119 35.91 8.32 -15.33
C ASN F 119 35.80 9.53 -16.21
N LEU F 120 36.07 10.74 -15.68
CA LEU F 120 35.82 11.99 -16.40
C LEU F 120 37.14 12.56 -16.93
N ILE F 121 38.10 12.83 -16.03
CA ILE F 121 39.40 13.39 -16.48
C ILE F 121 40.09 12.36 -17.42
N GLY F 122 40.02 11.10 -17.07
CA GLY F 122 40.64 10.05 -17.90
C GLY F 122 40.04 9.97 -19.28
N THR F 123 38.70 9.99 -19.34
CA THR F 123 38.03 10.00 -20.64
C THR F 123 38.45 11.26 -21.47
N PHE F 124 38.49 12.45 -20.84
CA PHE F 124 38.91 13.62 -21.60
C PHE F 124 40.36 13.52 -22.05
N ASN F 125 41.23 13.00 -21.19
CA ASN F 125 42.64 12.85 -21.53
C ASN F 125 42.79 11.98 -22.80
N MET F 126 42.03 10.89 -22.86
CA MET F 126 42.10 9.99 -24.02
C MET F 126 41.57 10.69 -25.25
N ILE F 127 40.46 11.42 -25.07
CA ILE F 127 39.86 12.14 -26.18
C ILE F 127 40.81 13.15 -26.79
N ARG F 128 41.45 13.96 -25.96
CA ARG F 128 42.26 15.05 -26.49
C ARG F 128 43.47 14.56 -27.26
N VAL F 129 44.10 13.51 -26.76
CA VAL F 129 45.28 12.96 -27.40
C VAL F 129 44.92 12.19 -28.67
N ALA F 130 43.84 11.39 -28.59
CA ALA F 130 43.35 10.68 -29.80
C ALA F 130 42.85 11.65 -30.86
N ALA F 131 42.16 12.71 -30.47
CA ALA F 131 41.64 13.67 -31.43
C ALA F 131 42.73 14.40 -32.14
N ALA F 132 43.79 14.72 -31.42
CA ALA F 132 44.93 15.36 -32.03
C ALA F 132 45.53 14.45 -33.13
N ALA F 133 45.66 13.16 -32.86
CA ALA F 133 46.12 12.19 -33.84
C ALA F 133 45.15 12.09 -35.03
N MET F 134 43.86 11.92 -34.74
CA MET F 134 42.87 11.80 -35.81
C MET F 134 42.84 13.04 -36.72
N ALA F 135 43.06 14.20 -36.14
CA ALA F 135 43.05 15.45 -36.88
C ALA F 135 44.08 15.49 -38.01
N ALA F 136 45.15 14.69 -37.89
CA ALA F 136 46.20 14.59 -38.92
C ALA F 136 45.86 13.55 -39.99
N ASN F 137 44.80 12.77 -39.81
CA ASN F 137 44.34 11.83 -40.84
C ASN F 137 43.81 12.54 -42.05
N GLU F 138 43.89 11.85 -43.19
CA GLU F 138 43.10 12.22 -44.35
C GLU F 138 41.67 11.80 -44.04
N PRO F 139 40.67 12.60 -44.46
CA PRO F 139 39.30 12.16 -44.26
C PRO F 139 38.99 10.87 -45.00
N ALA F 140 38.10 10.06 -44.42
CA ALA F 140 37.54 8.91 -45.11
C ALA F 140 36.60 9.39 -46.23
N PRO F 141 36.15 8.47 -47.11
CA PRO F 141 35.22 8.87 -48.16
C PRO F 141 33.93 9.53 -47.70
N THR F 142 33.39 9.12 -46.54
CA THR F 142 32.19 9.76 -45.96
C THR F 142 32.45 11.13 -45.31
N GLY F 143 33.73 11.50 -45.17
CA GLY F 143 34.15 12.81 -44.69
C GLY F 143 34.84 12.81 -43.35
N GLU F 144 34.67 11.75 -42.56
CA GLU F 144 35.21 11.71 -41.20
C GLU F 144 36.69 11.48 -41.17
N ARG F 145 37.40 12.24 -40.34
CA ARG F 145 38.80 11.85 -39.98
C ARG F 145 38.80 10.79 -38.91
N GLY F 146 37.75 10.73 -38.09
CA GLY F 146 37.64 9.76 -37.00
C GLY F 146 36.33 9.97 -36.23
N VAL F 147 36.09 9.08 -35.28
CA VAL F 147 34.90 9.11 -34.45
C VAL F 147 35.27 8.69 -33.04
N ILE F 148 34.75 9.42 -32.08
CA ILE F 148 35.00 9.19 -30.66
C ILE F 148 33.68 8.81 -29.98
N VAL F 149 33.71 7.70 -29.24
CA VAL F 149 32.57 7.20 -28.47
C VAL F 149 33.00 7.11 -27.04
N SER F 150 32.25 7.77 -26.14
CA SER F 150 32.47 7.61 -24.73
C SER F 150 31.29 6.97 -24.03
N THR F 151 31.58 6.46 -22.83
CA THR F 151 30.60 5.73 -22.02
C THR F 151 30.24 6.56 -20.81
N ALA F 152 28.99 7.02 -20.78
CA ALA F 152 28.43 7.60 -19.57
C ALA F 152 27.75 6.48 -18.75
N SER F 153 26.49 6.65 -18.41
CA SER F 153 25.67 5.68 -17.66
C SER F 153 24.32 6.33 -17.50
N VAL F 154 23.29 5.53 -17.31
CA VAL F 154 22.00 6.13 -16.91
C VAL F 154 22.14 6.88 -15.59
N ALA F 155 23.19 6.58 -14.79
CA ALA F 155 23.46 7.36 -13.57
C ALA F 155 23.72 8.84 -13.83
N ALA F 156 24.02 9.23 -15.06
CA ALA F 156 24.12 10.65 -15.43
C ALA F 156 22.79 11.36 -15.23
N PHE F 157 21.70 10.57 -15.30
CA PHE F 157 20.32 11.07 -15.23
C PHE F 157 19.50 10.59 -14.03
N ASP F 158 19.76 9.35 -13.61
CA ASP F 158 18.96 8.60 -12.66
C ASP F 158 19.78 8.24 -11.42
N GLY F 159 20.75 9.08 -11.03
CA GLY F 159 21.69 8.68 -9.98
C GLY F 159 21.00 8.20 -8.73
N GLN F 160 21.44 7.05 -8.23
CA GLN F 160 20.88 6.42 -7.04
C GLN F 160 21.56 6.89 -5.78
N ILE F 161 20.93 6.58 -4.64
CA ILE F 161 21.60 6.70 -3.35
C ILE F 161 22.93 5.96 -3.40
N GLY F 162 24.00 6.62 -2.96
CA GLY F 162 25.32 6.06 -3.03
C GLY F 162 26.13 6.36 -4.30
N GLN F 163 25.47 6.94 -5.31
CA GLN F 163 26.07 7.18 -6.60
C GLN F 163 26.44 8.61 -6.89
N ALA F 164 26.61 9.48 -5.89
CA ALA F 164 26.92 10.87 -6.20
C ALA F 164 28.20 11.01 -7.04
N ALA F 165 29.26 10.29 -6.68
CA ALA F 165 30.52 10.42 -7.37
C ALA F 165 30.43 9.89 -8.81
N TYR F 166 29.86 8.69 -8.95
CA TYR F 166 29.72 8.03 -10.25
C TYR F 166 28.83 8.85 -11.14
N ALA F 167 27.69 9.30 -10.58
CA ALA F 167 26.76 10.11 -11.35
C ALA F 167 27.40 11.44 -11.79
N ALA F 168 28.13 12.09 -10.90
CA ALA F 168 28.82 13.32 -11.28
C ALA F 168 29.78 13.07 -12.45
N SER F 169 30.54 12.02 -12.33
CA SER F 169 31.52 11.71 -13.35
C SER F 169 30.87 11.43 -14.71
N LYS F 170 29.82 10.64 -14.67
CA LYS F 170 29.13 10.24 -15.93
C LYS F 170 28.27 11.35 -16.56
N ALA F 171 27.66 12.19 -15.71
CA ALA F 171 27.02 13.40 -16.21
C ALA F 171 28.02 14.32 -16.87
N GLY F 172 29.23 14.41 -16.29
CA GLY F 172 30.30 15.20 -16.91
C GLY F 172 30.64 14.68 -18.30
N VAL F 173 30.79 13.35 -18.41
CA VAL F 173 31.08 12.73 -19.72
C VAL F 173 29.95 13.06 -20.71
N ALA F 174 28.71 12.90 -20.27
CA ALA F 174 27.58 13.17 -21.14
C ALA F 174 27.53 14.63 -21.56
N GLY F 175 27.71 15.55 -20.61
CA GLY F 175 27.58 16.94 -20.89
C GLY F 175 28.67 17.53 -21.75
N MET F 176 29.84 16.91 -21.79
CA MET F 176 30.90 17.43 -22.63
C MET F 176 30.83 16.94 -24.06
N THR F 177 29.91 16.01 -24.36
CA THR F 177 29.78 15.48 -25.75
C THR F 177 29.58 16.63 -26.77
N LEU F 178 28.68 17.56 -26.44
CA LEU F 178 28.34 18.60 -27.36
C LEU F 178 29.48 19.60 -27.60
N PRO F 179 30.09 20.17 -26.52
CA PRO F 179 31.19 21.08 -26.83
C PRO F 179 32.37 20.41 -27.50
N ILE F 180 32.62 19.15 -27.21
CA ILE F 180 33.74 18.47 -27.91
C ILE F 180 33.35 18.20 -29.39
N ALA F 181 32.12 17.82 -29.64
CA ALA F 181 31.68 17.72 -31.01
C ALA F 181 31.83 19.05 -31.75
N ARG F 182 31.44 20.15 -31.09
CA ARG F 182 31.60 21.48 -31.68
C ARG F 182 33.06 21.83 -31.91
N ASP F 183 33.92 21.52 -30.93
CA ASP F 183 35.37 21.80 -31.05
C ASP F 183 35.99 21.04 -32.24
N LEU F 184 35.53 19.83 -32.48
CA LEU F 184 36.17 18.95 -33.46
C LEU F 184 35.44 18.93 -34.80
N SER F 185 34.41 19.77 -34.96
CA SER F 185 33.68 19.78 -36.23
C SER F 185 34.60 20.24 -37.37
N ARG F 186 35.49 21.20 -37.13
CA ARG F 186 36.42 21.63 -38.20
C ARG F 186 37.43 20.49 -38.56
N ASN F 187 37.65 19.55 -37.64
CA ASN F 187 38.52 18.40 -37.86
C ASN F 187 37.80 17.20 -38.42
N ALA F 188 36.50 17.31 -38.60
CA ALA F 188 35.69 16.22 -39.13
C ALA F 188 35.76 14.99 -38.22
N ILE F 189 35.72 15.21 -36.91
CA ILE F 189 35.65 14.11 -35.95
C ILE F 189 34.30 14.17 -35.28
N ARG F 190 33.53 13.11 -35.41
CA ARG F 190 32.26 12.98 -34.69
C ARG F 190 32.46 12.54 -33.26
N VAL F 191 31.60 13.00 -32.34
CA VAL F 191 31.75 12.70 -30.93
C VAL F 191 30.39 12.31 -30.40
N MET F 192 30.36 11.16 -29.75
CA MET F 192 29.10 10.59 -29.24
C MET F 192 29.30 9.92 -27.90
N THR F 193 28.19 9.75 -27.19
CA THR F 193 28.20 9.06 -25.92
C THR F 193 27.10 8.04 -25.83
N ILE F 194 27.41 6.90 -25.26
CA ILE F 194 26.40 5.88 -24.89
C ILE F 194 26.23 5.90 -23.37
N ALA F 195 24.99 5.89 -22.90
CA ALA F 195 24.66 5.79 -21.48
C ALA F 195 24.00 4.43 -21.21
N PRO F 196 24.81 3.43 -20.84
CA PRO F 196 24.21 2.12 -20.57
C PRO F 196 23.43 2.08 -19.30
N GLY F 197 22.46 1.18 -19.25
CA GLY F 197 21.72 0.92 -18.03
C GLY F 197 22.45 -0.05 -17.13
N ILE F 198 22.09 -1.33 -17.21
CA ILE F 198 22.74 -2.38 -16.41
CA ILE F 198 22.75 -2.38 -16.42
C ILE F 198 23.18 -3.51 -17.34
N PHE F 199 24.47 -3.79 -17.35
CA PHE F 199 25.08 -4.76 -18.26
C PHE F 199 25.84 -5.80 -17.48
N GLU F 200 25.82 -7.01 -18.00
CA GLU F 200 26.45 -8.17 -17.35
C GLU F 200 27.94 -8.16 -17.61
N THR F 201 28.68 -7.59 -16.67
CA THR F 201 30.15 -7.53 -16.78
C THR F 201 30.75 -7.73 -15.40
N PRO F 202 32.09 -7.80 -15.33
CA PRO F 202 32.75 -7.80 -14.02
C PRO F 202 32.57 -6.56 -13.15
N MET F 203 32.04 -5.47 -13.70
CA MET F 203 31.67 -4.34 -12.86
C MET F 203 30.64 -4.72 -11.77
N LEU F 204 29.82 -5.73 -12.04
CA LEU F 204 28.83 -6.21 -11.08
C LEU F 204 29.32 -7.27 -10.08
N LEU F 205 30.61 -7.58 -10.06
CA LEU F 205 31.17 -8.49 -9.04
C LEU F 205 30.93 -7.83 -7.68
N GLY F 206 30.38 -8.57 -6.73
CA GLY F 206 29.98 -7.98 -5.45
C GLY F 206 28.54 -7.42 -5.44
N MET F 207 27.79 -7.71 -6.49
CA MET F 207 26.32 -7.66 -6.46
C MET F 207 25.90 -9.14 -6.49
N PRO F 208 25.15 -9.61 -5.46
CA PRO F 208 24.78 -11.05 -5.45
C PRO F 208 23.88 -11.48 -6.63
N GLN F 209 24.06 -12.72 -7.11
CA GLN F 209 23.39 -13.22 -8.31
C GLN F 209 21.86 -13.05 -8.28
N GLU F 210 21.26 -13.29 -7.11
CA GLU F 210 19.82 -13.04 -6.90
C GLU F 210 19.45 -11.55 -7.08
N VAL F 211 20.32 -10.64 -6.64
CA VAL F 211 20.07 -9.19 -6.75
C VAL F 211 20.26 -8.69 -8.18
N GLN F 212 21.21 -9.29 -8.90
CA GLN F 212 21.35 -9.08 -10.36
C GLN F 212 20.10 -9.55 -11.11
N ASP F 213 19.65 -10.77 -10.79
CA ASP F 213 18.45 -11.35 -11.41
C ASP F 213 17.21 -10.47 -11.19
N ALA F 214 17.10 -9.91 -9.98
CA ALA F 214 15.96 -9.08 -9.62
C ALA F 214 16.04 -7.71 -10.27
N LEU F 215 17.26 -7.20 -10.41
CA LEU F 215 17.47 -5.96 -11.10
C LEU F 215 17.12 -6.11 -12.58
N GLY F 216 17.57 -7.20 -13.19
CA GLY F 216 17.13 -7.57 -14.53
C GLY F 216 15.62 -7.65 -14.68
N ALA F 217 14.94 -8.19 -13.67
CA ALA F 217 13.47 -8.31 -13.73
C ALA F 217 12.76 -6.96 -13.72
N MET F 218 13.45 -5.90 -13.29
CA MET F 218 12.86 -4.57 -13.30
C MET F 218 13.10 -3.79 -14.59
N VAL F 219 13.95 -4.29 -15.49
CA VAL F 219 14.13 -3.69 -16.79
C VAL F 219 12.85 -3.95 -17.60
N PRO F 220 12.15 -2.89 -18.04
CA PRO F 220 10.87 -3.09 -18.75
C PRO F 220 10.93 -4.09 -19.92
N PHE F 221 11.86 -3.88 -20.84
CA PHE F 221 12.14 -4.91 -21.83
C PHE F 221 13.46 -4.63 -22.52
N PRO F 222 14.34 -5.63 -22.65
CA PRO F 222 14.15 -7.00 -22.21
C PRO F 222 14.41 -7.14 -20.69
N PRO F 223 13.70 -8.07 -20.02
CA PRO F 223 13.83 -8.21 -18.58
C PRO F 223 15.08 -8.97 -18.15
N ARG F 224 16.24 -8.40 -18.47
CA ARG F 224 17.51 -9.04 -18.20
C ARG F 224 18.59 -7.99 -18.27
N LEU F 225 19.79 -8.38 -17.86
CA LEU F 225 20.93 -7.50 -17.99
C LEU F 225 21.36 -7.41 -19.44
N GLY F 226 21.93 -6.29 -19.81
CA GLY F 226 22.44 -6.12 -21.16
C GLY F 226 23.67 -6.98 -21.38
N LYS F 227 23.85 -7.41 -22.62
CA LYS F 227 25.03 -8.14 -23.05
C LYS F 227 26.07 -7.18 -23.62
N PRO F 228 27.35 -7.39 -23.32
CA PRO F 228 28.39 -6.58 -23.94
C PRO F 228 28.25 -6.42 -25.46
N ALA F 229 27.85 -7.47 -26.19
CA ALA F 229 27.67 -7.39 -27.63
C ALA F 229 26.64 -6.33 -28.04
N GLU F 230 25.64 -6.10 -27.19
CA GLU F 230 24.59 -5.12 -27.48
C GLU F 230 25.10 -3.68 -27.33
N TYR F 231 26.01 -3.46 -26.37
CA TYR F 231 26.75 -2.22 -26.34
C TYR F 231 27.59 -2.03 -27.60
N ALA F 232 28.33 -3.08 -27.95
CA ALA F 232 29.21 -3.06 -29.10
C ALA F 232 28.47 -2.80 -30.42
N MET F 233 27.27 -3.35 -30.55
CA MET F 233 26.44 -3.10 -31.72
C MET F 233 26.12 -1.61 -31.92
N LEU F 234 25.82 -0.93 -30.82
CA LEU F 234 25.58 0.50 -30.89
C LEU F 234 26.81 1.30 -31.21
N VAL F 235 27.95 0.95 -30.60
CA VAL F 235 29.22 1.55 -31.01
C VAL F 235 29.39 1.43 -32.54
N ARG F 236 29.14 0.26 -33.10
CA ARG F 236 29.31 0.07 -34.52
C ARG F 236 28.38 0.98 -35.30
N GLN F 237 27.10 1.09 -34.87
CA GLN F 237 26.18 2.01 -35.54
C GLN F 237 26.69 3.44 -35.53
N ILE F 238 27.23 3.88 -34.39
CA ILE F 238 27.79 5.20 -34.32
C ILE F 238 28.90 5.41 -35.33
N PHE F 239 29.83 4.45 -35.41
CA PHE F 239 30.86 4.57 -36.39
C PHE F 239 30.33 4.64 -37.81
N GLU F 240 29.32 3.83 -38.07
CA GLU F 240 28.76 3.66 -39.43
C GLU F 240 27.73 4.69 -39.87
N ASN F 241 27.21 5.51 -38.96
CA ASN F 241 26.18 6.47 -39.31
C ASN F 241 26.73 7.89 -39.30
N PRO F 242 26.95 8.48 -40.50
CA PRO F 242 27.58 9.78 -40.49
C PRO F 242 26.81 10.90 -39.83
N MET F 243 25.52 10.73 -39.54
CA MET F 243 24.71 11.80 -38.99
C MET F 243 24.66 11.78 -37.46
N LEU F 244 25.23 10.76 -36.83
CA LEU F 244 25.20 10.71 -35.37
C LEU F 244 26.33 11.52 -34.78
N ASN F 245 26.01 12.65 -34.16
CA ASN F 245 27.05 13.50 -33.60
C ASN F 245 26.50 14.34 -32.47
N GLY F 246 27.31 14.52 -31.45
CA GLY F 246 26.94 15.44 -30.39
C GLY F 246 25.82 15.01 -29.47
N GLU F 247 25.58 13.71 -29.38
CA GLU F 247 24.42 13.16 -28.72
C GLU F 247 24.80 12.10 -27.71
N VAL F 248 23.92 11.89 -26.75
CA VAL F 248 23.98 10.83 -25.73
C VAL F 248 22.82 9.88 -25.91
N ILE F 249 23.10 8.59 -26.03
CA ILE F 249 22.06 7.58 -26.27
C ILE F 249 21.97 6.66 -25.07
N ARG F 250 20.80 6.66 -24.43
CA ARG F 250 20.52 5.66 -23.38
C ARG F 250 20.33 4.29 -24.00
N LEU F 251 21.06 3.34 -23.46
CA LEU F 251 20.98 1.93 -23.89
C LEU F 251 20.65 1.08 -22.67
N ASP F 252 19.37 0.87 -22.40
CA ASP F 252 18.95 0.49 -21.05
C ASP F 252 17.63 -0.24 -20.88
N GLY F 253 17.03 -0.72 -21.96
CA GLY F 253 15.81 -1.48 -21.82
C GLY F 253 14.63 -0.68 -21.26
N ALA F 254 14.73 0.64 -21.34
CA ALA F 254 13.75 1.58 -20.79
C ALA F 254 13.70 1.67 -19.29
N ILE F 255 14.70 1.17 -18.58
CA ILE F 255 14.74 1.28 -17.12
C ILE F 255 14.93 2.73 -16.73
N ARG F 256 14.40 3.09 -15.56
CA ARG F 256 14.74 4.34 -14.91
C ARG F 256 15.08 3.94 -13.49
N MET F 257 16.27 4.31 -13.04
CA MET F 257 16.77 3.80 -11.77
C MET F 257 16.16 4.54 -10.57
N GLN F 258 15.65 3.76 -9.63
CA GLN F 258 15.04 4.24 -8.41
C GLN F 258 16.11 4.60 -7.40
N PRO F 259 15.73 5.32 -6.32
CA PRO F 259 16.76 5.68 -5.34
C PRO F 259 17.54 4.46 -4.78
N LYS F 260 16.84 3.35 -4.57
CA LYS F 260 17.38 2.13 -3.94
C LYS F 260 17.12 0.98 -4.89
N HIS G 6 19.15 -15.43 -32.70
CA HIS G 6 19.67 -15.36 -31.30
C HIS G 6 20.20 -13.99 -30.88
N HIS G 7 20.79 -13.23 -31.81
CA HIS G 7 21.44 -11.95 -31.47
C HIS G 7 20.53 -10.74 -31.75
N HIS G 8 19.65 -10.85 -32.75
CA HIS G 8 18.70 -9.77 -32.99
C HIS G 8 17.54 -10.10 -33.89
N MET G 9 16.54 -9.25 -33.85
CA MET G 9 15.31 -9.49 -34.55
C MET G 9 15.60 -9.47 -36.04
N GLU G 10 15.05 -10.44 -36.75
CA GLU G 10 15.27 -10.59 -38.18
C GLU G 10 14.35 -9.65 -38.94
N ILE G 11 14.93 -8.90 -39.87
CA ILE G 11 14.15 -8.13 -40.81
C ILE G 11 13.65 -9.03 -41.96
N ARG G 12 14.51 -9.92 -42.43
CA ARG G 12 14.19 -10.69 -43.63
C ARG G 12 12.91 -11.46 -43.45
N ASP G 13 12.00 -11.34 -44.42
CA ASP G 13 10.70 -12.04 -44.44
C ASP G 13 9.69 -11.60 -43.41
N ASN G 14 10.00 -10.60 -42.62
CA ASN G 14 9.01 -10.02 -41.71
C ASN G 14 8.43 -8.77 -42.33
N VAL G 15 7.28 -8.31 -41.78
CA VAL G 15 6.55 -7.21 -42.32
C VAL G 15 6.77 -5.95 -41.46
N PHE G 16 6.93 -4.81 -42.15
CA PHE G 16 7.14 -3.50 -41.58
C PHE G 16 6.13 -2.53 -42.15
N LEU G 17 5.41 -1.85 -41.26
CA LEU G 17 4.41 -0.89 -41.66
C LEU G 17 5.04 0.50 -41.47
N ILE G 18 5.13 1.24 -42.55
CA ILE G 18 5.80 2.55 -42.54
C ILE G 18 4.77 3.63 -42.95
N THR G 19 4.42 4.52 -42.02
CA THR G 19 3.50 5.62 -42.36
C THR G 19 4.33 6.73 -42.94
N GLY G 20 3.76 7.55 -43.79
CA GLY G 20 4.56 8.50 -44.55
C GLY G 20 5.52 7.81 -45.50
N GLY G 21 5.23 6.56 -45.85
CA GLY G 21 6.13 5.72 -46.59
C GLY G 21 6.31 6.07 -48.06
N ALA G 22 5.50 7.00 -48.59
CA ALA G 22 5.56 7.44 -49.96
C ALA G 22 6.65 8.45 -50.27
N SER G 23 7.35 8.96 -49.26
CA SER G 23 8.24 10.09 -49.49
C SER G 23 9.28 10.11 -48.42
N GLY G 24 10.33 10.83 -48.73
CA GLY G 24 11.32 11.22 -47.73
C GLY G 24 11.83 10.14 -46.80
N LEU G 25 11.72 10.36 -45.50
CA LEU G 25 12.33 9.45 -44.54
C LEU G 25 11.62 8.07 -44.50
N GLY G 26 10.30 8.09 -44.72
CA GLY G 26 9.51 6.88 -44.79
C GLY G 26 9.93 6.02 -45.99
N ALA G 27 10.12 6.67 -47.14
CA ALA G 27 10.50 6.00 -48.39
C ALA G 27 11.89 5.46 -48.25
N GLY G 28 12.79 6.22 -47.63
CA GLY G 28 14.16 5.76 -47.47
C GLY G 28 14.21 4.53 -46.55
N THR G 29 13.35 4.53 -45.52
CA THR G 29 13.25 3.41 -44.59
C THR G 29 12.71 2.19 -45.33
N ALA G 30 11.68 2.39 -46.13
CA ALA G 30 11.14 1.31 -46.95
C ALA G 30 12.22 0.69 -47.83
N ARG G 31 12.97 1.52 -48.53
CA ARG G 31 14.03 1.00 -49.40
C ARG G 31 15.05 0.18 -48.64
N LEU G 32 15.51 0.65 -47.47
CA LEU G 32 16.52 -0.10 -46.76
CA LEU G 32 16.52 -0.08 -46.74
C LEU G 32 15.96 -1.39 -46.18
N LEU G 33 14.74 -1.36 -45.68
CA LEU G 33 14.19 -2.57 -45.10
C LEU G 33 13.93 -3.61 -46.22
N THR G 34 13.53 -3.16 -47.39
CA THR G 34 13.33 -4.05 -48.52
C THR G 34 14.67 -4.66 -48.98
N GLU G 35 15.72 -3.86 -49.06
CA GLU G 35 17.07 -4.38 -49.42
C GLU G 35 17.54 -5.48 -48.46
N ALA G 36 17.12 -5.38 -47.21
CA ALA G 36 17.40 -6.36 -46.16
C ALA G 36 16.44 -7.54 -46.13
N GLY G 37 15.52 -7.63 -47.10
CA GLY G 37 14.60 -8.71 -47.25
C GLY G 37 13.30 -8.57 -46.53
N GLY G 38 13.06 -7.39 -45.94
CA GLY G 38 11.78 -7.12 -45.26
C GLY G 38 10.68 -6.91 -46.27
N LYS G 39 9.43 -7.10 -45.83
CA LYS G 39 8.25 -6.90 -46.66
C LYS G 39 7.60 -5.64 -46.11
N VAL G 40 7.37 -4.66 -46.96
CA VAL G 40 6.89 -3.37 -46.47
C VAL G 40 5.47 -3.05 -46.88
N VAL G 41 4.74 -2.46 -45.92
CA VAL G 41 3.43 -1.85 -46.18
C VAL G 41 3.62 -0.35 -46.02
N LEU G 42 3.29 0.40 -47.08
CA LEU G 42 3.48 1.85 -47.13
C LEU G 42 2.13 2.48 -46.91
N ALA G 43 2.01 3.25 -45.85
CA ALA G 43 0.73 3.93 -45.48
C ALA G 43 0.89 5.44 -45.63
N ASP G 44 0.13 6.05 -46.54
CA ASP G 44 0.31 7.45 -46.88
C ASP G 44 -0.96 7.99 -47.53
N LEU G 45 -1.10 9.32 -47.53
CA LEU G 45 -2.13 10.01 -48.33
C LEU G 45 -1.86 10.04 -49.82
N ASN G 46 -0.58 10.01 -50.18
CA ASN G 46 -0.13 10.15 -51.57
C ASN G 46 -0.19 8.83 -52.31
N GLN G 47 -1.32 8.60 -52.98
CA GLN G 47 -1.55 7.34 -53.70
C GLN G 47 -0.64 7.14 -54.89
N ASP G 48 -0.42 8.19 -55.70
CA ASP G 48 0.40 8.02 -56.89
C ASP G 48 1.85 7.67 -56.52
N ALA G 49 2.44 8.38 -55.57
CA ALA G 49 3.83 8.07 -55.20
C ALA G 49 3.90 6.77 -54.41
N GLY G 50 2.87 6.52 -53.59
CA GLY G 50 2.80 5.35 -52.76
C GLY G 50 2.71 4.08 -53.57
N GLU G 51 1.77 4.03 -54.50
CA GLU G 51 1.65 2.88 -55.39
C GLU G 51 2.94 2.66 -56.19
N ALA G 52 3.52 3.73 -56.69
CA ALA G 52 4.73 3.62 -57.47
C ALA G 52 5.90 3.05 -56.68
N LEU G 53 6.02 3.47 -55.43
CA LEU G 53 7.11 2.96 -54.61
C LEU G 53 6.85 1.49 -54.24
N ALA G 54 5.60 1.17 -53.94
CA ALA G 54 5.23 -0.20 -53.70
C ALA G 54 5.56 -1.11 -54.93
N ARG G 55 5.36 -0.61 -56.14
CA ARG G 55 5.71 -1.40 -57.35
C ARG G 55 7.22 -1.55 -57.48
N GLU G 56 7.96 -0.51 -57.10
CA GLU G 56 9.40 -0.54 -57.21
C GLU G 56 9.98 -1.54 -56.19
N LEU G 57 9.40 -1.59 -55.00
CA LEU G 57 9.92 -2.35 -53.87
C LEU G 57 9.29 -3.72 -53.67
N GLY G 58 8.16 -4.01 -54.32
CA GLY G 58 7.48 -5.27 -54.11
C GLY G 58 6.68 -5.31 -52.83
N GLY G 59 6.31 -4.13 -52.32
CA GLY G 59 5.47 -3.99 -51.13
C GLY G 59 4.01 -3.75 -51.45
N VAL G 60 3.27 -3.39 -50.42
CA VAL G 60 1.89 -3.10 -50.50
C VAL G 60 1.72 -1.64 -50.14
N PHE G 61 0.90 -0.94 -50.89
CA PHE G 61 0.46 0.41 -50.55
C PHE G 61 -0.96 0.44 -50.02
N VAL G 62 -1.15 1.17 -48.90
CA VAL G 62 -2.48 1.44 -48.32
C VAL G 62 -2.71 2.95 -48.14
N ARG G 63 -3.77 3.47 -48.77
CA ARG G 63 -4.13 4.86 -48.65
C ARG G 63 -4.60 5.01 -47.18
N CYS G 64 -3.96 5.90 -46.44
CA CYS G 64 -4.17 5.94 -45.02
C CYS G 64 -3.90 7.33 -44.51
N ASP G 65 -4.92 7.97 -43.95
CA ASP G 65 -4.75 9.13 -43.10
C ASP G 65 -4.54 8.64 -41.67
N VAL G 66 -3.36 8.87 -41.10
CA VAL G 66 -2.99 8.27 -39.81
C VAL G 66 -3.85 8.73 -38.63
N ALA G 67 -4.53 9.83 -38.78
CA ALA G 67 -5.40 10.38 -37.74
C ALA G 67 -6.72 9.64 -37.61
N ARG G 68 -7.08 8.85 -38.62
CA ARG G 68 -8.36 8.15 -38.62
C ARG G 68 -8.25 6.70 -38.13
N GLU G 69 -9.15 6.35 -37.22
CA GLU G 69 -9.19 5.02 -36.70
C GLU G 69 -9.34 3.97 -37.85
N GLU G 70 -10.28 4.20 -38.74
CA GLU G 70 -10.55 3.19 -39.76
C GLU G 70 -9.36 2.98 -40.72
N ASP G 71 -8.63 4.06 -40.96
CA ASP G 71 -7.45 4.01 -41.81
C ASP G 71 -6.28 3.24 -41.15
N ALA G 72 -6.03 3.49 -39.87
CA ALA G 72 -5.05 2.71 -39.13
C ALA G 72 -5.42 1.22 -39.13
N GLN G 73 -6.70 0.92 -38.93
CA GLN G 73 -7.14 -0.48 -38.92
C GLN G 73 -6.88 -1.15 -40.26
N ALA G 74 -7.12 -0.43 -41.33
CA ALA G 74 -6.92 -0.98 -42.66
C ALA G 74 -5.44 -1.16 -42.93
N ALA G 75 -4.61 -0.22 -42.47
CA ALA G 75 -3.15 -0.35 -42.71
C ALA G 75 -2.57 -1.50 -41.94
N VAL G 76 -2.94 -1.64 -40.68
CA VAL G 76 -2.49 -2.77 -39.85
C VAL G 76 -3.00 -4.11 -40.39
N ALA G 77 -4.26 -4.17 -40.79
CA ALA G 77 -4.82 -5.39 -41.40
C ALA G 77 -4.08 -5.81 -42.67
N ALA G 78 -3.66 -4.85 -43.51
CA ALA G 78 -2.88 -5.18 -44.72
C ALA G 78 -1.55 -5.81 -44.34
N ALA G 79 -0.95 -5.31 -43.28
CA ALA G 79 0.36 -5.79 -42.86
C ALA G 79 0.25 -7.20 -42.28
N THR G 80 -0.76 -7.45 -41.44
CA THR G 80 -0.90 -8.77 -40.85
C THR G 80 -1.32 -9.82 -41.89
N LYS G 81 -2.00 -9.39 -42.96
CA LYS G 81 -2.35 -10.31 -44.09
C LYS G 81 -1.09 -10.67 -44.88
N LEU G 82 -0.17 -9.72 -45.01
CA LEU G 82 1.09 -9.97 -45.71
C LEU G 82 2.03 -10.95 -45.00
N GLY G 83 2.02 -10.93 -43.67
CA GLY G 83 2.93 -11.78 -42.88
C GLY G 83 2.96 -11.36 -41.42
N THR G 84 4.06 -11.63 -40.73
CA THR G 84 4.16 -11.29 -39.33
C THR G 84 4.65 -9.83 -39.17
N LEU G 85 3.82 -8.98 -38.57
CA LEU G 85 4.11 -7.58 -38.40
C LEU G 85 5.08 -7.47 -37.25
N ARG G 86 6.32 -7.07 -37.56
CA ARG G 86 7.34 -6.95 -36.54
C ARG G 86 7.77 -5.50 -36.30
N GLY G 87 7.36 -4.56 -37.14
CA GLY G 87 7.84 -3.18 -37.00
C GLY G 87 6.82 -2.17 -37.49
N LEU G 88 6.62 -1.11 -36.70
CA LEU G 88 5.93 0.12 -37.15
C LEU G 88 6.93 1.23 -37.16
N VAL G 89 6.96 1.98 -38.24
CA VAL G 89 7.79 3.18 -38.31
C VAL G 89 6.89 4.34 -38.67
N ASN G 90 6.71 5.23 -37.71
CA ASN G 90 5.88 6.40 -37.94
C ASN G 90 6.68 7.53 -38.54
N CYS G 91 6.46 7.82 -39.80
CA CYS G 91 7.04 8.93 -40.46
C CYS G 91 6.04 9.97 -41.00
N ALA G 92 4.73 9.68 -41.02
CA ALA G 92 3.76 10.66 -41.46
C ALA G 92 3.79 11.91 -40.63
N GLY G 93 3.94 13.06 -41.26
CA GLY G 93 3.99 14.33 -40.54
C GLY G 93 3.93 15.52 -41.44
N ILE G 94 3.56 16.66 -40.85
CA ILE G 94 3.57 17.94 -41.53
C ILE G 94 4.33 18.94 -40.66
N ALA G 95 4.80 20.00 -41.28
CA ALA G 95 5.61 20.96 -40.53
C ALA G 95 5.29 22.39 -40.95
N PRO G 96 4.09 22.88 -40.65
CA PRO G 96 3.79 24.28 -40.98
C PRO G 96 4.53 25.24 -40.04
N ALA G 97 4.59 26.48 -40.45
CA ALA G 97 5.22 27.52 -39.65
C ALA G 97 4.21 28.63 -39.43
N ALA G 98 4.11 29.09 -38.18
CA ALA G 98 3.28 30.26 -37.87
C ALA G 98 3.66 30.72 -36.47
N LYS G 99 3.86 32.01 -36.31
CA LYS G 99 4.18 32.57 -34.98
C LYS G 99 2.96 32.60 -34.06
N THR G 100 3.24 32.55 -32.77
CA THR G 100 2.20 32.57 -31.74
C THR G 100 1.36 33.87 -31.88
N VAL G 101 2.04 35.00 -32.08
CA VAL G 101 1.39 36.27 -32.45
C VAL G 101 2.01 36.72 -33.76
N GLY G 102 1.21 36.69 -34.81
CA GLY G 102 1.68 37.01 -36.15
C GLY G 102 1.36 38.45 -36.53
N LYS G 103 1.71 38.79 -37.79
CA LYS G 103 1.41 40.11 -38.37
C LYS G 103 -0.08 40.46 -38.24
N ASP G 104 -0.94 39.45 -38.42
CA ASP G 104 -2.39 39.65 -38.51
C ASP G 104 -3.18 39.14 -37.30
N GLY G 105 -2.53 38.88 -36.18
CA GLY G 105 -3.23 38.39 -34.99
C GLY G 105 -2.62 37.08 -34.51
N PRO G 106 -3.27 36.42 -33.55
CA PRO G 106 -2.75 35.13 -33.05
C PRO G 106 -2.67 34.04 -34.08
N HIS G 107 -1.73 33.13 -33.87
CA HIS G 107 -1.65 31.85 -34.57
C HIS G 107 -3.06 31.28 -34.71
N PRO G 108 -3.48 30.89 -35.93
CA PRO G 108 -4.83 30.30 -35.99
C PRO G 108 -4.95 29.03 -35.16
N LEU G 109 -6.08 28.81 -34.51
CA LEU G 109 -6.25 27.65 -33.70
C LEU G 109 -6.22 26.38 -34.54
N GLU G 110 -6.92 26.39 -35.67
CA GLU G 110 -7.03 25.16 -36.45
C GLU G 110 -5.70 24.67 -36.99
N LEU G 111 -4.79 25.59 -37.31
CA LEU G 111 -3.47 25.20 -37.76
C LEU G 111 -2.70 24.42 -36.67
N PHE G 112 -2.76 24.92 -35.43
CA PHE G 112 -2.16 24.23 -34.30
C PHE G 112 -2.82 22.84 -34.12
N ALA G 113 -4.14 22.83 -34.11
CA ALA G 113 -4.88 21.58 -33.93
C ALA G 113 -4.53 20.56 -35.02
N LYS G 114 -4.44 21.02 -36.28
CA LYS G 114 -4.14 20.12 -37.40
CA LYS G 114 -4.16 20.10 -37.39
C LYS G 114 -2.78 19.47 -37.26
N THR G 115 -1.79 20.29 -36.92
CA THR G 115 -0.42 19.81 -36.71
C THR G 115 -0.37 18.74 -35.63
N ILE G 116 -1.03 19.02 -34.52
CA ILE G 116 -1.13 18.10 -33.39
CA ILE G 116 -1.10 18.09 -33.41
C ILE G 116 -1.83 16.82 -33.83
N THR G 117 -2.90 16.97 -34.58
CA THR G 117 -3.74 15.84 -35.00
C THR G 117 -2.97 14.91 -35.92
N VAL G 118 -2.29 15.44 -36.93
CA VAL G 118 -1.50 14.59 -37.85
C VAL G 118 -0.29 13.99 -37.13
N ASN G 119 0.47 14.83 -36.44
CA ASN G 119 1.79 14.39 -36.00
C ASN G 119 1.75 13.62 -34.72
N LEU G 120 0.88 14.03 -33.78
CA LEU G 120 0.84 13.45 -32.44
C LEU G 120 -0.30 12.45 -32.30
N ILE G 121 -1.53 12.90 -32.55
CA ILE G 121 -2.69 12.00 -32.43
C ILE G 121 -2.55 10.89 -33.50
N GLY G 122 -2.14 11.25 -34.72
CA GLY G 122 -1.90 10.27 -35.78
C GLY G 122 -0.88 9.22 -35.42
N THR G 123 0.25 9.64 -34.82
CA THR G 123 1.29 8.70 -34.44
C THR G 123 0.76 7.77 -33.32
N PHE G 124 0.05 8.33 -32.35
CA PHE G 124 -0.53 7.46 -31.32
C PHE G 124 -1.57 6.47 -31.88
N ASN G 125 -2.36 6.95 -32.81
CA ASN G 125 -3.39 6.11 -33.42
C ASN G 125 -2.76 4.91 -34.11
N MET G 126 -1.68 5.16 -34.84
CA MET G 126 -0.96 4.05 -35.51
C MET G 126 -0.34 3.10 -34.48
N ILE G 127 0.24 3.67 -33.42
CA ILE G 127 0.88 2.87 -32.39
C ILE G 127 -0.13 1.94 -31.70
N ARG G 128 -1.28 2.49 -31.28
CA ARG G 128 -2.22 1.67 -30.50
C ARG G 128 -2.75 0.49 -31.31
N VAL G 129 -3.04 0.73 -32.57
CA VAL G 129 -3.61 -0.32 -33.45
C VAL G 129 -2.53 -1.36 -33.82
N ALA G 130 -1.35 -0.88 -34.17
CA ALA G 130 -0.23 -1.79 -34.49
C ALA G 130 0.19 -2.57 -33.26
N ALA G 131 0.24 -1.94 -32.09
CA ALA G 131 0.66 -2.63 -30.89
C ALA G 131 -0.32 -3.73 -30.54
N ALA G 132 -1.59 -3.46 -30.69
CA ALA G 132 -2.59 -4.50 -30.40
C ALA G 132 -2.35 -5.71 -31.31
N ALA G 133 -2.03 -5.46 -32.56
CA ALA G 133 -1.75 -6.55 -33.51
C ALA G 133 -0.48 -7.30 -33.16
N MET G 134 0.59 -6.57 -32.89
CA MET G 134 1.87 -7.19 -32.51
C MET G 134 1.77 -8.02 -31.25
N ALA G 135 0.92 -7.57 -30.32
CA ALA G 135 0.72 -8.24 -29.03
C ALA G 135 0.24 -9.66 -29.20
N ALA G 136 -0.42 -9.94 -30.33
CA ALA G 136 -0.89 -11.28 -30.68
C ALA G 136 0.17 -12.16 -31.34
N ASN G 137 1.29 -11.59 -31.77
CA ASN G 137 2.37 -12.39 -32.31
C ASN G 137 3.02 -13.32 -31.30
N GLU G 138 3.60 -14.40 -31.80
CA GLU G 138 4.61 -15.13 -31.00
C GLU G 138 5.88 -14.30 -30.90
N PRO G 139 6.55 -14.34 -29.74
CA PRO G 139 7.87 -13.69 -29.70
C PRO G 139 8.86 -14.26 -30.69
N ALA G 140 9.66 -13.40 -31.29
CA ALA G 140 10.82 -13.82 -32.08
C ALA G 140 11.88 -14.41 -31.12
N PRO G 141 12.94 -15.06 -31.66
CA PRO G 141 13.95 -15.64 -30.77
C PRO G 141 14.61 -14.71 -29.75
N THR G 142 14.81 -13.43 -30.10
CA THR G 142 15.38 -12.43 -29.16
C THR G 142 14.36 -11.96 -28.14
N GLY G 143 13.08 -12.29 -28.33
CA GLY G 143 12.05 -12.08 -27.32
C GLY G 143 10.98 -11.10 -27.69
N GLU G 144 11.25 -10.26 -28.70
CA GLU G 144 10.34 -9.21 -29.08
C GLU G 144 9.18 -9.80 -29.86
N ARG G 145 7.99 -9.33 -29.53
CA ARG G 145 6.85 -9.44 -30.44
C ARG G 145 6.87 -8.42 -31.57
N GLY G 146 7.46 -7.28 -31.32
CA GLY G 146 7.55 -6.23 -32.32
C GLY G 146 8.29 -5.04 -31.77
N VAL G 147 8.56 -4.09 -32.66
CA VAL G 147 9.27 -2.86 -32.32
C VAL G 147 8.57 -1.71 -33.00
N ILE G 148 8.41 -0.62 -32.27
CA ILE G 148 7.77 0.58 -32.77
C ILE G 148 8.77 1.72 -32.76
N VAL G 149 8.91 2.41 -33.89
CA VAL G 149 9.82 3.54 -34.01
C VAL G 149 8.99 4.69 -34.49
N SER G 150 9.06 5.82 -33.75
CA SER G 150 8.40 7.05 -34.17
C SER G 150 9.41 8.17 -34.47
N THR G 151 8.93 9.19 -35.17
CA THR G 151 9.78 10.30 -35.58
C THR G 151 9.33 11.53 -34.85
N ALA G 152 10.19 12.03 -33.98
CA ALA G 152 9.98 13.35 -33.44
C ALA G 152 10.72 14.36 -34.34
N SER G 153 11.57 15.19 -33.76
CA SER G 153 12.36 16.18 -34.46
C SER G 153 13.22 16.84 -33.39
N VAL G 154 14.35 17.43 -33.79
CA VAL G 154 15.07 18.30 -32.85
C VAL G 154 14.19 19.44 -32.39
N ALA G 155 13.14 19.78 -33.12
CA ALA G 155 12.19 20.80 -32.66
C ALA G 155 11.49 20.48 -31.37
N ALA G 156 11.51 19.21 -30.94
CA ALA G 156 11.01 18.82 -29.63
C ALA G 156 11.75 19.51 -28.54
N PHE G 157 13.03 19.83 -28.83
CA PHE G 157 13.96 20.43 -27.85
C PHE G 157 14.44 21.85 -28.21
N ASP G 158 14.51 22.15 -29.50
CA ASP G 158 15.19 23.32 -30.05
C ASP G 158 14.19 24.17 -30.88
N GLY G 159 12.91 24.17 -30.50
CA GLY G 159 11.87 24.76 -31.32
C GLY G 159 12.19 26.19 -31.71
N GLN G 160 12.06 26.50 -32.98
CA GLN G 160 12.41 27.81 -33.54
C GLN G 160 11.19 28.74 -33.52
N ILE G 161 11.46 30.02 -33.82
CA ILE G 161 10.38 31.00 -34.06
C ILE G 161 9.51 30.43 -35.18
N GLY G 162 8.20 30.41 -34.96
CA GLY G 162 7.27 29.88 -35.95
C GLY G 162 6.96 28.40 -35.80
N GLN G 163 7.66 27.69 -34.91
CA GLN G 163 7.49 26.26 -34.73
C GLN G 163 6.73 25.82 -33.52
N ALA G 164 5.92 26.67 -32.90
CA ALA G 164 5.24 26.26 -31.69
C ALA G 164 4.41 25.00 -31.91
N ALA G 165 3.61 24.96 -32.96
CA ALA G 165 2.76 23.81 -33.17
C ALA G 165 3.55 22.52 -33.48
N TYR G 166 4.50 22.65 -34.38
CA TYR G 166 5.34 21.52 -34.75
C TYR G 166 6.12 21.00 -33.53
N ALA G 167 6.75 21.92 -32.81
CA ALA G 167 7.46 21.55 -31.60
C ALA G 167 6.57 20.86 -30.55
N ALA G 168 5.40 21.41 -30.31
CA ALA G 168 4.47 20.77 -29.41
C ALA G 168 4.19 19.32 -29.80
N SER G 169 3.93 19.14 -31.09
CA SER G 169 3.54 17.84 -31.60
C SER G 169 4.70 16.86 -31.43
N LYS G 170 5.90 17.33 -31.71
CA LYS G 170 7.07 16.44 -31.69
C LYS G 170 7.60 16.18 -30.28
N ALA G 171 7.47 17.17 -29.40
CA ALA G 171 7.75 16.96 -28.01
C ALA G 171 6.75 15.94 -27.41
N GLY G 172 5.49 16.01 -27.84
CA GLY G 172 4.50 15.03 -27.47
C GLY G 172 4.91 13.61 -27.86
N VAL G 173 5.35 13.45 -29.10
CA VAL G 173 5.83 12.17 -29.61
C VAL G 173 6.99 11.68 -28.77
N ALA G 174 7.95 12.59 -28.56
CA ALA G 174 9.11 12.24 -27.74
C ALA G 174 8.71 11.83 -26.32
N GLY G 175 7.87 12.61 -25.67
CA GLY G 175 7.56 12.38 -24.29
C GLY G 175 6.74 11.12 -24.02
N MET G 176 5.99 10.67 -25.00
CA MET G 176 5.18 9.50 -24.76
C MET G 176 5.97 8.19 -25.00
N THR G 177 7.20 8.28 -25.51
CA THR G 177 8.03 7.09 -25.74
C THR G 177 8.13 6.22 -24.49
N LEU G 178 8.47 6.84 -23.35
CA LEU G 178 8.64 6.09 -22.12
C LEU G 178 7.38 5.43 -21.59
N PRO G 179 6.26 6.18 -21.46
CA PRO G 179 5.08 5.48 -20.98
C PRO G 179 4.56 4.41 -21.90
N ILE G 180 4.73 4.55 -23.19
CA ILE G 180 4.27 3.53 -24.11
C ILE G 180 5.22 2.31 -24.01
N ALA G 181 6.53 2.56 -23.93
CA ALA G 181 7.45 1.47 -23.63
C ALA G 181 7.04 0.70 -22.37
N ARG G 182 6.65 1.44 -21.32
CA ARG G 182 6.26 0.82 -20.06
C ARG G 182 4.98 0.03 -20.23
N ASP G 183 4.02 0.62 -20.96
CA ASP G 183 2.74 -0.02 -21.26
C ASP G 183 2.93 -1.33 -21.99
N LEU G 184 3.86 -1.36 -22.95
CA LEU G 184 4.05 -2.51 -23.83
C LEU G 184 5.10 -3.51 -23.37
N SER G 185 5.71 -3.28 -22.20
CA SER G 185 6.78 -4.19 -21.75
C SER G 185 6.27 -5.61 -21.52
N ARG G 186 5.04 -5.76 -20.99
CA ARG G 186 4.45 -7.08 -20.76
C ARG G 186 4.20 -7.77 -22.08
N ASN G 187 4.06 -7.00 -23.17
CA ASN G 187 3.83 -7.52 -24.52
C ASN G 187 5.12 -7.76 -25.29
N ALA G 188 6.25 -7.41 -24.68
CA ALA G 188 7.54 -7.61 -25.32
C ALA G 188 7.63 -6.78 -26.62
N ILE G 189 7.11 -5.56 -26.58
CA ILE G 189 7.21 -4.63 -27.73
C ILE G 189 8.09 -3.49 -27.30
N ARG G 190 9.18 -3.24 -28.03
CA ARG G 190 10.06 -2.11 -27.71
C ARG G 190 9.55 -0.86 -28.42
N VAL G 191 9.79 0.29 -27.81
CA VAL G 191 9.26 1.55 -28.34
C VAL G 191 10.38 2.59 -28.29
N MET G 192 10.62 3.22 -29.43
CA MET G 192 11.75 4.14 -29.56
C MET G 192 11.34 5.33 -30.42
N THR G 193 12.07 6.42 -30.30
CA THR G 193 11.85 7.60 -31.10
C THR G 193 13.18 8.10 -31.64
N ILE G 194 13.18 8.55 -32.90
CA ILE G 194 14.29 9.26 -33.53
C ILE G 194 13.89 10.72 -33.66
N ALA G 195 14.78 11.64 -33.28
CA ALA G 195 14.51 13.04 -33.43
C ALA G 195 15.50 13.58 -34.50
N PRO G 196 15.09 13.62 -35.78
CA PRO G 196 16.03 14.09 -36.81
C PRO G 196 16.27 15.60 -36.74
N GLY G 197 17.41 16.02 -37.25
CA GLY G 197 17.74 17.41 -37.40
C GLY G 197 17.19 17.96 -38.70
N ILE G 198 18.03 18.06 -39.72
CA ILE G 198 17.56 18.59 -41.02
CA ILE G 198 17.61 18.63 -41.01
C ILE G 198 18.00 17.64 -42.11
N PHE G 199 16.99 17.10 -42.82
CA PHE G 199 17.17 16.04 -43.81
C PHE G 199 16.62 16.49 -45.15
N GLU G 200 17.31 16.04 -46.19
CA GLU G 200 16.94 16.39 -47.57
C GLU G 200 15.79 15.52 -48.02
N THR G 201 14.59 16.07 -47.90
CA THR G 201 13.35 15.45 -48.34
C THR G 201 12.40 16.53 -48.91
N PRO G 202 11.30 16.08 -49.53
CA PRO G 202 10.26 17.04 -49.93
C PRO G 202 9.62 17.90 -48.83
N MET G 203 9.83 17.59 -47.55
CA MET G 203 9.37 18.55 -46.49
C MET G 203 10.05 19.90 -46.63
N LEU G 204 11.22 19.95 -47.28
CA LEU G 204 11.91 21.24 -47.51
C LEU G 204 11.53 21.91 -48.83
N LEU G 205 10.51 21.41 -49.54
CA LEU G 205 10.01 22.09 -50.75
C LEU G 205 9.58 23.51 -50.33
N GLY G 206 9.92 24.51 -51.12
CA GLY G 206 9.63 25.91 -50.74
C GLY G 206 10.70 26.55 -49.86
N MET G 207 11.80 25.82 -49.60
CA MET G 207 13.05 26.39 -49.13
C MET G 207 13.96 26.40 -50.37
N PRO G 208 14.33 27.60 -50.88
CA PRO G 208 15.17 27.59 -52.10
C PRO G 208 16.53 26.92 -51.87
N GLN G 209 17.15 26.47 -52.96
CA GLN G 209 18.31 25.58 -52.89
C GLN G 209 19.51 26.21 -52.17
N GLU G 210 19.77 27.49 -52.45
CA GLU G 210 20.83 28.27 -51.78
C GLU G 210 20.64 28.26 -50.25
N VAL G 211 19.38 28.40 -49.82
CA VAL G 211 19.03 28.42 -48.39
C VAL G 211 19.21 27.04 -47.75
N GLN G 212 18.81 25.98 -48.48
CA GLN G 212 19.06 24.60 -48.01
C GLN G 212 20.57 24.34 -47.80
N ASP G 213 21.38 24.76 -48.77
CA ASP G 213 22.84 24.61 -48.71
C ASP G 213 23.41 25.40 -47.55
N ALA G 214 22.90 26.62 -47.37
CA ALA G 214 23.34 27.46 -46.26
C ALA G 214 22.97 26.83 -44.94
N LEU G 215 21.81 26.18 -44.88
CA LEU G 215 21.39 25.50 -43.65
C LEU G 215 22.27 24.29 -43.37
N GLY G 216 22.50 23.46 -44.39
CA GLY G 216 23.50 22.39 -44.31
C GLY G 216 24.85 22.81 -43.76
N ALA G 217 25.31 23.98 -44.21
CA ALA G 217 26.58 24.49 -43.78
C ALA G 217 26.60 24.87 -42.30
N MET G 218 25.44 25.02 -41.67
CA MET G 218 25.34 25.30 -40.21
C MET G 218 25.46 24.06 -39.36
N VAL G 219 25.37 22.88 -39.98
CA VAL G 219 25.43 21.64 -39.22
C VAL G 219 26.88 21.36 -38.86
N PRO G 220 27.22 21.18 -37.56
CA PRO G 220 28.65 21.06 -37.26
C PRO G 220 29.40 19.96 -38.01
N PHE G 221 28.91 18.74 -37.94
CA PHE G 221 29.45 17.66 -38.82
C PHE G 221 28.47 16.53 -38.96
N PRO G 222 28.14 16.11 -40.18
CA PRO G 222 28.70 16.59 -41.46
C PRO G 222 27.99 17.87 -41.87
N PRO G 223 28.67 18.78 -42.57
CA PRO G 223 28.10 20.07 -42.91
C PRO G 223 27.20 19.99 -44.13
N ARG G 224 26.12 19.23 -43.97
CA ARG G 224 25.14 19.03 -45.04
C ARG G 224 23.83 18.56 -44.43
N LEU G 225 22.79 18.56 -45.26
CA LEU G 225 21.54 17.92 -44.88
C LEU G 225 21.72 16.40 -44.77
N GLY G 226 20.93 15.79 -43.89
CA GLY G 226 20.99 14.34 -43.74
C GLY G 226 20.32 13.64 -44.92
N LYS G 227 20.77 12.43 -45.24
CA LYS G 227 20.17 11.67 -46.34
C LYS G 227 19.12 10.78 -45.73
N PRO G 228 18.04 10.54 -46.45
CA PRO G 228 17.08 9.56 -45.90
C PRO G 228 17.65 8.18 -45.51
N ALA G 229 18.66 7.68 -46.22
CA ALA G 229 19.28 6.42 -45.86
C ALA G 229 19.91 6.40 -44.45
N GLU G 230 20.39 7.55 -43.99
CA GLU G 230 21.00 7.68 -42.63
C GLU G 230 19.97 7.59 -41.53
N TYR G 231 18.78 8.14 -41.80
CA TYR G 231 17.66 7.89 -40.93
C TYR G 231 17.35 6.39 -40.90
N ALA G 232 17.18 5.79 -42.09
CA ALA G 232 16.85 4.39 -42.21
C ALA G 232 17.85 3.49 -41.47
N MET G 233 19.13 3.84 -41.59
CA MET G 233 20.20 3.11 -40.87
C MET G 233 19.95 3.02 -39.39
N LEU G 234 19.50 4.13 -38.79
CA LEU G 234 19.23 4.12 -37.37
C LEU G 234 17.97 3.38 -37.02
N VAL G 235 16.95 3.45 -37.89
CA VAL G 235 15.77 2.57 -37.73
C VAL G 235 16.19 1.10 -37.65
N ARG G 236 17.06 0.68 -38.58
CA ARG G 236 17.51 -0.69 -38.60
C ARG G 236 18.24 -1.08 -37.32
N GLN G 237 19.08 -0.19 -36.81
CA GLN G 237 19.79 -0.46 -35.56
C GLN G 237 18.81 -0.64 -34.42
N ILE G 238 17.77 0.20 -34.40
CA ILE G 238 16.81 0.06 -33.37
C ILE G 238 16.13 -1.31 -33.42
N PHE G 239 15.77 -1.73 -34.64
CA PHE G 239 15.16 -3.05 -34.79
C PHE G 239 16.11 -4.15 -34.33
N GLU G 240 17.37 -3.99 -34.63
CA GLU G 240 18.36 -5.03 -34.39
C GLU G 240 18.99 -5.09 -33.01
N ASN G 241 18.81 -4.06 -32.19
CA ASN G 241 19.42 -4.00 -30.89
C ASN G 241 18.39 -4.20 -29.79
N PRO G 242 18.34 -5.40 -29.19
CA PRO G 242 17.35 -5.70 -28.15
C PRO G 242 17.36 -4.77 -26.98
N MET G 243 18.46 -4.04 -26.72
CA MET G 243 18.52 -3.18 -25.53
C MET G 243 18.00 -1.75 -25.73
N LEU G 244 17.71 -1.33 -26.96
CA LEU G 244 17.17 0.01 -27.22
C LEU G 244 15.69 0.08 -26.97
N ASN G 245 15.32 0.76 -25.88
CA ASN G 245 13.92 0.88 -25.52
C ASN G 245 13.71 2.16 -24.72
N GLY G 246 12.57 2.79 -24.97
CA GLY G 246 12.11 3.90 -24.17
C GLY G 246 12.95 5.18 -24.26
N GLU G 247 13.62 5.37 -25.39
CA GLU G 247 14.60 6.42 -25.57
C GLU G 247 14.31 7.22 -26.85
N VAL G 248 14.77 8.44 -26.85
CA VAL G 248 14.73 9.38 -27.99
C VAL G 248 16.18 9.66 -28.42
N ILE G 249 16.47 9.46 -29.69
CA ILE G 249 17.83 9.66 -30.22
C ILE G 249 17.82 10.82 -31.19
N ARG G 250 18.65 11.82 -30.91
CA ARG G 250 18.86 12.93 -31.87
C ARG G 250 19.76 12.47 -32.99
N LEU G 251 19.33 12.69 -34.24
CA LEU G 251 20.10 12.29 -35.43
C LEU G 251 20.28 13.54 -36.24
N ASP G 252 21.33 14.31 -35.93
CA ASP G 252 21.33 15.72 -36.35
C ASP G 252 22.67 16.39 -36.61
N GLY G 253 23.74 15.63 -36.74
CA GLY G 253 25.04 16.23 -36.98
C GLY G 253 25.53 17.19 -35.90
N ALA G 254 24.98 17.08 -34.68
CA ALA G 254 25.24 17.94 -33.53
C ALA G 254 24.70 19.38 -33.67
N ILE G 255 23.80 19.65 -34.60
CA ILE G 255 23.21 20.99 -34.66
C ILE G 255 22.34 21.25 -33.45
N ARG G 256 22.28 22.52 -33.06
CA ARG G 256 21.22 23.01 -32.15
C ARG G 256 20.55 24.17 -32.82
N MET G 257 19.24 24.08 -33.03
CA MET G 257 18.56 25.07 -33.85
C MET G 257 18.41 26.40 -33.09
N GLN G 258 18.75 27.49 -33.76
CA GLN G 258 18.67 28.83 -33.24
C GLN G 258 17.25 29.40 -33.45
N PRO G 259 16.92 30.50 -32.80
CA PRO G 259 15.56 31.08 -32.96
C PRO G 259 15.18 31.29 -34.42
N LYS G 260 16.13 31.77 -35.24
CA LYS G 260 15.96 31.91 -36.67
C LYS G 260 17.12 31.14 -37.33
N HIS H 6 5.35 28.66 9.19
CA HIS H 6 4.92 27.27 8.87
C HIS H 6 4.75 26.97 7.36
N HIS H 7 4.81 27.99 6.49
CA HIS H 7 4.78 27.78 5.02
C HIS H 7 6.18 27.53 4.46
N HIS H 8 7.20 28.15 5.08
CA HIS H 8 8.56 28.00 4.56
C HIS H 8 9.67 28.33 5.55
N MET H 9 10.86 27.85 5.21
CA MET H 9 12.02 27.97 6.11
C MET H 9 12.35 29.44 6.22
N GLU H 10 12.72 29.87 7.45
CA GLU H 10 13.04 31.26 7.77
C GLU H 10 14.49 31.55 7.39
N ILE H 11 14.68 32.60 6.60
CA ILE H 11 16.02 33.17 6.40
C ILE H 11 16.47 33.94 7.62
N ARG H 12 15.56 34.73 8.22
CA ARG H 12 15.98 35.63 9.29
C ARG H 12 16.61 34.90 10.47
N ASP H 13 17.75 35.41 10.92
CA ASP H 13 18.54 34.91 12.02
C ASP H 13 19.19 33.54 11.83
N ASN H 14 19.04 32.90 10.67
CA ASN H 14 19.75 31.66 10.38
C ASN H 14 20.99 31.92 9.57
N VAL H 15 21.86 30.91 9.50
CA VAL H 15 23.17 31.08 8.88
C VAL H 15 23.24 30.46 7.49
N PHE H 16 23.84 31.21 6.55
CA PHE H 16 24.03 30.79 5.16
C PHE H 16 25.48 30.87 4.80
N LEU H 17 26.03 29.74 4.34
CA LEU H 17 27.44 29.60 3.93
C LEU H 17 27.46 29.73 2.44
N ILE H 18 28.20 30.73 1.95
CA ILE H 18 28.23 31.04 0.53
C ILE H 18 29.68 30.96 0.05
N THR H 19 29.94 30.00 -0.83
CA THR H 19 31.25 29.87 -1.45
C THR H 19 31.30 30.80 -2.64
N GLY H 20 32.48 31.29 -2.98
CA GLY H 20 32.63 32.35 -3.95
C GLY H 20 31.92 33.63 -3.49
N GLY H 21 31.75 33.81 -2.19
CA GLY H 21 30.94 34.89 -1.67
C GLY H 21 31.57 36.28 -1.70
N ALA H 22 32.84 36.37 -2.12
CA ALA H 22 33.51 37.65 -2.23
C ALA H 22 33.15 38.42 -3.50
N SER H 23 32.47 37.83 -4.46
CA SER H 23 32.32 38.49 -5.76
C SER H 23 31.03 37.98 -6.44
N GLY H 24 30.58 38.74 -7.44
CA GLY H 24 29.60 38.27 -8.42
C GLY H 24 28.33 37.67 -7.81
N LEU H 25 27.99 36.47 -8.27
CA LEU H 25 26.76 35.81 -7.84
C LEU H 25 26.74 35.49 -6.35
N GLY H 26 27.87 35.06 -5.82
CA GLY H 26 27.99 34.79 -4.40
C GLY H 26 27.77 36.01 -3.55
N ALA H 27 28.38 37.11 -3.98
CA ALA H 27 28.23 38.40 -3.27
C ALA H 27 26.82 38.88 -3.34
N GLY H 28 26.16 38.79 -4.50
CA GLY H 28 24.77 39.25 -4.62
C GLY H 28 23.84 38.42 -3.75
N THR H 29 24.14 37.12 -3.65
CA THR H 29 23.34 36.23 -2.81
C THR H 29 23.47 36.63 -1.32
N ALA H 30 24.72 36.85 -0.91
CA ALA H 30 25.05 37.26 0.44
C ALA H 30 24.27 38.51 0.78
N ARG H 31 24.27 39.50 -0.13
CA ARG H 31 23.61 40.74 0.13
C ARG H 31 22.13 40.53 0.34
N LEU H 32 21.51 39.72 -0.52
CA LEU H 32 20.07 39.55 -0.50
C LEU H 32 19.67 38.78 0.75
N LEU H 33 20.43 37.74 1.10
CA LEU H 33 20.11 36.94 2.29
C LEU H 33 20.29 37.76 3.56
N THR H 34 21.32 38.61 3.59
CA THR H 34 21.51 39.54 4.72
C THR H 34 20.36 40.54 4.84
N GLU H 35 19.85 41.04 3.72
CA GLU H 35 18.79 42.06 3.76
C GLU H 35 17.51 41.43 4.26
N ALA H 36 17.35 40.13 4.01
CA ALA H 36 16.30 39.30 4.60
C ALA H 36 16.55 38.85 6.04
N GLY H 37 17.59 39.35 6.70
CA GLY H 37 17.87 38.97 8.06
C GLY H 37 18.76 37.78 8.34
N GLY H 38 19.21 37.07 7.29
CA GLY H 38 20.15 35.96 7.44
C GLY H 38 21.52 36.45 7.85
N LYS H 39 22.33 35.52 8.38
CA LYS H 39 23.71 35.80 8.74
C LYS H 39 24.55 34.99 7.77
N VAL H 40 25.52 35.61 7.17
CA VAL H 40 26.31 34.88 6.13
C VAL H 40 27.75 34.56 6.57
N VAL H 41 28.25 33.40 6.15
CA VAL H 41 29.68 33.09 6.13
C VAL H 41 30.07 33.09 4.68
N LEU H 42 31.04 33.95 4.34
CA LEU H 42 31.61 33.98 3.01
C LEU H 42 32.90 33.19 2.96
N ALA H 43 32.96 32.26 2.01
CA ALA H 43 34.08 31.34 1.83
C ALA H 43 34.67 31.59 0.43
N ASP H 44 35.90 32.06 0.36
CA ASP H 44 36.47 32.49 -0.91
C ASP H 44 37.98 32.51 -0.78
N LEU H 45 38.65 32.47 -1.91
CA LEU H 45 40.11 32.75 -1.97
C LEU H 45 40.49 34.21 -1.69
N ASN H 46 39.57 35.11 -2.01
CA ASN H 46 39.87 36.53 -2.05
C ASN H 46 39.74 37.09 -0.63
N GLN H 47 40.86 37.15 0.08
CA GLN H 47 40.88 37.59 1.48
C GLN H 47 40.41 39.02 1.67
N ASP H 48 40.97 39.93 0.89
CA ASP H 48 40.67 41.35 1.07
C ASP H 48 39.23 41.67 0.74
N ALA H 49 38.73 41.22 -0.42
CA ALA H 49 37.34 41.50 -0.79
C ALA H 49 36.35 40.71 0.11
N GLY H 50 36.70 39.50 0.51
CA GLY H 50 35.84 38.68 1.36
C GLY H 50 35.64 39.23 2.77
N GLU H 51 36.76 39.59 3.39
CA GLU H 51 36.73 40.19 4.72
C GLU H 51 35.95 41.51 4.67
N ALA H 52 36.20 42.34 3.68
CA ALA H 52 35.47 43.61 3.56
C ALA H 52 33.96 43.45 3.40
N LEU H 53 33.52 42.54 2.51
CA LEU H 53 32.11 42.28 2.34
C LEU H 53 31.50 41.63 3.57
N ALA H 54 32.23 40.73 4.22
CA ALA H 54 31.68 40.11 5.42
C ALA H 54 31.43 41.19 6.49
N ARG H 55 32.37 42.10 6.64
CA ARG H 55 32.17 43.21 7.58
C ARG H 55 30.99 44.09 7.16
N GLU H 56 30.91 44.42 5.87
CA GLU H 56 29.81 45.24 5.36
C GLU H 56 28.46 44.59 5.71
N LEU H 57 28.39 43.27 5.66
CA LEU H 57 27.15 42.48 5.87
C LEU H 57 26.96 41.95 7.31
N GLY H 58 27.87 42.29 8.21
CA GLY H 58 27.84 41.78 9.56
C GLY H 58 27.96 40.29 9.69
N GLY H 59 28.66 39.66 8.75
CA GLY H 59 28.87 38.21 8.73
C GLY H 59 30.31 37.85 9.03
N VAL H 60 30.73 36.69 8.56
CA VAL H 60 32.05 36.16 8.82
C VAL H 60 32.70 35.77 7.51
N PHE H 61 33.99 36.05 7.39
CA PHE H 61 34.75 35.53 6.26
C PHE H 61 35.71 34.45 6.70
N VAL H 62 35.82 33.42 5.87
CA VAL H 62 36.83 32.40 6.02
C VAL H 62 37.53 32.23 4.67
N ARG H 63 38.86 32.32 4.67
CA ARG H 63 39.64 31.98 3.47
C ARG H 63 39.48 30.49 3.23
N CYS H 64 38.92 30.15 2.08
CA CYS H 64 38.57 28.79 1.83
C CYS H 64 38.74 28.46 0.38
N ASP H 65 39.66 27.55 0.10
CA ASP H 65 39.75 26.90 -1.20
C ASP H 65 38.81 25.72 -1.12
N VAL H 66 37.75 25.75 -1.90
CA VAL H 66 36.73 24.70 -1.83
C VAL H 66 37.24 23.30 -2.19
N ALA H 67 38.39 23.20 -2.85
CA ALA H 67 38.99 21.91 -3.16
C ALA H 67 39.72 21.26 -1.99
N ARG H 68 39.86 21.96 -0.87
CA ARG H 68 40.64 21.43 0.28
C ARG H 68 39.70 21.02 1.39
N GLU H 69 39.88 19.82 1.90
CA GLU H 69 39.04 19.33 3.01
C GLU H 69 39.13 20.26 4.25
N GLU H 70 40.35 20.64 4.60
CA GLU H 70 40.50 21.48 5.82
C GLU H 70 39.81 22.82 5.68
N ASP H 71 39.77 23.37 4.48
CA ASP H 71 39.09 24.64 4.28
C ASP H 71 37.57 24.51 4.35
N ALA H 72 37.03 23.47 3.73
CA ALA H 72 35.59 23.18 3.86
C ALA H 72 35.24 23.02 5.32
N GLN H 73 36.04 22.32 6.08
CA GLN H 73 35.78 22.13 7.50
C GLN H 73 35.81 23.43 8.25
N ALA H 74 36.80 24.28 7.96
CA ALA H 74 36.87 25.57 8.63
C ALA H 74 35.67 26.45 8.33
N ALA H 75 35.25 26.49 7.06
CA ALA H 75 34.10 27.32 6.66
C ALA H 75 32.81 26.84 7.30
N VAL H 76 32.58 25.51 7.30
CA VAL H 76 31.39 24.95 7.97
C VAL H 76 31.39 25.17 9.48
N ALA H 77 32.56 25.04 10.11
CA ALA H 77 32.72 25.29 11.54
C ALA H 77 32.40 26.72 11.88
N ALA H 78 32.83 27.66 11.04
CA ALA H 78 32.57 29.04 11.32
C ALA H 78 31.07 29.31 11.24
N ALA H 79 30.39 28.66 10.28
CA ALA H 79 28.95 28.82 10.17
C ALA H 79 28.24 28.26 11.38
N THR H 80 28.61 27.07 11.85
CA THR H 80 27.87 26.50 12.99
C THR H 80 28.15 27.27 14.31
N LYS H 81 29.32 27.90 14.42
CA LYS H 81 29.61 28.80 15.57
C LYS H 81 28.71 30.02 15.50
N LEU H 82 28.49 30.53 14.30
CA LEU H 82 27.74 31.77 14.10
C LEU H 82 26.26 31.59 14.43
N GLY H 83 25.71 30.42 14.18
CA GLY H 83 24.32 30.11 14.41
C GLY H 83 23.90 28.79 13.76
N THR H 84 22.63 28.68 13.42
CA THR H 84 22.12 27.43 12.88
C THR H 84 22.29 27.47 11.37
N LEU H 85 23.14 26.58 10.87
CA LEU H 85 23.44 26.56 9.42
C LEU H 85 22.25 25.96 8.70
N ARG H 86 21.51 26.79 7.96
CA ARG H 86 20.34 26.32 7.21
C ARG H 86 20.55 26.26 5.70
N GLY H 87 21.61 26.88 5.16
CA GLY H 87 21.77 26.90 3.73
C GLY H 87 23.22 26.99 3.29
N LEU H 88 23.57 26.22 2.26
CA LEU H 88 24.85 26.33 1.58
C LEU H 88 24.56 26.76 0.13
N VAL H 89 25.27 27.74 -0.36
CA VAL H 89 25.19 28.20 -1.73
C VAL H 89 26.57 28.08 -2.31
N ASN H 90 26.74 27.15 -3.25
CA ASN H 90 28.04 26.97 -3.92
C ASN H 90 28.15 27.88 -5.13
N CYS H 91 28.92 28.96 -5.00
CA CYS H 91 29.20 29.84 -6.16
C CYS H 91 30.67 29.87 -6.58
N ALA H 92 31.59 29.32 -5.79
CA ALA H 92 32.99 29.26 -6.19
C ALA H 92 33.14 28.50 -7.52
N GLY H 93 33.82 29.13 -8.47
CA GLY H 93 34.01 28.52 -9.76
C GLY H 93 34.91 29.37 -10.65
N ILE H 94 35.49 28.72 -11.66
CA ILE H 94 36.31 29.35 -12.68
C ILE H 94 35.80 28.85 -14.05
N ALA H 95 36.07 29.64 -15.08
CA ALA H 95 35.55 29.31 -16.44
C ALA H 95 36.62 29.57 -17.50
N PRO H 96 37.74 28.83 -17.46
CA PRO H 96 38.72 29.03 -18.53
C PRO H 96 38.23 28.47 -19.87
N ALA H 97 38.87 28.84 -20.95
CA ALA H 97 38.51 28.37 -22.28
C ALA H 97 39.74 27.76 -22.94
N ALA H 98 39.52 26.65 -23.63
CA ALA H 98 40.56 26.01 -24.41
C ALA H 98 39.87 24.95 -25.24
N LYS H 99 40.22 24.89 -26.50
CA LYS H 99 39.70 23.86 -27.40
C LYS H 99 40.32 22.50 -27.15
N THR H 100 39.55 21.44 -27.44
CA THR H 100 40.03 20.06 -27.33
C THR H 100 41.34 19.86 -28.12
N VAL H 101 41.39 20.34 -29.36
CA VAL H 101 42.61 20.39 -30.13
C VAL H 101 42.80 21.83 -30.54
N GLY H 102 43.89 22.41 -30.06
CA GLY H 102 44.23 23.79 -30.38
C GLY H 102 45.28 23.86 -31.46
N LYS H 103 45.70 25.09 -31.77
CA LYS H 103 46.74 25.35 -32.74
C LYS H 103 48.07 24.69 -32.35
N ASP H 104 48.38 24.73 -31.07
CA ASP H 104 49.65 24.19 -30.50
C ASP H 104 49.58 22.76 -29.95
N GLY H 105 48.45 22.07 -30.12
CA GLY H 105 48.35 20.70 -29.61
C GLY H 105 47.09 20.56 -28.82
N PRO H 106 46.91 19.39 -28.20
CA PRO H 106 45.70 19.14 -27.43
C PRO H 106 45.52 20.09 -26.24
N HIS H 107 44.27 20.33 -25.91
CA HIS H 107 43.89 20.93 -24.60
C HIS H 107 44.83 20.46 -23.49
N PRO H 108 45.49 21.40 -22.77
CA PRO H 108 46.33 20.91 -21.66
C PRO H 108 45.51 20.13 -20.62
N LEU H 109 46.05 19.02 -20.16
CA LEU H 109 45.36 18.19 -19.19
C LEU H 109 45.11 18.97 -17.87
N GLU H 110 46.13 19.68 -17.41
CA GLU H 110 46.00 20.38 -16.11
C GLU H 110 44.88 21.40 -16.12
N LEU H 111 44.65 22.06 -17.24
CA LEU H 111 43.60 23.06 -17.31
C LEU H 111 42.24 22.43 -17.15
N PHE H 112 42.08 21.27 -17.76
CA PHE H 112 40.84 20.51 -17.58
C PHE H 112 40.69 20.02 -16.13
N ALA H 113 41.75 19.42 -15.58
CA ALA H 113 41.76 18.91 -14.23
C ALA H 113 41.47 20.02 -13.21
N LYS H 114 42.05 21.19 -13.39
CA LYS H 114 41.87 22.33 -12.48
CA LYS H 114 41.85 22.29 -12.44
C LYS H 114 40.40 22.78 -12.48
N THR H 115 39.83 22.87 -13.67
CA THR H 115 38.42 23.33 -13.78
C THR H 115 37.48 22.36 -13.08
N ILE H 116 37.71 21.08 -13.33
CA ILE H 116 36.96 20.00 -12.66
CA ILE H 116 36.93 20.03 -12.68
C ILE H 116 37.13 20.07 -11.15
N THR H 117 38.36 20.27 -10.70
CA THR H 117 38.68 20.26 -9.28
C THR H 117 38.00 21.40 -8.55
N VAL H 118 38.05 22.60 -9.08
CA VAL H 118 37.38 23.72 -8.41
C VAL H 118 35.89 23.62 -8.50
N ASN H 119 35.37 23.39 -9.70
CA ASN H 119 33.95 23.55 -9.94
C ASN H 119 33.14 22.36 -9.46
N LEU H 120 33.66 21.15 -9.66
CA LEU H 120 32.89 19.94 -9.39
C LEU H 120 33.36 19.30 -8.09
N ILE H 121 34.64 18.96 -7.99
CA ILE H 121 35.15 18.35 -6.75
C ILE H 121 34.93 19.32 -5.57
N GLY H 122 35.21 20.62 -5.81
CA GLY H 122 35.06 21.61 -4.80
C GLY H 122 33.64 21.79 -4.33
N THR H 123 32.71 21.74 -5.28
CA THR H 123 31.29 21.84 -4.90
C THR H 123 30.88 20.61 -4.09
N PHE H 124 31.30 19.41 -4.47
CA PHE H 124 30.95 18.25 -3.68
C PHE H 124 31.60 18.29 -2.30
N ASN H 125 32.82 18.80 -2.24
CA ASN H 125 33.53 18.86 -0.95
C ASN H 125 32.75 19.71 0.05
N MET H 126 32.26 20.85 -0.43
CA MET H 126 31.51 21.74 0.46
C MET H 126 30.19 21.09 0.81
N ILE H 127 29.55 20.42 -0.16
CA ILE H 127 28.27 19.77 0.11
C ILE H 127 28.41 18.73 1.20
N ARG H 128 29.39 17.84 1.11
CA ARG H 128 29.45 16.72 2.02
C ARG H 128 29.69 17.19 3.43
N VAL H 129 30.53 18.22 3.58
CA VAL H 129 30.87 18.72 4.92
C VAL H 129 29.69 19.50 5.52
N ALA H 130 29.10 20.38 4.71
CA ALA H 130 27.93 21.13 5.13
C ALA H 130 26.74 20.24 5.43
N ALA H 131 26.51 19.21 4.60
CA ALA H 131 25.39 18.32 4.83
C ALA H 131 25.55 17.56 6.13
N ALA H 132 26.77 17.13 6.45
CA ALA H 132 27.02 16.42 7.72
C ALA H 132 26.67 17.33 8.90
N ALA H 133 26.98 18.61 8.79
CA ALA H 133 26.63 19.57 9.84
C ALA H 133 25.13 19.81 9.92
N MET H 134 24.49 20.04 8.77
CA MET H 134 23.04 20.25 8.75
C MET H 134 22.24 19.03 9.24
N ALA H 135 22.77 17.82 9.01
CA ALA H 135 22.07 16.61 9.46
C ALA H 135 21.95 16.55 10.97
N ALA H 136 22.84 17.26 11.70
CA ALA H 136 22.78 17.36 13.15
C ALA H 136 21.77 18.40 13.67
N ASN H 137 21.20 19.22 12.77
CA ASN H 137 20.24 20.26 13.18
C ASN H 137 18.92 19.63 13.55
N GLU H 138 18.18 20.32 14.40
CA GLU H 138 16.78 20.10 14.57
C GLU H 138 16.06 20.59 13.31
N PRO H 139 15.07 19.82 12.81
CA PRO H 139 14.30 20.33 11.69
C PRO H 139 13.61 21.65 12.00
N ALA H 140 13.57 22.52 11.00
CA ALA H 140 12.73 23.69 11.00
C ALA H 140 11.24 23.28 10.97
N PRO H 141 10.33 24.22 11.28
CA PRO H 141 8.90 23.86 11.29
C PRO H 141 8.33 23.26 9.99
N THR H 142 8.87 23.66 8.84
CA THR H 142 8.49 23.08 7.55
C THR H 142 9.12 21.73 7.27
N GLY H 143 10.11 21.35 8.05
CA GLY H 143 10.64 19.99 8.06
C GLY H 143 12.09 19.93 7.72
N GLU H 144 12.60 20.95 7.04
CA GLU H 144 13.97 20.92 6.55
C GLU H 144 14.97 21.08 7.67
N ARG H 145 16.02 20.27 7.62
CA ARG H 145 17.23 20.58 8.41
C ARG H 145 18.11 21.62 7.72
N GLY H 146 18.07 21.66 6.40
CA GLY H 146 18.77 22.68 5.62
C GLY H 146 18.54 22.46 4.13
N VAL H 147 19.10 23.35 3.32
CA VAL H 147 18.93 23.36 1.89
C VAL H 147 20.28 23.68 1.26
N ILE H 148 20.61 22.96 0.20
CA ILE H 148 21.81 23.15 -0.54
C ILE H 148 21.50 23.59 -1.96
N VAL H 149 22.16 24.66 -2.39
CA VAL H 149 22.01 25.21 -3.71
C VAL H 149 23.39 25.26 -4.36
N SER H 150 23.52 24.66 -5.53
CA SER H 150 24.80 24.73 -6.28
C SER H 150 24.59 25.45 -7.59
N THR H 151 25.70 25.90 -8.19
CA THR H 151 25.64 26.65 -9.44
C THR H 151 26.26 25.80 -10.54
N ALA H 152 25.46 25.41 -11.51
CA ALA H 152 25.97 24.84 -12.70
C ALA H 152 26.17 25.99 -13.73
N SER H 153 25.59 25.88 -14.90
CA SER H 153 25.68 26.86 -16.02
C SER H 153 24.84 26.24 -17.12
N VAL H 154 24.36 27.11 -18.03
CA VAL H 154 23.76 26.60 -19.28
C VAL H 154 24.81 25.83 -20.08
N ALA H 155 26.09 26.01 -19.78
CA ALA H 155 27.14 25.19 -20.38
C ALA H 155 27.03 23.71 -20.07
N ALA H 156 26.28 23.32 -19.03
CA ALA H 156 26.01 21.93 -18.76
C ALA H 156 25.24 21.29 -19.95
N PHE H 157 24.50 22.11 -20.68
CA PHE H 157 23.63 21.69 -21.76
C PHE H 157 24.02 22.19 -23.14
N ASP H 158 24.57 23.39 -23.19
CA ASP H 158 24.82 24.13 -24.40
C ASP H 158 26.32 24.42 -24.60
N GLY H 159 27.20 23.53 -24.17
CA GLY H 159 28.66 23.84 -24.13
C GLY H 159 29.12 24.38 -25.48
N GLN H 160 29.86 25.47 -25.45
CA GLN H 160 30.39 26.13 -26.64
C GLN H 160 31.77 25.60 -27.02
N ILE H 161 32.21 25.94 -28.22
CA ILE H 161 33.60 25.70 -28.60
C ILE H 161 34.48 26.33 -27.50
N GLY H 162 35.46 25.58 -27.05
CA GLY H 162 36.36 26.05 -25.98
C GLY H 162 35.93 25.76 -24.57
N GLN H 163 34.70 25.26 -24.37
CA GLN H 163 34.11 25.02 -23.04
C GLN H 163 34.03 23.57 -22.62
N ALA H 164 34.82 22.68 -23.20
CA ALA H 164 34.75 21.29 -22.75
C ALA H 164 34.98 21.07 -21.24
N ALA H 165 35.99 21.74 -20.67
CA ALA H 165 36.30 21.56 -19.27
C ALA H 165 35.16 22.17 -18.42
N TYR H 166 34.80 23.38 -18.76
CA TYR H 166 33.72 24.08 -18.01
C TYR H 166 32.41 23.33 -18.09
N ALA H 167 31.99 22.97 -19.31
CA ALA H 167 30.81 22.17 -19.49
C ALA H 167 30.84 20.83 -18.74
N ALA H 168 31.94 20.09 -18.83
CA ALA H 168 32.06 18.89 -18.05
C ALA H 168 31.83 19.12 -16.58
N SER H 169 32.47 20.14 -16.05
CA SER H 169 32.36 20.40 -14.63
C SER H 169 30.96 20.75 -14.21
N LYS H 170 30.30 21.56 -15.02
CA LYS H 170 28.97 22.06 -14.69
C LYS H 170 27.89 20.99 -14.93
N ALA H 171 28.07 20.16 -15.93
CA ALA H 171 27.15 19.02 -16.12
C ALA H 171 27.30 18.05 -14.98
N GLY H 172 28.53 17.84 -14.52
CA GLY H 172 28.72 17.06 -13.30
C GLY H 172 27.91 17.60 -12.10
N VAL H 173 28.01 18.92 -11.87
CA VAL H 173 27.25 19.56 -10.78
C VAL H 173 25.74 19.32 -11.00
N ALA H 174 25.26 19.54 -12.20
CA ALA H 174 23.82 19.38 -12.47
C ALA H 174 23.42 17.90 -12.25
N GLY H 175 24.23 16.98 -12.76
CA GLY H 175 23.88 15.58 -12.70
C GLY H 175 23.89 14.94 -11.34
N MET H 176 24.69 15.47 -10.40
CA MET H 176 24.75 14.91 -9.08
C MET H 176 23.64 15.47 -8.18
N THR H 177 22.87 16.44 -8.65
CA THR H 177 21.76 17.03 -7.85
C THR H 177 20.79 15.95 -7.36
N LEU H 178 20.37 15.08 -8.27
CA LEU H 178 19.38 14.04 -7.91
C LEU H 178 19.91 13.00 -6.95
N PRO H 179 21.08 12.37 -7.24
CA PRO H 179 21.53 11.41 -6.21
C PRO H 179 21.81 12.03 -4.84
N ILE H 180 22.31 13.26 -4.81
CA ILE H 180 22.57 13.91 -3.51
C ILE H 180 21.25 14.21 -2.81
N ALA H 181 20.23 14.68 -3.55
CA ALA H 181 18.92 14.81 -2.97
C ALA H 181 18.42 13.49 -2.41
N ARG H 182 18.61 12.41 -3.17
CA ARG H 182 18.18 11.11 -2.71
C ARG H 182 18.94 10.69 -1.43
N ASP H 183 20.26 10.89 -1.42
CA ASP H 183 21.12 10.56 -0.28
C ASP H 183 20.67 11.29 0.99
N LEU H 184 20.26 12.55 0.82
CA LEU H 184 19.97 13.40 1.97
C LEU H 184 18.48 13.49 2.35
N SER H 185 17.63 12.74 1.64
CA SER H 185 16.20 12.74 1.93
C SER H 185 15.88 12.31 3.37
N ARG H 186 16.57 11.28 3.87
CA ARG H 186 16.42 10.83 5.28
C ARG H 186 16.87 11.88 6.30
N ASN H 187 17.73 12.82 5.87
CA ASN H 187 18.24 13.93 6.70
C ASN H 187 17.41 15.18 6.56
N ALA H 188 16.43 15.16 5.65
CA ALA H 188 15.55 16.29 5.42
C ALA H 188 16.35 17.50 4.92
N ILE H 189 17.29 17.26 4.02
CA ILE H 189 18.04 18.39 3.40
C ILE H 189 17.68 18.39 1.92
N ARG H 190 17.19 19.52 1.41
CA ARG H 190 16.87 19.64 -0.03
C ARG H 190 18.11 20.06 -0.79
N VAL H 191 18.19 19.61 -2.04
CA VAL H 191 19.39 19.81 -2.87
C VAL H 191 18.92 20.28 -4.24
N MET H 192 19.39 21.45 -4.65
CA MET H 192 18.93 22.09 -5.90
C MET H 192 20.12 22.70 -6.62
N THR H 193 19.94 22.90 -7.93
CA THR H 193 20.97 23.56 -8.74
C THR H 193 20.36 24.64 -9.59
N ILE H 194 21.07 25.75 -9.73
CA ILE H 194 20.74 26.79 -10.68
C ILE H 194 21.76 26.78 -11.80
N ALA H 195 21.27 26.86 -13.07
CA ALA H 195 22.14 26.91 -14.25
C ALA H 195 21.99 28.28 -14.87
N PRO H 196 22.83 29.25 -14.49
CA PRO H 196 22.73 30.57 -15.08
C PRO H 196 23.18 30.62 -16.53
N GLY H 197 22.61 31.56 -17.26
CA GLY H 197 23.00 31.86 -18.62
C GLY H 197 24.25 32.77 -18.62
N ILE H 198 24.04 34.07 -18.80
CA ILE H 198 25.14 35.03 -18.82
CA ILE H 198 25.14 35.05 -18.84
C ILE H 198 24.81 36.16 -17.87
N PHE H 199 25.66 36.30 -16.86
CA PHE H 199 25.46 37.30 -15.81
C PHE H 199 26.58 38.31 -15.75
N GLU H 200 26.22 39.54 -15.43
CA GLU H 200 27.21 40.61 -15.27
C GLU H 200 28.01 40.52 -13.96
N THR H 201 29.20 39.91 -14.04
CA THR H 201 30.07 39.72 -12.90
C THR H 201 31.52 39.87 -13.32
N PRO H 202 32.44 39.91 -12.36
CA PRO H 202 33.86 39.80 -12.75
C PRO H 202 34.28 38.54 -13.50
N MET H 203 33.47 37.48 -13.54
CA MET H 203 33.80 36.34 -14.43
C MET H 203 33.98 36.79 -15.89
N LEU H 204 33.34 37.88 -16.31
CA LEU H 204 33.45 38.41 -17.68
C LEU H 204 34.58 39.42 -17.86
N LEU H 205 35.42 39.62 -16.84
CA LEU H 205 36.61 40.46 -16.97
C LEU H 205 37.46 39.88 -18.09
N GLY H 206 37.92 40.73 -18.99
CA GLY H 206 38.60 40.22 -20.20
C GLY H 206 37.69 39.98 -21.39
N MET H 207 36.37 40.12 -21.21
CA MET H 207 35.45 40.26 -22.34
C MET H 207 35.27 41.77 -22.51
N PRO H 208 35.61 42.34 -23.70
CA PRO H 208 35.43 43.80 -23.84
C PRO H 208 33.95 44.23 -23.81
N GLN H 209 33.68 45.47 -23.38
CA GLN H 209 32.30 45.94 -23.19
C GLN H 209 31.39 45.74 -24.42
N GLU H 210 31.92 46.04 -25.61
CA GLU H 210 31.22 45.79 -26.89
C GLU H 210 30.76 44.34 -27.07
N VAL H 211 31.61 43.39 -26.66
CA VAL H 211 31.31 41.97 -26.80
C VAL H 211 30.27 41.53 -25.74
N GLN H 212 30.33 42.11 -24.53
CA GLN H 212 29.33 41.87 -23.48
C GLN H 212 27.96 42.38 -23.91
N ASP H 213 27.95 43.59 -24.47
CA ASP H 213 26.72 44.20 -24.97
C ASP H 213 26.10 43.39 -26.10
N ALA H 214 26.92 43.01 -27.07
CA ALA H 214 26.43 42.16 -28.18
C ALA H 214 25.90 40.80 -27.72
N LEU H 215 26.52 40.23 -26.69
CA LEU H 215 26.06 38.95 -26.14
C LEU H 215 24.73 39.15 -25.40
N GLY H 216 24.60 40.21 -24.62
CA GLY H 216 23.28 40.54 -24.04
C GLY H 216 22.18 40.70 -25.07
N ALA H 217 22.51 41.33 -26.19
CA ALA H 217 21.58 41.45 -27.32
C ALA H 217 21.11 40.12 -27.91
N MET H 218 21.83 39.03 -27.63
CA MET H 218 21.45 37.72 -28.12
C MET H 218 20.51 37.00 -27.16
N VAL H 219 20.30 37.52 -25.96
CA VAL H 219 19.40 36.89 -25.01
C VAL H 219 17.96 37.18 -25.44
N PRO H 220 17.10 36.14 -25.64
CA PRO H 220 15.76 36.44 -26.20
C PRO H 220 14.96 37.47 -25.39
N PHE H 221 14.80 37.23 -24.10
CA PHE H 221 14.26 38.25 -23.20
C PHE H 221 14.58 37.94 -21.77
N PRO H 222 15.15 38.90 -21.01
CA PRO H 222 15.43 40.27 -21.42
C PRO H 222 16.78 40.36 -22.15
N PRO H 223 16.91 41.30 -23.10
CA PRO H 223 18.09 41.32 -23.99
C PRO H 223 19.28 41.99 -23.31
N ARG H 224 19.69 41.39 -22.22
CA ARG H 224 20.78 41.95 -21.42
C ARG H 224 21.39 40.84 -20.58
N LEU H 225 22.53 41.14 -19.99
CA LEU H 225 23.13 40.26 -18.99
C LEU H 225 22.31 40.23 -17.70
N GLY H 226 22.33 39.08 -17.04
CA GLY H 226 21.65 38.89 -15.79
C GLY H 226 22.33 39.73 -14.70
N LYS H 227 21.55 40.14 -13.71
CA LYS H 227 22.10 40.86 -12.56
C LYS H 227 22.28 39.85 -11.43
N PRO H 228 23.36 39.95 -10.64
CA PRO H 228 23.53 39.06 -9.48
C PRO H 228 22.29 38.97 -8.56
N ALA H 229 21.57 40.07 -8.40
CA ALA H 229 20.33 40.04 -7.62
C ALA H 229 19.29 39.09 -8.15
N GLU H 230 19.27 38.86 -9.46
CA GLU H 230 18.25 37.94 -10.05
C GLU H 230 18.58 36.49 -9.77
N TYR H 231 19.89 36.17 -9.76
CA TYR H 231 20.32 34.89 -9.28
C TYR H 231 19.92 34.70 -7.81
N ALA H 232 20.24 35.71 -6.99
CA ALA H 232 19.93 35.68 -5.59
C ALA H 232 18.44 35.50 -5.27
N MET H 233 17.58 36.10 -6.10
CA MET H 233 16.14 35.96 -5.91
CA MET H 233 16.11 35.96 -6.00
C MET H 233 15.72 34.50 -6.09
N LEU H 234 16.31 33.82 -7.08
CA LEU H 234 15.98 32.42 -7.28
C LEU H 234 16.53 31.57 -6.14
N VAL H 235 17.73 31.86 -5.63
CA VAL H 235 18.22 31.14 -4.44
C VAL H 235 17.21 31.27 -3.27
N ARG H 236 16.75 32.49 -2.99
CA ARG H 236 15.76 32.69 -1.96
C ARG H 236 14.49 31.89 -2.19
N GLN H 237 14.00 31.83 -3.43
CA GLN H 237 12.81 31.02 -3.72
C GLN H 237 13.08 29.56 -3.40
N ILE H 238 14.26 29.06 -3.79
CA ILE H 238 14.59 27.72 -3.45
C ILE H 238 14.63 27.46 -1.95
N PHE H 239 15.25 28.32 -1.18
CA PHE H 239 15.15 28.20 0.28
C PHE H 239 13.73 28.21 0.84
N GLU H 240 12.86 29.05 0.28
CA GLU H 240 11.50 29.22 0.78
C GLU H 240 10.41 28.27 0.23
N ASN H 241 10.73 27.48 -0.78
CA ASN H 241 9.74 26.57 -1.35
C ASN H 241 10.04 25.15 -0.99
N PRO H 242 9.29 24.57 -0.05
CA PRO H 242 9.59 23.21 0.39
C PRO H 242 9.53 22.12 -0.65
N MET H 243 8.88 22.38 -1.77
CA MET H 243 8.68 21.37 -2.81
C MET H 243 9.81 21.35 -3.86
N LEU H 244 10.73 22.34 -3.85
CA LEU H 244 11.84 22.33 -4.79
C LEU H 244 12.97 21.43 -4.32
N ASN H 245 13.14 20.29 -4.97
CA ASN H 245 14.22 19.41 -4.60
C ASN H 245 14.65 18.56 -5.84
N GLY H 246 15.94 18.24 -5.92
CA GLY H 246 16.44 17.30 -6.97
C GLY H 246 16.40 17.82 -8.38
N GLU H 247 16.39 19.12 -8.55
CA GLU H 247 16.14 19.74 -9.84
C GLU H 247 17.19 20.80 -10.19
N VAL H 248 17.36 21.01 -11.49
CA VAL H 248 18.25 22.04 -12.06
C VAL H 248 17.38 23.05 -12.78
N ILE H 249 17.56 24.34 -12.51
CA ILE H 249 16.73 25.38 -13.12
C ILE H 249 17.62 26.29 -13.95
N ARG H 250 17.37 26.35 -15.25
CA ARG H 250 18.01 27.32 -16.12
C ARG H 250 17.47 28.72 -15.79
N LEU H 251 18.40 29.67 -15.59
CA LEU H 251 18.09 31.07 -15.33
C LEU H 251 18.85 31.87 -16.39
N ASP H 252 18.21 32.14 -17.51
CA ASP H 252 19.00 32.47 -18.72
C ASP H 252 18.31 33.31 -19.78
N GLY H 253 17.14 33.89 -19.51
CA GLY H 253 16.47 34.67 -20.53
C GLY H 253 16.12 33.91 -21.81
N ALA H 254 15.99 32.59 -21.68
CA ALA H 254 15.70 31.69 -22.80
C ALA H 254 16.81 31.58 -23.84
N ILE H 255 18.03 32.00 -23.54
CA ILE H 255 19.12 31.85 -24.50
C ILE H 255 19.47 30.37 -24.64
N ARG H 256 19.93 29.98 -25.82
CA ARG H 256 20.58 28.69 -26.05
C ARG H 256 21.91 29.02 -26.70
N MET H 257 23.02 28.60 -26.10
CA MET H 257 24.32 29.05 -26.57
C MET H 257 24.74 28.30 -27.82
N GLN H 258 25.26 29.07 -28.78
CA GLN H 258 25.65 28.57 -30.09
C GLN H 258 27.12 28.16 -29.99
N PRO H 259 27.63 27.45 -31.00
CA PRO H 259 29.05 27.05 -30.92
C PRO H 259 30.05 28.19 -30.64
N LYS H 260 29.87 29.34 -31.29
CA LYS H 260 30.70 30.54 -31.03
C LYS H 260 29.86 31.69 -30.54
PA NAD I . -31.68 -21.15 -1.65
O1A NAD I . -32.96 -20.42 -1.42
O2A NAD I . -31.07 -21.04 -3.02
O5B NAD I . -31.82 -22.70 -1.29
C5B NAD I . -32.55 -23.11 -0.15
C4B NAD I . -33.28 -24.42 -0.47
O4B NAD I . -33.92 -24.69 0.67
C3B NAD I . -34.38 -24.21 -1.55
O3B NAD I . -34.23 -25.02 -2.68
C2B NAD I . -35.63 -24.47 -0.69
O2B NAD I . -36.76 -24.88 -1.54
C1B NAD I . -35.25 -25.30 0.27
N9A NAD I . -36.10 -25.24 1.43
C8A NAD I . -36.65 -24.15 2.06
N7A NAD I . -37.47 -24.56 3.08
C5A NAD I . -37.37 -25.89 3.07
C6A NAD I . -37.94 -26.83 3.87
N6A NAD I . -38.88 -26.64 4.94
N1A NAD I . -37.67 -28.12 3.66
C2A NAD I . -36.84 -28.53 2.64
N3A NAD I . -36.25 -27.59 1.85
C4A NAD I . -36.55 -26.29 2.08
O3 NAD I . -30.73 -20.44 -0.57
PN NAD I . -29.20 -20.88 -0.24
O1N NAD I . -28.40 -19.62 -0.32
O2N NAD I . -28.65 -22.03 -1.06
O5D NAD I . -29.31 -21.31 1.32
C5D NAD I . -28.70 -22.50 1.82
C4D NAD I . -28.40 -22.43 3.27
O4D NAD I . -27.40 -21.49 3.38
C3D NAD I . -29.59 -21.89 4.11
O3D NAD I . -29.65 -22.49 5.33
C2D NAD I . -29.20 -20.39 4.21
O2D NAD I . -29.93 -19.72 5.33
C1D NAD I . -27.90 -20.42 4.40
N1N NAD I . -27.11 -19.23 4.11
C2N NAD I . -27.13 -18.58 2.90
C3N NAD I . -26.37 -17.45 2.65
C7N NAD I . -26.41 -16.69 1.36
O7N NAD I . -25.90 -15.59 1.31
N7N NAD I . -26.98 -17.26 0.20
C4N NAD I . -25.54 -16.97 3.69
C5N NAD I . -25.49 -17.65 4.89
C6N NAD I . -26.26 -18.76 5.10
C1 EDO J . -28.82 -14.36 4.43
O1 EDO J . -27.93 -15.32 5.05
C2 EDO J . -28.47 -14.16 2.94
O2 EDO J . -27.16 -13.59 2.77
C1 EDO K . -20.45 -4.57 5.85
O1 EDO K . -19.58 -5.15 6.82
C2 EDO K . -21.73 -5.38 5.70
O2 EDO K . -22.66 -4.96 6.66
PA NAD L . -5.70 6.79 29.55
O1A NAD L . -4.56 7.08 28.58
O2A NAD L . -6.54 7.92 30.06
O5B NAD L . -5.21 6.08 30.88
C5B NAD L . -4.18 5.08 30.77
C4B NAD L . -3.17 5.19 31.93
O4B NAD L . -2.24 4.19 31.73
C3B NAD L . -2.40 6.53 31.86
O3B NAD L . -2.46 7.30 33.03
C2B NAD L . -0.97 6.00 31.52
O2B NAD L . 0.04 6.94 31.99
C1B NAD L . -0.90 4.77 32.09
N9A NAD L . 0.12 3.89 31.58
C8A NAD L . 0.51 3.71 30.29
N7A NAD L . 1.55 2.83 30.21
C5A NAD L . 1.81 2.51 31.50
C6A NAD L . 2.73 1.68 32.06
N6A NAD L . 3.75 0.99 31.38
N1A NAD L . 2.78 1.53 33.41
C2A NAD L . 1.87 2.17 34.20
N3A NAD L . 0.94 2.99 33.68
C4A NAD L . 0.93 3.15 32.34
O3 NAD L . -6.63 5.69 28.80
PN NAD L . -7.91 4.87 29.32
O1N NAD L . -8.97 5.16 28.30
O2N NAD L . -8.21 5.25 30.72
O5D NAD L . -7.33 3.35 29.30
C5D NAD L . -7.66 2.42 30.33
C4D NAD L . -7.64 1.05 29.77
O4D NAD L . -8.78 0.92 29.02
C3D NAD L . -6.45 0.74 28.84
O3D NAD L . -5.98 -0.54 29.01
C2D NAD L . -7.14 0.96 27.48
O2D NAD L . -6.36 0.19 26.49
C1D NAD L . -8.35 0.40 27.65
N1N NAD L . -9.44 0.75 26.76
C2N NAD L . -9.82 2.08 26.59
C3N NAD L . -10.85 2.44 25.72
C7N NAD L . -11.29 3.87 25.45
O7N NAD L . -12.05 4.14 24.52
N7N NAD L . -10.87 4.89 26.33
C4N NAD L . -11.62 1.41 25.10
C5N NAD L . -11.27 0.11 25.29
C6N NAD L . -10.22 -0.24 26.14
C1 EDO M . -8.91 2.23 21.97
O1 EDO M . -9.45 1.18 22.78
C2 EDO M . -9.55 3.58 22.26
O2 EDO M . -10.97 3.56 22.07
C1 EDO N . -19.11 1.23 13.94
O1 EDO N . -19.57 1.99 12.81
C2 EDO N . -17.73 1.75 14.30
O2 EDO N . -16.73 1.12 13.49
PA NAD O . -37.35 -22.92 37.66
O1A NAD O . -37.91 -24.18 37.04
O2A NAD O . -37.24 -22.75 39.12
O5B NAD O . -38.21 -21.66 37.15
C5B NAD O . -38.67 -21.67 35.78
C4B NAD O . -40.08 -21.03 35.75
O4B NAD O . -40.45 -20.92 34.47
C3B NAD O . -41.14 -21.88 36.50
O3B NAD O . -41.83 -21.16 37.49
C2B NAD O . -42.00 -22.31 35.30
O2B NAD O . -43.39 -22.54 35.75
C1B NAD O . -41.91 -21.31 34.40
N9A NAD O . -42.22 -21.67 33.06
C8A NAD O . -41.85 -22.80 32.36
N7A NAD O . -42.40 -22.78 31.13
C5A NAD O . -43.15 -21.64 31.08
C6A NAD O . -43.90 -21.08 30.07
N6A NAD O . -44.23 -21.61 28.79
N1A NAD O . -44.53 -19.90 30.30
C2A NAD O . -44.35 -19.24 31.46
N3A NAD O . -43.61 -19.77 32.49
C4A NAD O . -43.01 -20.96 32.25
O3 NAD O . -35.93 -22.77 36.94
PN NAD O . -34.85 -21.59 36.99
O1N NAD O . -33.57 -22.20 37.45
O2N NAD O . -35.31 -20.39 37.83
O5D NAD O . -34.71 -21.15 35.46
C5D NAD O . -34.83 -19.79 35.05
C4D NAD O . -34.09 -19.58 33.77
O4D NAD O . -32.73 -19.79 34.00
C3D NAD O . -34.51 -20.57 32.67
O3D NAD O . -34.56 -20.00 31.40
C2D NAD O . -33.34 -21.60 32.80
O2D NAD O . -33.29 -22.35 31.55
C1D NAD O . -32.27 -20.83 32.98
N1N NAD O . -31.06 -21.41 33.57
C2N NAD O . -31.09 -22.08 34.80
C3N NAD O . -29.91 -22.61 35.35
C7N NAD O . -29.89 -23.38 36.65
O7N NAD O . -28.90 -24.04 36.97
N7N NAD O . -30.98 -23.32 37.52
C4N NAD O . -28.70 -22.46 34.67
C5N NAD O . -28.67 -21.78 33.48
C6N NAD O . -29.84 -21.25 32.92
C1 EDO P . -29.85 -26.21 33.14
O1 EDO P . -29.30 -24.91 32.80
C2 EDO P . -29.75 -26.47 34.65
O2 EDO P . -28.44 -26.22 35.21
C1 GOL Q . -18.50 -14.85 26.22
C1 GOL Q . -18.22 -13.99 26.19
O1 GOL Q . -17.31 -14.85 27.00
O1 GOL Q . -19.21 -14.83 26.82
C2 GOL Q . -19.24 -13.52 26.20
C2 GOL Q . -19.09 -12.82 25.79
O2 GOL Q . -19.18 -12.79 27.42
O2 GOL Q . -19.19 -12.04 26.98
C3 GOL Q . -18.72 -12.63 25.09
C3 GOL Q . -18.57 -12.01 24.63
O3 GOL Q . -19.81 -12.20 24.26
O3 GOL Q . -17.43 -11.34 25.08
C1 GOL R . -15.47 -18.24 15.19
C1 GOL R . -15.37 -18.86 15.45
O1 GOL R . -16.57 -18.65 14.40
O1 GOL R . -14.64 -17.69 15.01
C2 GOL R . -14.67 -19.50 15.35
C2 GOL R . -14.42 -20.04 15.66
O2 GOL R . -14.73 -20.27 14.14
O2 GOL R . -14.57 -20.98 14.59
C3 GOL R . -15.20 -20.37 16.46
C3 GOL R . -14.64 -20.68 17.02
O3 GOL R . -14.03 -21.11 16.86
O3 GOL R . -15.69 -21.64 17.13
PA NAD S . 7.22 -28.96 17.58
O1A NAD S . 8.00 -28.73 18.84
O2A NAD S . 7.30 -30.31 16.97
O5B NAD S . 7.67 -27.92 16.41
C5B NAD S . 7.84 -26.55 16.66
C4B NAD S . 9.01 -25.98 15.85
O4B NAD S . 9.10 -24.72 16.22
C3B NAD S . 10.36 -26.71 16.22
O3B NAD S . 10.99 -27.30 15.11
C2B NAD S . 11.11 -25.54 16.89
O2B NAD S . 12.56 -25.71 16.82
C1B NAD S . 10.60 -24.43 16.31
N9A NAD S . 10.78 -23.19 17.07
C8A NAD S . 10.67 -22.93 18.43
N7A NAD S . 10.96 -21.66 18.69
C5A NAD S . 11.32 -21.11 17.52
C6A NAD S . 11.75 -19.85 17.17
N6A NAD S . 11.96 -18.76 18.03
N1A NAD S . 12.03 -19.54 15.88
C2A NAD S . 11.89 -20.50 14.89
N3A NAD S . 11.48 -21.78 15.22
C4A NAD S . 11.21 -22.06 16.51
O3 NAD S . 5.73 -28.56 17.96
PN NAD S . 4.45 -28.57 17.00
O1N NAD S . 3.45 -29.45 17.74
O2N NAD S . 4.78 -28.93 15.60
O5D NAD S . 3.91 -27.08 17.13
C5D NAD S . 3.68 -26.31 15.96
C4D NAD S . 2.69 -25.22 16.37
O4D NAD S . 1.53 -25.82 16.70
C3D NAD S . 3.12 -24.38 17.59
O3D NAD S . 2.81 -23.04 17.46
C2D NAD S . 2.27 -25.06 18.72
O2D NAD S . 2.16 -24.12 19.83
C1D NAD S . 1.10 -25.28 18.11
N1N NAD S . 0.22 -26.28 18.68
C2N NAD S . 0.58 -27.58 18.86
C3N NAD S . -0.30 -28.51 19.45
C7N NAD S . 0.09 -29.96 19.74
O7N NAD S . -0.61 -30.63 20.49
N7N NAD S . 1.25 -30.52 19.15
C4N NAD S . -1.61 -28.11 19.76
C5N NAD S . -1.98 -26.82 19.53
C6N NAD S . -1.07 -25.90 18.95
C1 EDO T . 0.02 -27.51 23.61
O1 EDO T . -0.73 -26.83 22.62
C2 EDO T . 0.41 -28.90 23.10
O2 EDO T . -0.73 -29.79 23.03
C1 EDO U . -10.37 -33.52 28.20
O1 EDO U . -11.49 -32.64 28.32
C2 EDO U . -9.06 -32.73 28.18
O2 EDO U . -8.97 -31.83 29.27
PA NAD V . -8.14 20.14 -10.39
O1A NAD V . -8.99 19.04 -10.99
O2A NAD V . -8.30 20.54 -8.94
O5B NAD V . -8.28 21.57 -11.22
C5B NAD V . -8.32 21.63 -12.63
C4B NAD V . -9.39 22.61 -13.14
O4B NAD V . -9.34 22.52 -14.44
C3B NAD V . -10.81 22.27 -12.63
O3B NAD V . -11.42 23.26 -11.85
C2B NAD V . -11.48 22.00 -14.00
O2B NAD V . -12.92 22.27 -13.92
C1B NAD V . -10.79 22.74 -14.90
N9A NAD V . -10.87 22.32 -16.28
C8A NAD V . -10.83 21.04 -16.80
N7A NAD V . -11.02 21.07 -18.14
C5A NAD V . -11.16 22.36 -18.43
C6A NAD V . -11.38 23.00 -19.63
N6A NAD V . -11.59 22.39 -20.88
N1A NAD V . -11.54 24.33 -19.63
C2A NAD V . -11.43 25.08 -18.49
N3A NAD V . -11.24 24.46 -17.32
C4A NAD V . -11.07 23.13 -17.29
O3 NAD V . -6.64 19.71 -10.73
PN NAD V . -5.24 20.43 -10.38
O1N NAD V . -4.44 19.49 -9.54
O2N NAD V . -5.42 21.79 -9.76
O5D NAD V . -4.56 20.54 -11.80
C5D NAD V . -4.13 21.80 -12.31
C4D NAD V . -3.06 21.51 -13.36
O4D NAD V . -1.99 20.96 -12.75
C3D NAD V . -3.52 20.52 -14.48
O3D NAD V . -3.01 20.91 -15.71
C2D NAD V . -2.88 19.22 -13.98
O2D NAD V . -2.73 18.30 -15.11
C1D NAD V . -1.68 19.62 -13.48
N1N NAD V . -1.00 18.75 -12.57
C2N NAD V . -1.51 18.30 -11.38
C3N NAD V . -0.80 17.47 -10.51
C7N NAD V . -1.43 16.94 -9.21
O7N NAD V . -0.89 16.05 -8.61
N7N NAD V . -2.60 17.55 -8.68
C4N NAD V . 0.50 17.09 -10.83
C5N NAD V . 1.05 17.56 -12.00
C6N NAD V . 0.32 18.41 -12.87
C1 EDO W . -1.52 13.74 -12.44
O1 EDO W . -0.44 14.63 -12.72
C2 EDO W . -1.98 13.83 -10.98
O2 EDO W . -0.88 13.72 -10.07
C1 EDO X . 7.44 6.66 -6.77
O1 EDO X . 8.70 6.81 -7.44
C2 EDO X . 6.29 6.96 -7.72
O2 EDO X . 6.28 6.00 -8.75
PA NAD Y . 34.63 -3.64 -16.22
O1A NAD Y . 35.05 -3.42 -14.77
O2A NAD Y . 34.39 -5.02 -16.70
O5B NAD Y . 35.69 -3.00 -17.24
C5B NAD Y . 36.23 -1.70 -16.96
C4B NAD Y . 37.73 -1.72 -17.39
O4B NAD Y . 38.26 -0.52 -17.13
C3B NAD Y . 38.57 -2.73 -16.57
O3B NAD Y . 39.26 -3.70 -17.37
C2B NAD Y . 39.49 -1.80 -15.79
O2B NAD Y . 40.79 -2.48 -15.47
C1B NAD Y . 39.63 -0.72 -16.57
N9A NAD Y . 40.05 0.47 -15.90
C8A NAD Y . 39.60 0.98 -14.70
N7A NAD Y . 40.31 2.09 -14.41
C5A NAD Y . 41.16 2.29 -15.43
C6A NAD Y . 42.12 3.27 -15.66
N6A NAD Y . 42.48 4.38 -14.88
N1A NAD Y . 42.83 3.25 -16.81
C2A NAD Y . 42.62 2.25 -17.70
N3A NAD Y . 41.71 1.25 -17.50
C4A NAD Y . 40.98 1.31 -16.36
O3 NAD Y . 33.32 -2.75 -16.33
PN NAD Y . 32.43 -2.47 -17.59
O1N NAD Y . 31.06 -2.86 -17.20
O2N NAD Y . 32.92 -3.11 -18.83
O5D NAD Y . 32.47 -0.88 -17.71
C5D NAD Y . 32.84 -0.16 -18.89
C4D NAD Y . 32.19 1.19 -18.88
O4D NAD Y . 30.83 1.07 -18.87
C3D NAD Y . 32.61 2.00 -17.64
O3D NAD Y . 32.85 3.32 -17.93
C2D NAD Y . 31.33 1.83 -16.79
O2D NAD Y . 31.26 2.95 -15.83
C1D NAD Y . 30.34 1.94 -17.70
N1N NAD Y . 29.02 1.40 -17.42
C2N NAD Y . 28.83 0.09 -17.02
C3N NAD Y . 27.55 -0.42 -16.74
C7N NAD Y . 27.30 -1.84 -16.28
O7N NAD Y . 26.23 -2.18 -15.83
N7N NAD Y . 28.31 -2.81 -16.41
C4N NAD Y . 26.45 0.44 -16.84
C5N NAD Y . 26.64 1.75 -17.23
C6N NAD Y . 27.91 2.22 -17.54
C1 EDO Z . 27.27 1.01 -12.84
O1 EDO Z . 26.87 1.66 -14.05
C2 EDO Z . 26.98 -0.51 -12.83
O2 EDO Z . 25.71 -0.90 -13.40
C1 EDO AA . 14.34 -0.25 -11.12
C1 EDO AA . 14.34 0.12 -11.34
O1 EDO AA . 13.83 0.98 -11.62
O1 EDO AA . 13.59 -0.92 -10.71
C2 EDO AA . 15.82 -0.10 -10.78
C2 EDO AA . 15.79 0.01 -10.87
O2 EDO AA . 16.02 0.92 -9.82
O2 EDO AA . 16.06 0.96 -9.84
C1 GOL BA . 18.32 11.38 -23.50
C1 GOL BA . 17.92 11.62 -24.25
O1 GOL BA . 16.97 10.93 -23.68
O1 GOL BA . 18.62 10.64 -23.49
C2 GOL BA . 19.09 11.69 -24.78
C2 GOL BA . 19.06 12.02 -25.13
O2 GOL BA . 18.99 10.65 -25.76
O2 GOL BA . 19.02 11.19 -26.29
C3 GOL BA . 18.68 12.99 -25.42
C3 GOL BA . 19.03 13.49 -25.45
O3 GOL BA . 19.87 13.78 -25.66
O3 GOL BA . 18.24 13.59 -26.61
PA NAD CA . 7.88 14.22 -46.47
O1A NAD CA . 6.86 15.40 -46.63
O2A NAD CA . 8.82 13.86 -47.57
O5B NAD CA . 7.17 12.85 -46.06
C5B NAD CA . 6.02 12.90 -45.18
C4B NAD CA . 4.93 11.91 -45.65
O4B NAD CA . 3.95 12.03 -44.74
C3B NAD CA . 4.34 12.35 -47.03
O3B NAD CA . 4.42 11.38 -48.06
C2B NAD CA . 2.92 12.74 -46.61
O2B NAD CA . 1.98 12.58 -47.68
C1B NAD CA . 2.65 11.94 -45.54
N9A NAD CA . 1.58 12.39 -44.67
C8A NAD CA . 1.31 13.65 -44.25
N7A NAD CA . 0.17 13.67 -43.49
C5A NAD CA . -0.25 12.38 -43.47
C6A NAD CA . -1.34 11.78 -42.86
N6A NAD CA . -2.37 12.42 -42.15
N1A NAD CA . -1.52 10.44 -43.01
C2A NAD CA . -0.64 9.69 -43.73
N3A NAD CA . 0.45 10.26 -44.32
C4A NAD CA . 0.61 11.60 -44.18
O3 NAD CA . 8.67 14.60 -45.12
PN NAD CA . 9.81 13.82 -44.35
O1N NAD CA . 11.00 14.73 -44.29
O2N NAD CA . 10.01 12.50 -44.96
O5D NAD CA . 9.14 13.69 -42.89
C5D NAD CA . 9.14 12.42 -42.21
C4D NAD CA . 9.03 12.60 -40.74
O4D NAD CA . 10.21 13.15 -40.36
C3D NAD CA . 7.91 13.59 -40.31
O3D NAD CA . 7.26 13.24 -39.16
C2D NAD CA . 8.75 14.88 -40.17
O2D NAD CA . 8.04 15.82 -39.25
C1D NAD CA . 9.88 14.45 -39.60
N1N NAD CA . 11.08 15.26 -39.63
C2N NAD CA . 11.63 15.67 -40.82
C3N NAD CA . 12.80 16.45 -40.87
C7N NAD CA . 13.41 16.96 -42.17
O7N NAD CA . 14.30 17.83 -42.17
N7N NAD CA . 13.00 16.32 -43.36
C4N NAD CA . 13.46 16.75 -39.66
C5N NAD CA . 12.94 16.31 -38.48
C6N NAD CA . 11.78 15.53 -38.46
C1 EDO DA . 11.20 20.21 -40.00
O1 EDO DA . 11.58 19.19 -39.07
C2 EDO DA . 12.00 20.16 -41.31
O2 EDO DA . 13.43 20.20 -41.13
C1 EDO EA . 21.84 26.67 -36.88
C1 EDO EA . 22.04 26.56 -36.29
O1 EDO EA . 22.14 26.19 -35.57
O1 EDO EA . 22.68 27.66 -36.94
C2 EDO EA . 20.36 26.45 -37.19
C2 EDO EA . 20.66 26.33 -36.91
O2 EDO EA . 19.57 27.33 -36.39
O2 EDO EA . 19.71 27.27 -36.37
C1 GOL FA . 14.22 19.86 -16.01
C1 GOL FA . 15.74 19.95 -16.42
O1 GOL FA . 14.89 18.88 -15.18
O1 GOL FA . 15.29 19.40 -15.20
C2 GOL FA . 15.19 21.01 -16.16
C2 GOL FA . 15.09 21.27 -16.80
O2 GOL FA . 14.72 22.18 -15.46
O2 GOL FA . 14.87 22.17 -15.69
C3 GOL FA . 15.38 21.46 -17.59
C3 GOL FA . 16.04 21.97 -17.75
O3 GOL FA . 16.60 22.24 -17.43
O3 GOL FA . 15.31 22.51 -18.86
PA NAD GA . 33.22 35.61 -9.97
O1A NAD GA . 34.54 35.28 -10.60
O2A NAD GA . 32.79 37.03 -9.85
O5B NAD GA . 33.05 34.94 -8.54
C5B NAD GA . 33.56 33.62 -8.33
C4B NAD GA . 34.27 33.62 -6.94
O4B NAD GA . 34.71 32.38 -6.80
C3B NAD GA . 35.50 34.56 -6.82
O3B NAD GA . 35.37 35.49 -5.80
C2B NAD GA . 36.61 33.52 -6.60
O2B NAD GA . 37.73 34.09 -5.85
C1B NAD GA . 36.02 32.47 -6.02
N9A NAD GA . 36.72 31.24 -6.20
C8A NAD GA . 37.34 30.80 -7.34
N7A NAD GA . 37.98 29.62 -7.10
C5A NAD GA . 37.74 29.34 -5.82
C6A NAD GA . 38.10 28.28 -5.03
N6A NAD GA . 38.96 27.15 -5.38
N1A NAD GA . 37.70 28.27 -3.73
C2A NAD GA . 36.94 29.26 -3.19
N3A NAD GA . 36.56 30.30 -3.98
C4A NAD GA . 36.96 30.34 -5.26
O3 NAD GA . 32.22 34.83 -10.99
PN NAD GA . 30.64 34.58 -10.78
O1N NAD GA . 30.02 35.01 -12.07
O2N NAD GA . 30.04 35.26 -9.60
O5D NAD GA . 30.54 32.97 -10.69
C5D NAD GA . 29.74 32.37 -9.69
C4D NAD GA . 29.32 31.01 -10.12
O4D NAD GA . 28.42 31.17 -11.14
C3D NAD GA . 30.49 30.15 -10.70
O3D NAD GA . 30.32 28.84 -10.37
C2D NAD GA . 30.30 30.35 -12.23
O2D NAD GA . 30.93 29.25 -13.02
C1D NAD GA . 28.96 30.33 -12.35
N1N NAD GA . 28.37 30.94 -13.53
C2N NAD GA . 28.57 32.25 -13.92
C3N NAD GA . 27.98 32.81 -15.06
C7N NAD GA . 28.22 34.23 -15.51
O7N NAD GA . 27.84 34.59 -16.61
N7N NAD GA . 28.81 35.14 -14.60
C4N NAD GA . 27.09 32.02 -15.82
C5N NAD GA . 26.88 30.74 -15.43
C6N NAD GA . 27.47 30.20 -14.28
C1 EDO HA . 30.63 31.41 -17.99
O1 EDO HA . 29.46 30.74 -17.45
C2 EDO HA . 30.47 32.94 -18.06
O2 EDO HA . 29.22 33.36 -18.70
C1 EDO IA . 23.35 33.15 -28.78
O1 EDO IA . 22.49 32.01 -28.88
C2 EDO IA . 24.49 32.82 -27.82
O2 EDO IA . 25.43 31.94 -28.41
#